data_4M3C
#
_entry.id   4M3C
#
_cell.length_a   77.110
_cell.length_b   78.630
_cell.length_c   96.190
_cell.angle_alpha   96.00
_cell.angle_beta   89.99
_cell.angle_gamma   100.37
#
_symmetry.space_group_name_H-M   'P 1'
#
loop_
_entity.id
_entity.type
_entity.pdbx_description
1 polymer 'Lectin Alpha chain'
2 polymer 'Lectin Beta Chain'
3 polymer 'Seed lectin alpha chain'
4 polymer 'Seed lectin beta chain'
5 non-polymer 'CALCIUM ION'
6 non-polymer 'MANGANESE (II) ION'
7 non-polymer 'GAMMA-AMINO-BUTANOIC ACID'
8 non-polymer GLYCEROL
9 water water
#
loop_
_entity_poly.entity_id
_entity_poly.type
_entity_poly.pdbx_seq_one_letter_code
_entity_poly.pdbx_strand_id
1 'polypeptide(L)'
;TNTDSFTFSKFKPNQPNLKKQGDATVTSSGTLQLTKVDKNGVPDPKSLGRALYASPINIWDSKTGVVASFATSFRFTIYA
PNIATIADGLAFFLAPVSSPPKAGAGFLGLFDSAVFNSSYQTVAVEFDTYENTVFLDPPDTHIGIDVNSIKSIKTVKWDL
ANGEAAKVLITYDSSAKLLVAALVYPSSKTSFILSDVVDLKSVLPEWVSIGFSAATGASSGYIETHDVFSWSFASKLSF
(UNK)(UNK)(UNK)(UNK)(UNK)(UNK)LDLASFLVAN
;
A,C
2 'polypeptide(L)'
;TNTDSFTFSKFKPNQPNLKKQGDATVTSSGTLQLTKVDKNGVPDPKSLGRALYASPINIWDSKTGVVASFATSFRFTIYA
PNIATIADGLAFFLAPVSSPPKAGAGFLGLFDSAVFNSSYQTVAVEFDTYENTVFLDPPDTHIGIDVNSIKSIKTVKWDL
ANGEAAKVLITYDSSAKLLVAALVYPSSKTSFILSDVVDLKSVLPEWVSIGFSAATGASSGYIETHDVFSWSFASKLSF
;
B,D
3 'polypeptide(L)'
;AEETSFVFSKFKPLEPNLILQGDALVTVAGVLQLTNVDKNGVPEPSSLGRATYSAPINIWDSATGLVASFATSFRFTIYA
PNIATIADGLAFFLAPVASAPDSGGGFLGLFDSAVSGSTYQTVAVEFDTYENTVFTDPPYTHIGFDVNSISSIKTVKWSL
ANGEAAKVLITYNSAVKLLVASLVYPSSKTSFILADIVDLSSVLPEWVRVGFSAATGASGGKIETHDVFSWSFASKLAG
(UNK)(UNK)TKDSSFLDGG
;
E,G
4 'polypeptide(L)'
;AEETSFVFSKFKPLEPNLILQGDALVTVAGVLQLTNVDSNGVPEPSSLGRATYSAPINIWDSATGLVASFATSFRFTIYA
PNIATIADGLAFFLAPVASAPDSGGGFLGLFDSAVGDTTYQTVAVEFDTYENTVFTDPPYTHIGFDVNSISSIKTVKWSL
ANGEAAKVLITYNSAVKLLVASLVYPSSKTSFILADIVDLSSVLPEWVRVGFSAATGASKGYIETHDVFSWSFASKLAG
;
F,H
#
loop_
_chem_comp.id
_chem_comp.type
_chem_comp.name
_chem_comp.formula
ABU non-polymer 'GAMMA-AMINO-BUTANOIC ACID' 'C4 H9 N O2'
CA non-polymer 'CALCIUM ION' 'Ca 2'
GOL non-polymer GLYCEROL 'C3 H8 O3'
MN non-polymer 'MANGANESE (II) ION' 'Mn 2'
#
# COMPACT_ATOMS: atom_id res chain seq x y z
N THR A 1 0.17 26.85 -37.48
CA THR A 1 1.14 25.70 -37.38
C THR A 1 0.60 24.36 -37.93
N ASN A 2 1.32 23.80 -38.89
CA ASN A 2 0.82 22.68 -39.63
C ASN A 2 1.47 21.38 -39.13
N THR A 3 0.64 20.54 -38.53
CA THR A 3 1.12 19.39 -37.74
C THR A 3 0.63 18.03 -38.15
N ASP A 4 1.56 17.10 -38.05
CA ASP A 4 1.32 15.80 -38.45
C ASP A 4 1.86 14.71 -37.59
N SER A 5 1.03 13.72 -37.31
CA SER A 5 1.37 12.74 -36.28
C SER A 5 0.65 11.39 -36.30
N PHE A 6 1.41 10.35 -35.95
CA PHE A 6 0.83 9.03 -35.74
C PHE A 6 1.73 8.17 -34.90
N THR A 7 1.12 7.20 -34.24
CA THR A 7 1.84 6.17 -33.50
C THR A 7 1.29 4.83 -33.91
N PHE A 8 2.17 3.91 -34.31
CA PHE A 8 1.79 2.51 -34.46
C PHE A 8 2.51 1.72 -33.37
N SER A 9 1.82 1.25 -32.34
CA SER A 9 2.49 0.45 -31.31
C SER A 9 2.61 -1.01 -31.69
N LYS A 10 1.89 -1.37 -32.74
CA LYS A 10 1.90 -2.70 -33.35
C LYS A 10 1.38 -2.39 -34.71
N PHE A 11 1.54 -3.31 -35.65
CA PHE A 11 1.01 -3.12 -37.00
C PHE A 11 0.00 -4.21 -37.20
N LYS A 12 -0.82 -4.11 -38.23
CA LYS A 12 -2.00 -4.99 -38.41
C LYS A 12 -2.12 -5.47 -39.86
N PRO A 13 -2.65 -6.71 -40.06
CA PRO A 13 -2.82 -7.32 -41.41
C PRO A 13 -3.69 -6.41 -42.25
N ASN A 14 -4.67 -5.77 -41.62
CA ASN A 14 -5.41 -4.70 -42.27
C ASN A 14 -4.97 -3.30 -41.77
N GLN A 15 -4.02 -2.69 -42.47
CA GLN A 15 -3.44 -1.38 -42.14
C GLN A 15 -3.57 -0.32 -43.27
N PRO A 16 -4.79 0.21 -43.51
CA PRO A 16 -4.91 1.13 -44.68
C PRO A 16 -4.23 2.51 -44.58
N ASN A 17 -3.72 2.89 -43.39
CA ASN A 17 -2.89 4.10 -43.22
C ASN A 17 -1.41 3.84 -43.48
N LEU A 18 -1.14 2.65 -43.99
CA LEU A 18 0.17 2.29 -44.43
C LEU A 18 0.05 1.76 -45.87
N LYS A 19 0.86 2.31 -46.77
CA LYS A 19 1.04 1.76 -48.10
C LYS A 19 2.22 0.77 -48.19
N LYS A 20 1.93 -0.51 -48.40
CA LYS A 20 2.95 -1.55 -48.60
C LYS A 20 3.44 -1.54 -50.04
N GLN A 21 4.74 -1.49 -50.25
CA GLN A 21 5.32 -1.52 -51.59
C GLN A 21 6.31 -2.63 -51.56
N GLY A 22 6.42 -3.38 -52.66
CA GLY A 22 7.51 -4.34 -52.87
C GLY A 22 7.06 -5.60 -52.20
N ASP A 23 7.91 -6.24 -51.41
CA ASP A 23 7.52 -7.40 -50.66
C ASP A 23 7.02 -7.11 -49.23
N ALA A 24 6.90 -5.84 -48.81
CA ALA A 24 6.58 -5.60 -47.38
C ALA A 24 5.25 -6.27 -47.00
N THR A 25 5.23 -6.96 -45.86
CA THR A 25 3.98 -7.54 -45.33
C THR A 25 3.84 -7.20 -43.81
N VAL A 26 2.64 -7.24 -43.30
CA VAL A 26 2.44 -7.24 -41.87
C VAL A 26 1.99 -8.64 -41.40
N THR A 27 2.71 -9.32 -40.52
CA THR A 27 2.30 -10.69 -40.16
C THR A 27 1.07 -10.69 -39.27
N SER A 28 0.49 -11.87 -39.06
CA SER A 28 -0.61 -11.96 -38.12
C SER A 28 -0.20 -11.41 -36.75
N SER A 29 1.07 -11.61 -36.39
CA SER A 29 1.55 -11.23 -35.06
C SER A 29 1.80 -9.74 -34.94
N GLY A 30 1.74 -9.00 -36.07
CA GLY A 30 1.81 -7.53 -36.10
C GLY A 30 3.21 -6.96 -36.27
N THR A 31 4.12 -7.80 -36.74
CA THR A 31 5.41 -7.36 -37.22
C THR A 31 5.26 -6.93 -38.68
N LEU A 32 5.66 -5.69 -38.99
CA LEU A 32 5.94 -5.23 -40.35
C LEU A 32 7.22 -5.88 -40.73
N GLN A 33 7.16 -6.83 -41.67
CA GLN A 33 8.36 -7.42 -42.24
C GLN A 33 8.61 -6.70 -43.52
N LEU A 34 9.66 -5.92 -43.57
CA LEU A 34 9.90 -5.12 -44.76
C LEU A 34 10.30 -5.99 -45.95
N THR A 35 10.95 -7.10 -45.65
CA THR A 35 11.57 -7.91 -46.66
C THR A 35 11.16 -9.38 -46.47
N LYS A 36 11.24 -10.18 -47.54
CA LYS A 36 10.76 -11.58 -47.52
C LYS A 36 11.36 -12.52 -46.46
N VAL A 37 10.50 -13.10 -45.62
CA VAL A 37 10.90 -14.07 -44.56
C VAL A 37 10.03 -15.32 -44.69
N ASP A 38 10.63 -16.47 -45.03
CA ASP A 38 9.90 -17.74 -45.21
C ASP A 38 9.20 -18.24 -43.93
N LYS A 39 8.52 -19.37 -44.03
CA LYS A 39 7.69 -19.86 -42.91
C LYS A 39 8.43 -20.27 -41.62
N ASN A 40 9.72 -20.59 -41.68
CA ASN A 40 10.45 -20.97 -40.46
C ASN A 40 11.27 -19.78 -39.92
N GLY A 41 10.95 -18.59 -40.41
CA GLY A 41 11.57 -17.35 -40.02
C GLY A 41 12.90 -17.05 -40.72
N VAL A 42 13.16 -17.74 -41.82
CA VAL A 42 14.44 -17.60 -42.46
C VAL A 42 14.22 -16.50 -43.45
N PRO A 43 15.09 -15.44 -43.41
CA PRO A 43 15.06 -14.39 -44.42
C PRO A 43 15.38 -14.98 -45.77
N ASP A 44 15.07 -14.25 -46.85
CA ASP A 44 15.18 -14.75 -48.24
C ASP A 44 15.93 -13.72 -49.13
N PRO A 45 16.68 -14.21 -50.15
CA PRO A 45 17.54 -13.31 -50.99
C PRO A 45 16.75 -12.48 -51.98
N LYS A 46 17.43 -11.63 -52.75
CA LYS A 46 16.79 -10.67 -53.69
C LYS A 46 15.42 -10.04 -53.26
N SER A 47 15.33 -9.53 -52.03
CA SER A 47 14.08 -8.94 -51.53
C SER A 47 14.19 -7.40 -51.47
N LEU A 48 13.05 -6.73 -51.57
CA LEU A 48 12.94 -5.29 -51.48
C LEU A 48 11.57 -4.95 -50.91
N GLY A 49 11.52 -3.99 -49.99
CA GLY A 49 10.28 -3.62 -49.30
C GLY A 49 10.32 -2.17 -48.84
N ARG A 50 9.18 -1.50 -48.92
CA ARG A 50 9.04 -0.15 -48.38
C ARG A 50 7.66 -0.07 -47.70
N ALA A 51 7.53 0.78 -46.69
CA ALA A 51 6.25 1.00 -46.06
C ALA A 51 6.24 2.48 -45.75
N LEU A 52 5.24 3.20 -46.26
CA LEU A 52 5.15 4.62 -46.00
C LEU A 52 3.76 4.94 -45.47
N TYR A 53 3.66 5.99 -44.64
CA TYR A 53 2.38 6.42 -44.03
C TYR A 53 1.38 6.84 -45.13
N ALA A 54 0.10 6.44 -45.05
CA ALA A 54 -0.87 6.84 -46.12
C ALA A 54 -0.73 8.34 -46.50
N SER A 55 -0.59 9.21 -45.51
CA SER A 55 -0.71 10.64 -45.79
C SER A 55 0.55 11.45 -46.01
N PRO A 56 0.47 12.40 -46.95
CA PRO A 56 1.62 13.30 -47.11
C PRO A 56 1.83 14.18 -45.88
N ILE A 57 3.11 14.49 -45.62
CA ILE A 57 3.60 15.50 -44.70
C ILE A 57 4.16 16.77 -45.41
N ASN A 58 3.72 17.92 -44.92
CA ASN A 58 4.18 19.20 -45.39
C ASN A 58 5.44 19.49 -44.65
N ILE A 59 6.59 19.24 -45.28
CA ILE A 59 7.87 19.39 -44.59
C ILE A 59 8.56 20.80 -44.66
N TRP A 60 8.20 21.59 -45.67
CA TRP A 60 8.62 22.97 -45.74
C TRP A 60 7.63 23.71 -46.63
N ASP A 61 7.62 25.03 -46.54
CA ASP A 61 6.62 25.86 -47.22
C ASP A 61 7.33 27.00 -47.93
N SER A 62 7.00 27.30 -49.18
CA SER A 62 7.86 28.19 -49.96
C SER A 62 7.42 29.65 -49.92
N LYS A 63 6.16 29.85 -49.56
CA LYS A 63 5.57 31.17 -49.20
C LYS A 63 6.27 31.85 -47.98
N THR A 64 6.54 31.08 -46.93
CA THR A 64 7.19 31.56 -45.71
C THR A 64 8.66 31.19 -45.68
N GLY A 65 8.99 30.20 -46.52
CA GLY A 65 10.34 29.64 -46.58
C GLY A 65 10.68 28.85 -45.33
N VAL A 66 9.68 28.56 -44.51
CA VAL A 66 9.90 27.86 -43.25
C VAL A 66 9.98 26.34 -43.48
N VAL A 67 10.83 25.70 -42.67
CA VAL A 67 11.11 24.27 -42.75
C VAL A 67 10.61 23.61 -41.49
N ALA A 68 9.97 22.45 -41.65
CA ALA A 68 9.43 21.71 -40.52
C ALA A 68 10.50 21.11 -39.58
N SER A 69 10.12 20.89 -38.34
CA SER A 69 10.89 20.04 -37.45
C SER A 69 10.15 18.72 -37.32
N PHE A 70 10.91 17.62 -37.13
CA PHE A 70 10.29 16.31 -36.90
C PHE A 70 11.05 15.40 -35.97
N ALA A 71 10.34 14.38 -35.52
CA ALA A 71 10.86 13.36 -34.64
C ALA A 71 10.19 12.05 -35.02
N THR A 72 11.01 11.03 -35.13
CA THR A 72 10.48 9.70 -35.35
C THR A 72 11.26 8.74 -34.41
N SER A 73 10.56 7.86 -33.72
CA SER A 73 11.26 6.71 -33.14
C SER A 73 10.54 5.46 -33.61
N PHE A 74 11.27 4.34 -33.58
CA PHE A 74 10.79 3.04 -34.00
C PHE A 74 11.75 2.02 -33.43
N ARG A 75 11.25 0.79 -33.38
CA ARG A 75 11.90 -0.33 -32.75
C ARG A 75 11.95 -1.46 -33.82
N PHE A 76 13.14 -1.94 -34.20
CA PHE A 76 13.24 -2.99 -35.23
C PHE A 76 14.25 -4.10 -34.91
N THR A 77 14.12 -5.24 -35.62
CA THR A 77 14.99 -6.38 -35.44
C THR A 77 15.55 -6.82 -36.78
N ILE A 78 16.87 -6.99 -36.83
CA ILE A 78 17.57 -7.67 -37.92
C ILE A 78 18.09 -9.04 -37.46
N TYR A 79 17.61 -10.11 -38.07
CA TYR A 79 18.10 -11.45 -37.77
C TYR A 79 18.87 -12.02 -38.95
N ALA A 80 20.08 -12.50 -38.67
CA ALA A 80 20.89 -13.18 -39.66
C ALA A 80 21.04 -14.59 -39.15
N PRO A 81 20.71 -15.59 -40.01
CA PRO A 81 20.98 -16.98 -39.61
C PRO A 81 22.49 -17.26 -39.66
N ASN A 82 23.21 -16.44 -40.44
CA ASN A 82 24.67 -16.54 -40.58
C ASN A 82 25.31 -15.16 -40.63
N ILE A 83 25.83 -14.74 -39.48
CA ILE A 83 26.25 -13.37 -39.26
C ILE A 83 27.54 -12.99 -40.01
N ALA A 84 28.31 -13.98 -40.42
CA ALA A 84 29.45 -13.75 -41.30
C ALA A 84 29.02 -13.16 -42.64
N THR A 85 27.83 -13.53 -43.13
CA THR A 85 27.32 -13.08 -44.45
C THR A 85 25.95 -12.35 -44.35
N ILE A 86 25.97 -11.02 -44.44
CA ILE A 86 24.75 -10.23 -44.31
C ILE A 86 24.62 -9.05 -45.29
N ALA A 87 23.38 -8.79 -45.71
CA ALA A 87 23.04 -7.73 -46.65
C ALA A 87 21.51 -7.50 -46.66
N ASP A 88 21.03 -6.31 -47.07
CA ASP A 88 21.88 -5.13 -47.30
C ASP A 88 21.63 -3.99 -46.30
N GLY A 89 20.50 -4.05 -45.60
CA GLY A 89 20.17 -2.99 -44.61
C GLY A 89 18.77 -2.41 -44.76
N LEU A 90 18.43 -1.49 -43.85
CA LEU A 90 17.15 -0.81 -43.85
C LEU A 90 17.34 0.68 -43.64
N ALA A 91 16.36 1.46 -44.07
CA ALA A 91 16.48 2.90 -43.93
C ALA A 91 15.17 3.52 -43.52
N PHE A 92 15.23 4.60 -42.75
CA PHE A 92 14.05 5.47 -42.57
C PHE A 92 14.19 6.56 -43.62
N PHE A 93 13.13 6.96 -44.33
CA PHE A 93 13.35 7.95 -45.40
C PHE A 93 12.24 8.95 -45.60
N LEU A 94 12.61 10.05 -46.28
CA LEU A 94 11.64 11.06 -46.79
C LEU A 94 11.81 11.26 -48.27
N ALA A 95 10.68 11.20 -48.97
CA ALA A 95 10.66 11.22 -50.43
C ALA A 95 9.38 11.82 -50.96
N PRO A 96 9.35 12.12 -52.27
CA PRO A 96 8.11 12.75 -52.76
C PRO A 96 6.93 11.77 -52.71
N VAL A 97 5.71 12.29 -52.65
CA VAL A 97 4.53 11.56 -53.09
C VAL A 97 4.74 11.48 -54.62
N SER A 98 4.55 10.33 -55.27
CA SER A 98 4.39 9.05 -54.67
C SER A 98 5.62 8.33 -55.23
N SER A 99 6.76 8.57 -54.58
CA SER A 99 7.98 7.78 -54.81
C SER A 99 7.66 6.29 -54.88
N PRO A 100 8.33 5.58 -55.80
CA PRO A 100 8.19 4.13 -55.88
C PRO A 100 9.56 3.52 -55.58
N PRO A 101 9.59 2.23 -55.23
CA PRO A 101 10.88 1.59 -55.04
C PRO A 101 11.85 1.64 -56.29
N LYS A 102 13.04 2.20 -56.06
CA LYS A 102 14.17 2.19 -56.96
C LYS A 102 14.84 0.82 -56.88
N ALA A 103 16.12 0.75 -57.27
CA ALA A 103 16.85 -0.53 -57.30
C ALA A 103 17.14 -1.08 -55.88
N GLY A 104 17.29 -2.40 -55.78
CA GLY A 104 17.44 -3.06 -54.48
C GLY A 104 18.89 -3.30 -54.08
N ALA A 105 19.12 -4.36 -53.31
CA ALA A 105 20.48 -4.58 -52.80
C ALA A 105 21.00 -3.27 -52.12
N GLY A 106 22.26 -2.91 -52.35
CA GLY A 106 22.89 -1.78 -51.64
C GLY A 106 22.32 -0.39 -51.93
N PHE A 107 21.45 -0.28 -52.92
CA PHE A 107 20.69 0.95 -53.14
C PHE A 107 19.51 1.08 -52.16
N LEU A 108 19.22 -0.01 -51.45
CA LEU A 108 18.30 0.02 -50.33
C LEU A 108 16.90 0.52 -50.67
N GLY A 109 16.59 0.61 -51.97
CA GLY A 109 15.22 0.93 -52.41
C GLY A 109 15.01 2.39 -52.79
N LEU A 110 15.96 3.24 -52.42
CA LEU A 110 15.82 4.69 -52.52
C LEU A 110 16.56 5.34 -53.69
N PHE A 111 17.53 4.64 -54.27
CA PHE A 111 18.36 5.22 -55.35
C PHE A 111 18.57 4.24 -56.52
N ASP A 112 19.17 4.71 -57.61
CA ASP A 112 19.30 3.87 -58.81
C ASP A 112 20.71 3.52 -59.19
N SER A 113 21.68 4.15 -58.55
CA SER A 113 23.10 3.97 -58.94
C SER A 113 23.99 4.80 -58.00
N ALA A 114 25.29 4.55 -58.02
CA ALA A 114 26.26 5.25 -57.18
C ALA A 114 26.09 6.77 -57.15
N VAL A 115 25.78 7.37 -58.29
CA VAL A 115 25.86 8.83 -58.42
C VAL A 115 24.76 9.64 -57.72
N PHE A 116 25.13 10.88 -57.41
CA PHE A 116 24.27 11.92 -56.86
C PHE A 116 23.42 12.55 -57.97
N ASN A 117 22.15 12.79 -57.63
CA ASN A 117 21.15 13.35 -58.53
C ASN A 117 20.12 14.09 -57.67
N SER A 118 19.98 15.40 -57.90
CA SER A 118 18.98 16.22 -57.23
C SER A 118 17.54 15.79 -57.46
N SER A 119 17.28 15.05 -58.54
CA SER A 119 15.92 14.56 -58.83
C SER A 119 15.43 13.49 -57.83
N TYR A 120 16.35 12.78 -57.15
CA TYR A 120 15.92 11.81 -56.11
C TYR A 120 14.95 12.40 -55.03
N GLN A 121 15.20 13.66 -54.66
CA GLN A 121 14.52 14.34 -53.57
C GLN A 121 14.21 13.44 -52.38
N THR A 122 15.18 12.62 -52.02
CA THR A 122 15.08 11.64 -50.96
C THR A 122 16.17 11.99 -49.97
N VAL A 123 15.84 12.04 -48.68
CA VAL A 123 16.91 11.87 -47.70
C VAL A 123 16.47 10.71 -46.86
N ALA A 124 17.47 9.97 -46.37
CA ALA A 124 17.18 8.87 -45.52
C ALA A 124 18.27 8.67 -44.50
N VAL A 125 17.92 8.16 -43.31
CA VAL A 125 18.93 7.59 -42.43
C VAL A 125 18.99 6.05 -42.56
N GLU A 126 20.12 5.57 -43.09
CA GLU A 126 20.34 4.16 -43.39
C GLU A 126 21.04 3.41 -42.27
N PHE A 127 20.63 2.15 -42.15
CA PHE A 127 21.20 1.25 -41.22
C PHE A 127 21.77 0.16 -42.11
N ASP A 128 23.04 0.32 -42.45
CA ASP A 128 23.67 -0.29 -43.63
C ASP A 128 24.62 -1.41 -43.25
N THR A 129 24.42 -2.55 -43.91
CA THR A 129 24.74 -3.83 -43.29
C THR A 129 25.82 -4.62 -44.04
N TYR A 130 26.10 -4.16 -45.26
CA TYR A 130 27.05 -4.74 -46.20
C TYR A 130 27.88 -3.62 -46.87
N GLU A 131 29.20 -3.76 -46.85
CA GLU A 131 30.08 -2.73 -47.42
C GLU A 131 30.10 -2.81 -48.93
N ASN A 132 29.71 -1.71 -49.56
CA ASN A 132 29.82 -1.50 -50.97
C ASN A 132 30.90 -0.44 -51.17
N THR A 133 32.12 -0.85 -51.58
CA THR A 133 33.24 0.10 -51.78
C THR A 133 32.85 1.11 -52.87
N VAL A 134 31.99 0.63 -53.79
CA VAL A 134 31.45 1.41 -54.91
C VAL A 134 30.70 2.64 -54.41
N PHE A 135 30.13 2.54 -53.21
CA PHE A 135 29.36 3.65 -52.60
C PHE A 135 30.14 4.35 -51.51
N LEU A 136 31.46 4.12 -51.48
CA LEU A 136 32.32 4.62 -50.41
C LEU A 136 31.86 4.20 -48.99
N ASP A 137 31.21 3.04 -48.86
CA ASP A 137 30.85 2.50 -47.56
C ASP A 137 32.09 2.30 -46.67
N PRO A 138 31.96 2.61 -45.36
CA PRO A 138 33.02 2.25 -44.38
C PRO A 138 33.07 0.74 -44.20
N PRO A 139 34.18 0.19 -43.66
CA PRO A 139 34.30 -1.27 -43.55
C PRO A 139 33.39 -1.87 -42.48
N ASP A 140 33.11 -1.11 -41.44
CA ASP A 140 32.24 -1.53 -40.36
C ASP A 140 30.77 -1.34 -40.80
N THR A 141 29.85 -2.11 -40.22
CA THR A 141 28.45 -1.75 -40.34
C THR A 141 28.23 -0.34 -39.70
N HIS A 142 27.25 0.42 -40.20
CA HIS A 142 27.23 1.84 -39.94
C HIS A 142 25.88 2.45 -40.13
N ILE A 143 25.59 3.46 -39.30
CA ILE A 143 24.48 4.34 -39.52
C ILE A 143 24.91 5.42 -40.49
N GLY A 144 24.03 5.74 -41.44
CA GLY A 144 24.43 6.63 -42.53
C GLY A 144 23.40 7.70 -42.83
N ILE A 145 23.89 8.87 -43.21
CA ILE A 145 22.98 9.93 -43.66
C ILE A 145 23.06 10.06 -45.21
N ASP A 146 21.99 9.65 -45.90
CA ASP A 146 21.90 9.76 -47.38
C ASP A 146 21.01 10.91 -47.91
N VAL A 147 21.65 11.82 -48.65
CA VAL A 147 20.92 12.90 -49.25
C VAL A 147 21.15 12.96 -50.76
N ASN A 148 20.13 12.49 -51.47
CA ASN A 148 20.11 12.21 -52.91
C ASN A 148 21.31 11.39 -53.43
N SER A 149 21.74 10.35 -52.71
CA SER A 149 23.17 10.01 -52.69
C SER A 149 23.63 8.59 -52.65
N ILE A 150 22.95 7.74 -51.85
CA ILE A 150 23.46 6.40 -51.37
C ILE A 150 24.90 6.36 -50.83
N LYS A 151 25.72 7.29 -51.32
CA LYS A 151 27.02 7.59 -50.78
C LYS A 151 26.77 8.53 -49.61
N SER A 152 26.71 8.01 -48.39
CA SER A 152 26.35 8.82 -47.24
C SER A 152 27.18 10.07 -47.15
N ILE A 153 26.59 11.22 -46.86
CA ILE A 153 27.42 12.44 -46.54
C ILE A 153 28.09 12.36 -45.16
N LYS A 154 27.71 11.40 -44.35
CA LYS A 154 28.38 11.18 -43.09
C LYS A 154 27.98 9.81 -42.63
N THR A 155 28.87 9.12 -41.93
CA THR A 155 28.57 7.81 -41.31
C THR A 155 29.22 7.69 -39.90
N VAL A 156 28.78 6.68 -39.12
CA VAL A 156 29.53 6.20 -37.91
C VAL A 156 29.29 4.69 -37.71
N LYS A 157 30.21 4.02 -37.02
CA LYS A 157 30.11 2.61 -36.65
C LYS A 157 28.75 2.30 -36.01
N TRP A 158 28.23 1.12 -36.28
CA TRP A 158 27.05 0.59 -35.61
C TRP A 158 27.21 -0.88 -35.57
N ASP A 159 27.35 -1.44 -34.38
CA ASP A 159 27.55 -2.88 -34.24
C ASP A 159 26.21 -3.57 -34.10
N LEU A 160 25.84 -4.29 -35.13
CA LEU A 160 24.67 -5.12 -35.12
C LEU A 160 24.70 -6.05 -33.92
N ALA A 161 23.60 -6.13 -33.17
CA ALA A 161 23.42 -7.14 -32.12
C ALA A 161 22.38 -8.16 -32.60
N ASN A 162 22.88 -9.21 -33.25
CA ASN A 162 22.05 -10.14 -34.02
C ASN A 162 20.76 -10.62 -33.37
N GLY A 163 19.68 -10.54 -34.14
CA GLY A 163 18.37 -10.94 -33.67
C GLY A 163 17.83 -10.15 -32.49
N GLU A 164 18.53 -9.10 -32.09
CA GLU A 164 18.17 -8.30 -30.89
C GLU A 164 17.41 -7.03 -31.26
N ALA A 165 16.62 -6.46 -30.35
CA ALA A 165 15.78 -5.32 -30.78
C ALA A 165 16.50 -4.01 -30.58
N ALA A 166 16.41 -3.16 -31.60
CA ALA A 166 17.03 -1.82 -31.61
C ALA A 166 16.00 -0.70 -31.54
N LYS A 167 16.22 0.21 -30.62
CA LYS A 167 15.39 1.38 -30.48
C LYS A 167 16.10 2.55 -31.16
N VAL A 168 15.39 3.24 -32.05
CA VAL A 168 15.92 4.38 -32.79
C VAL A 168 15.17 5.66 -32.45
N LEU A 169 15.92 6.74 -32.34
CA LEU A 169 15.30 8.05 -32.40
C LEU A 169 16.01 8.89 -33.46
N ILE A 170 15.23 9.46 -34.38
CA ILE A 170 15.75 10.36 -35.43
C ILE A 170 15.07 11.67 -35.26
N THR A 171 15.85 12.70 -35.45
CA THR A 171 15.45 14.00 -34.96
C THR A 171 15.99 15.03 -35.90
N TYR A 172 15.16 16.03 -36.19
CA TYR A 172 15.51 17.13 -37.07
C TYR A 172 15.00 18.47 -36.54
N ASP A 173 15.92 19.36 -36.25
CA ASP A 173 15.60 20.65 -35.68
C ASP A 173 15.68 21.70 -36.78
N SER A 174 14.53 22.27 -37.13
CA SER A 174 14.48 23.29 -38.18
C SER A 174 15.46 24.48 -38.00
N SER A 175 15.63 24.96 -36.78
CA SER A 175 16.44 26.18 -36.58
C SER A 175 17.96 25.94 -36.62
N ALA A 176 18.41 24.77 -36.13
CA ALA A 176 19.84 24.35 -36.23
C ALA A 176 20.11 23.71 -37.61
N LYS A 177 19.03 23.43 -38.33
CA LYS A 177 19.06 22.43 -39.40
C LYS A 177 19.85 21.12 -39.03
N LEU A 178 19.88 20.72 -37.75
CA LEU A 178 20.50 19.44 -37.29
C LEU A 178 19.67 18.15 -37.36
N LEU A 179 20.29 17.14 -37.95
CA LEU A 179 19.70 15.84 -38.06
C LEU A 179 20.50 14.94 -37.14
N VAL A 180 19.81 14.13 -36.35
CA VAL A 180 20.48 13.29 -35.38
C VAL A 180 19.74 11.96 -35.37
N ALA A 181 20.50 10.87 -35.37
CA ALA A 181 19.93 9.54 -35.32
C ALA A 181 20.54 8.79 -34.16
N ALA A 182 19.73 8.32 -33.22
CA ALA A 182 20.26 7.61 -32.04
C ALA A 182 19.91 6.12 -32.25
N LEU A 183 20.80 5.21 -31.84
CA LEU A 183 20.49 3.75 -31.80
C LEU A 183 20.99 3.02 -30.56
N VAL A 184 20.07 2.31 -29.93
CA VAL A 184 20.26 1.68 -28.64
C VAL A 184 19.73 0.22 -28.56
N TYR A 185 20.55 -0.70 -28.05
CA TYR A 185 20.12 -2.08 -27.77
C TYR A 185 19.93 -2.22 -26.25
N PRO A 186 18.67 -2.19 -25.77
CA PRO A 186 18.45 -2.24 -24.35
C PRO A 186 19.00 -3.54 -23.75
N SER A 187 18.99 -4.60 -24.53
CA SER A 187 19.62 -5.89 -24.20
C SER A 187 21.13 -5.80 -23.97
N SER A 188 21.89 -5.29 -24.94
CA SER A 188 23.34 -5.21 -24.81
C SER A 188 23.80 -3.94 -24.10
N LYS A 189 22.90 -2.96 -23.92
CA LYS A 189 23.27 -1.66 -23.28
C LYS A 189 24.33 -0.84 -24.09
N THR A 190 24.50 -1.21 -25.37
CA THR A 190 25.34 -0.47 -26.29
C THR A 190 24.53 0.63 -26.98
N SER A 191 25.22 1.64 -27.50
CA SER A 191 24.55 2.81 -28.07
C SER A 191 25.46 3.53 -29.08
N PHE A 192 24.82 4.21 -30.05
CA PHE A 192 25.45 4.80 -31.23
C PHE A 192 24.65 6.06 -31.60
N ILE A 193 25.34 7.09 -32.12
CA ILE A 193 24.71 8.39 -32.44
C ILE A 193 25.45 9.04 -33.63
N LEU A 194 24.77 9.97 -34.30
CA LEU A 194 25.31 10.68 -35.46
C LEU A 194 24.55 12.00 -35.63
N SER A 195 25.23 13.04 -36.07
CA SER A 195 24.54 14.27 -36.42
C SER A 195 25.22 15.05 -37.48
N ASP A 196 24.40 15.76 -38.24
CA ASP A 196 24.91 16.57 -39.32
C ASP A 196 23.89 17.65 -39.60
N VAL A 197 24.35 18.78 -40.13
CA VAL A 197 23.40 19.78 -40.62
C VAL A 197 23.02 19.43 -42.06
N VAL A 198 21.73 19.30 -42.34
CA VAL A 198 21.30 19.05 -43.72
C VAL A 198 20.06 19.91 -44.02
N ASP A 199 20.03 20.45 -45.23
CA ASP A 199 19.09 21.50 -45.54
C ASP A 199 17.92 20.88 -46.27
N LEU A 200 16.87 20.61 -45.52
CA LEU A 200 15.74 19.94 -46.10
C LEU A 200 15.13 20.75 -47.27
N LYS A 201 15.18 22.08 -47.13
CA LYS A 201 14.57 23.02 -48.07
C LYS A 201 15.15 22.98 -49.51
N SER A 202 16.40 22.53 -49.68
CA SER A 202 17.05 22.33 -51.01
C SER A 202 16.90 20.93 -51.61
N VAL A 203 16.50 19.94 -50.81
CA VAL A 203 16.56 18.56 -51.26
C VAL A 203 15.24 17.84 -51.33
N LEU A 204 14.20 18.40 -50.69
CA LEU A 204 12.90 17.75 -50.58
C LEU A 204 11.84 18.69 -51.14
N PRO A 205 10.76 18.15 -51.75
CA PRO A 205 9.67 19.06 -52.14
C PRO A 205 8.86 19.41 -50.90
N GLU A 206 7.84 20.26 -51.05
CA GLU A 206 7.10 20.78 -49.91
C GLU A 206 6.33 19.70 -49.22
N TRP A 207 6.04 18.68 -50.00
CA TRP A 207 5.26 17.56 -49.54
C TRP A 207 6.03 16.31 -49.77
N VAL A 208 5.87 15.40 -48.83
CA VAL A 208 6.70 14.25 -48.77
C VAL A 208 5.87 13.10 -48.17
N SER A 209 6.24 11.87 -48.53
CA SER A 209 5.78 10.71 -47.76
C SER A 209 6.98 10.18 -46.99
N ILE A 210 6.72 9.59 -45.83
CA ILE A 210 7.83 9.05 -45.04
C ILE A 210 7.58 7.61 -44.68
N GLY A 211 8.67 6.88 -44.42
CA GLY A 211 8.56 5.50 -44.00
C GLY A 211 9.90 4.76 -44.07
N PHE A 212 9.80 3.45 -44.34
CA PHE A 212 10.94 2.55 -44.35
C PHE A 212 11.10 1.80 -45.69
N SER A 213 12.35 1.56 -46.04
CA SER A 213 12.68 0.76 -47.17
C SER A 213 13.80 -0.18 -46.74
N ALA A 214 13.76 -1.42 -47.22
CA ALA A 214 14.81 -2.41 -46.89
C ALA A 214 15.04 -3.38 -48.05
N ALA A 215 16.29 -3.81 -48.21
CA ALA A 215 16.67 -4.79 -49.20
C ALA A 215 17.59 -5.86 -48.61
N THR A 216 17.52 -7.07 -49.16
CA THR A 216 18.43 -8.17 -48.81
C THR A 216 19.39 -8.42 -49.95
N GLY A 217 20.27 -9.39 -49.77
CA GLY A 217 21.31 -9.67 -50.75
C GLY A 217 20.88 -10.07 -52.14
N ALA A 218 21.74 -9.79 -53.11
CA ALA A 218 21.55 -10.22 -54.50
C ALA A 218 22.30 -11.51 -54.80
N SER A 219 22.69 -12.23 -53.74
CA SER A 219 23.55 -13.40 -53.83
C SER A 219 23.34 -14.24 -52.59
N SER A 220 22.55 -15.32 -52.73
CA SER A 220 22.02 -16.06 -51.55
C SER A 220 23.10 -16.42 -50.53
N GLY A 221 22.67 -16.60 -49.28
CA GLY A 221 23.58 -16.70 -48.14
C GLY A 221 23.77 -15.36 -47.44
N TYR A 222 23.69 -14.28 -48.23
CA TYR A 222 23.89 -12.88 -47.78
C TYR A 222 22.54 -12.23 -47.39
N ILE A 223 22.11 -12.56 -46.17
CA ILE A 223 20.69 -12.65 -45.86
C ILE A 223 20.35 -12.15 -44.45
N GLU A 224 19.20 -11.48 -44.30
CA GLU A 224 18.73 -11.07 -42.98
C GLU A 224 17.27 -10.58 -43.02
N THR A 225 16.64 -10.56 -41.86
CA THR A 225 15.31 -9.97 -41.70
C THR A 225 15.40 -8.44 -41.47
N HIS A 226 14.30 -7.73 -41.77
CA HIS A 226 14.17 -6.32 -41.48
C HIS A 226 12.81 -6.10 -40.99
N ASP A 227 12.57 -6.55 -39.76
CA ASP A 227 11.30 -6.53 -39.07
C ASP A 227 11.13 -5.27 -38.19
N VAL A 228 10.06 -4.49 -38.38
CA VAL A 228 9.83 -3.30 -37.57
C VAL A 228 8.65 -3.56 -36.66
N PHE A 229 8.77 -3.24 -35.39
CA PHE A 229 7.72 -3.61 -34.42
C PHE A 229 6.74 -2.51 -34.07
N SER A 230 7.20 -1.27 -34.11
CA SER A 230 6.40 -0.15 -33.70
C SER A 230 7.02 1.09 -34.29
N TRP A 231 6.20 2.10 -34.53
CA TRP A 231 6.71 3.32 -35.15
C TRP A 231 5.90 4.53 -34.74
N SER A 232 6.62 5.56 -34.32
CA SER A 232 6.06 6.81 -33.85
C SER A 232 6.65 7.96 -34.72
N PHE A 233 5.82 8.95 -35.08
CA PHE A 233 6.26 10.15 -35.88
C PHE A 233 5.50 11.44 -35.53
N ALA A 234 6.18 12.57 -35.64
CA ALA A 234 5.56 13.91 -35.47
C ALA A 234 6.38 14.98 -36.20
N SER A 235 5.71 15.76 -37.03
CA SER A 235 6.39 16.89 -37.65
C SER A 235 5.67 18.18 -37.27
N LYS A 236 6.43 19.25 -37.14
CA LYS A 236 5.78 20.56 -37.00
C LYS A 236 6.41 21.67 -37.86
N LEU A 237 5.53 22.33 -38.61
CA LEU A 237 5.90 23.37 -39.56
C LEU A 237 5.26 24.66 -39.06
N SER A 238 6.10 25.48 -38.47
CA SER A 238 5.63 26.73 -37.89
C SER A 238 5.44 27.89 -38.88
N PHE A 239 4.69 28.90 -38.40
CA PHE A 239 4.49 30.22 -39.03
C PHE A 239 3.78 30.16 -40.39
N LEU A 246 8.64 21.64 -30.88
CA LEU A 246 8.26 20.23 -30.93
C LEU A 246 8.43 19.63 -29.56
N ASP A 247 7.37 19.63 -28.72
CA ASP A 247 7.52 19.12 -27.34
C ASP A 247 8.06 17.68 -27.38
N LEU A 248 9.37 17.60 -27.19
CA LEU A 248 10.15 16.44 -27.59
C LEU A 248 10.33 15.56 -26.39
N ALA A 249 10.65 16.16 -25.24
CA ALA A 249 10.59 15.48 -23.95
C ALA A 249 9.24 14.76 -23.89
N SER A 250 8.13 15.50 -24.04
CA SER A 250 6.76 14.91 -24.19
C SER A 250 6.56 13.88 -25.34
N PHE A 251 7.31 14.03 -26.43
CA PHE A 251 7.25 13.06 -27.52
C PHE A 251 7.86 11.68 -27.19
N LEU A 252 9.18 11.62 -27.00
CA LEU A 252 9.83 10.39 -26.51
C LEU A 252 8.98 9.58 -25.53
N VAL A 253 8.63 10.18 -24.36
CA VAL A 253 7.75 9.60 -23.25
C VAL A 253 6.32 9.18 -23.67
N ALA A 254 5.64 10.01 -24.45
CA ALA A 254 4.31 9.70 -24.94
C ALA A 254 4.47 9.19 -26.37
N ASN A 255 4.15 10.10 -27.29
CA ASN A 255 4.25 9.86 -28.73
C ASN A 255 3.65 11.07 -29.44
N THR B 1 -2.54 7.69 -13.53
CA THR B 1 -1.41 8.19 -14.38
C THR B 1 -0.85 9.51 -13.83
N ASN B 2 0.03 9.41 -12.85
CA ASN B 2 0.56 10.59 -12.26
C ASN B 2 1.67 11.13 -13.12
N THR B 3 1.39 12.28 -13.70
CA THR B 3 2.29 12.92 -14.65
C THR B 3 2.77 14.24 -14.12
N ASP B 4 4.03 14.53 -14.42
CA ASP B 4 4.60 15.71 -13.98
C ASP B 4 5.47 16.44 -15.00
N SER B 5 5.06 17.63 -15.43
CA SER B 5 5.84 18.34 -16.45
C SER B 5 6.11 19.88 -16.40
N PHE B 6 7.28 20.30 -16.91
CA PHE B 6 7.59 21.73 -17.09
C PHE B 6 8.63 21.98 -18.21
N THR B 7 8.50 23.17 -18.79
CA THR B 7 9.44 23.67 -19.77
C THR B 7 9.89 25.09 -19.38
N PHE B 8 11.19 25.33 -19.43
CA PHE B 8 11.74 26.64 -19.20
C PHE B 8 12.49 26.91 -20.50
N SER B 9 11.97 27.78 -21.34
CA SER B 9 12.71 28.11 -22.58
C SER B 9 13.79 29.13 -22.29
N LYS B 10 13.71 29.74 -21.10
CA LYS B 10 14.76 30.58 -20.54
C LYS B 10 14.43 30.75 -19.09
N PHE B 11 15.37 31.27 -18.32
CA PHE B 11 15.20 31.43 -16.87
C PHE B 11 15.02 32.90 -16.47
N LYS B 12 14.31 33.13 -15.38
CA LYS B 12 13.98 34.51 -15.01
C LYS B 12 14.56 34.89 -13.67
N PRO B 13 15.05 36.14 -13.57
CA PRO B 13 15.50 36.75 -12.30
C PRO B 13 14.50 36.34 -11.21
N ASN B 14 13.23 36.68 -11.38
CA ASN B 14 12.26 36.17 -10.42
C ASN B 14 11.72 34.79 -10.83
N GLN B 15 11.97 33.74 -10.05
CA GLN B 15 11.20 32.54 -10.33
C GLN B 15 11.04 31.45 -9.31
N PRO B 16 9.89 31.43 -8.68
CA PRO B 16 9.69 30.60 -7.50
C PRO B 16 9.62 29.13 -7.81
N ASN B 17 9.59 28.75 -9.09
CA ASN B 17 9.50 27.32 -9.33
C ASN B 17 10.85 26.62 -9.45
N LEU B 18 11.95 27.39 -9.32
CA LEU B 18 13.30 26.82 -9.10
C LEU B 18 13.79 27.17 -7.74
N LYS B 19 14.33 26.18 -7.06
CA LYS B 19 15.08 26.41 -5.84
C LYS B 19 16.56 26.46 -6.21
N LYS B 20 17.16 27.63 -6.11
CA LYS B 20 18.64 27.80 -6.24
C LYS B 20 19.27 27.44 -4.92
N GLN B 21 20.43 26.80 -4.99
CA GLN B 21 21.21 26.42 -3.85
C GLN B 21 22.65 26.78 -4.21
N GLY B 22 23.46 27.00 -3.15
CA GLY B 22 24.84 27.38 -3.28
C GLY B 22 24.91 28.71 -3.98
N ASP B 23 25.81 28.82 -4.95
CA ASP B 23 26.03 30.09 -5.64
C ASP B 23 25.12 30.30 -6.83
N ALA B 24 24.21 29.36 -7.15
CA ALA B 24 23.38 29.45 -8.36
C ALA B 24 22.60 30.77 -8.44
N THR B 25 22.51 31.34 -9.66
CA THR B 25 21.87 32.64 -9.89
C THR B 25 21.35 32.63 -11.33
N VAL B 26 20.40 33.52 -11.62
CA VAL B 26 19.88 33.74 -12.96
C VAL B 26 20.25 35.14 -13.50
N THR B 27 21.10 35.20 -14.53
CA THR B 27 21.51 36.52 -14.98
C THR B 27 20.34 37.30 -15.52
N SER B 28 20.48 38.61 -15.53
CA SER B 28 19.50 39.41 -16.15
C SER B 28 19.15 38.86 -17.55
N SER B 29 20.14 38.32 -18.28
CA SER B 29 19.88 37.78 -19.64
C SER B 29 19.09 36.46 -19.67
N GLY B 30 18.77 35.90 -18.49
CA GLY B 30 17.96 34.70 -18.42
C GLY B 30 18.77 33.41 -18.50
N THR B 31 20.06 33.54 -18.22
CA THR B 31 20.98 32.42 -18.05
C THR B 31 21.04 31.93 -16.59
N LEU B 32 20.95 30.61 -16.43
CA LEU B 32 21.15 29.94 -15.16
C LEU B 32 22.63 29.58 -15.02
N GLN B 33 23.38 30.46 -14.34
CA GLN B 33 24.77 30.25 -13.94
C GLN B 33 24.76 29.34 -12.72
N LEU B 34 25.19 28.09 -12.86
CA LEU B 34 25.23 27.25 -11.68
C LEU B 34 26.39 27.66 -10.79
N THR B 35 27.38 28.27 -11.43
CA THR B 35 28.73 28.45 -10.88
C THR B 35 29.11 29.92 -10.95
N LYS B 36 29.87 30.44 -9.98
CA LYS B 36 30.27 31.86 -10.02
C LYS B 36 31.09 32.29 -11.26
N VAL B 37 30.63 33.36 -11.89
CA VAL B 37 31.25 33.96 -13.06
C VAL B 37 31.18 35.47 -12.84
N ASP B 38 32.34 36.06 -12.61
CA ASP B 38 32.45 37.51 -12.40
C ASP B 38 31.97 38.39 -13.57
N LYS B 39 32.03 39.69 -13.33
CA LYS B 39 31.56 40.76 -14.20
C LYS B 39 32.09 40.79 -15.64
N ASN B 40 33.30 40.27 -15.89
CA ASN B 40 33.81 40.19 -17.28
C ASN B 40 33.61 38.82 -17.97
N GLY B 41 32.94 37.91 -17.29
CA GLY B 41 32.62 36.62 -17.84
C GLY B 41 33.68 35.59 -17.49
N VAL B 42 34.39 35.77 -16.37
CA VAL B 42 35.49 34.89 -15.97
C VAL B 42 35.02 33.95 -14.86
N PRO B 43 35.13 32.63 -15.09
CA PRO B 43 34.73 31.67 -14.08
C PRO B 43 35.56 31.88 -12.84
N ASP B 44 34.98 31.59 -11.69
CA ASP B 44 35.70 31.69 -10.45
C ASP B 44 35.93 30.31 -9.80
N PRO B 45 37.10 30.14 -9.14
CA PRO B 45 37.52 28.91 -8.47
C PRO B 45 36.62 28.64 -7.28
N LYS B 46 36.58 27.37 -6.85
CA LYS B 46 35.90 26.93 -5.60
C LYS B 46 34.40 27.30 -5.45
N SER B 47 33.63 27.16 -6.54
CA SER B 47 32.17 27.41 -6.59
C SER B 47 31.38 26.07 -6.47
N LEU B 48 30.09 26.19 -6.15
CA LEU B 48 29.16 25.06 -6.13
C LEU B 48 27.75 25.67 -6.28
N GLY B 49 26.97 25.12 -7.20
CA GLY B 49 25.63 25.62 -7.49
C GLY B 49 24.68 24.49 -7.81
N ARG B 50 23.45 24.59 -7.31
CA ARG B 50 22.40 23.67 -7.74
C ARG B 50 21.10 24.38 -8.01
N ALA B 51 20.34 23.83 -8.96
CA ALA B 51 18.98 24.28 -9.19
C ALA B 51 18.06 23.07 -9.35
N LEU B 52 16.89 23.15 -8.74
CA LEU B 52 15.94 22.07 -8.93
C LEU B 52 14.59 22.68 -9.04
N TYR B 53 13.68 21.88 -9.62
CA TYR B 53 12.29 22.26 -9.84
C TYR B 53 11.52 22.30 -8.50
N ALA B 54 10.63 23.29 -8.32
CA ALA B 54 10.01 23.55 -6.98
C ALA B 54 9.37 22.30 -6.41
N SER B 55 8.78 21.49 -7.29
CA SER B 55 7.90 20.42 -6.84
C SER B 55 8.38 18.99 -6.92
N PRO B 56 8.09 18.23 -5.87
CA PRO B 56 8.61 16.88 -5.93
C PRO B 56 7.90 16.11 -7.04
N ILE B 57 8.64 15.18 -7.64
CA ILE B 57 8.19 14.24 -8.64
C ILE B 57 8.00 12.88 -7.98
N ASN B 58 6.83 12.26 -8.20
CA ASN B 58 6.56 10.91 -7.75
C ASN B 58 7.34 9.95 -8.65
N ILE B 59 8.38 9.34 -8.16
CA ILE B 59 9.20 8.58 -9.09
C ILE B 59 8.90 7.07 -9.18
N TRP B 60 8.52 6.48 -8.07
CA TRP B 60 8.02 5.12 -8.13
C TRP B 60 6.96 4.98 -7.07
N ASP B 61 6.22 3.87 -7.12
CA ASP B 61 5.12 3.67 -6.16
C ASP B 61 5.27 2.35 -5.39
N SER B 62 5.40 2.38 -4.07
CA SER B 62 5.59 1.12 -3.30
C SER B 62 4.36 0.21 -3.30
N LYS B 63 3.19 0.80 -3.19
CA LYS B 63 1.96 0.03 -3.20
C LYS B 63 1.70 -0.77 -4.53
N THR B 64 1.90 -0.13 -5.68
CA THR B 64 1.70 -0.79 -7.00
C THR B 64 2.98 -1.45 -7.46
N GLY B 65 4.09 -0.90 -6.99
CA GLY B 65 5.41 -1.35 -7.38
C GLY B 65 5.90 -0.70 -8.66
N VAL B 66 5.02 -0.03 -9.40
CA VAL B 66 5.44 0.40 -10.74
C VAL B 66 6.34 1.68 -10.64
N VAL B 67 7.21 1.87 -11.64
CA VAL B 67 8.30 2.86 -11.62
C VAL B 67 8.08 3.84 -12.76
N ALA B 68 8.34 5.14 -12.54
CA ALA B 68 8.07 6.14 -13.58
C ALA B 68 9.00 6.04 -14.80
N SER B 69 8.50 6.52 -15.93
CA SER B 69 9.38 6.86 -17.04
C SER B 69 9.56 8.37 -17.11
N PHE B 70 10.70 8.79 -17.59
CA PHE B 70 10.91 10.20 -17.75
C PHE B 70 11.85 10.59 -18.90
N ALA B 71 11.76 11.86 -19.28
CA ALA B 71 12.68 12.42 -20.26
C ALA B 71 12.91 13.86 -19.92
N THR B 72 14.13 14.27 -20.17
CA THR B 72 14.51 15.64 -19.91
C THR B 72 15.49 16.03 -21.01
N SER B 73 15.35 17.25 -21.54
CA SER B 73 16.41 17.90 -22.35
C SER B 73 16.76 19.33 -21.86
N PHE B 74 17.96 19.79 -22.20
CA PHE B 74 18.44 21.08 -21.77
C PHE B 74 19.65 21.35 -22.63
N ARG B 75 19.94 22.64 -22.79
CA ARG B 75 20.97 23.16 -23.64
C ARG B 75 21.83 23.91 -22.61
N PHE B 76 23.14 23.61 -22.58
CA PHE B 76 24.08 24.22 -21.65
C PHE B 76 25.45 24.57 -22.27
N THR B 77 26.10 25.58 -21.69
CA THR B 77 27.38 26.02 -22.16
C THR B 77 28.43 25.93 -21.06
N ILE B 78 29.56 25.32 -21.42
CA ILE B 78 30.76 25.40 -20.61
C ILE B 78 31.83 26.23 -21.28
N TYR B 79 32.25 27.30 -20.60
CA TYR B 79 33.34 28.17 -21.03
C TYR B 79 34.54 28.07 -20.08
N ALA B 80 35.72 27.87 -20.68
CA ALA B 80 36.99 27.85 -19.95
C ALA B 80 37.89 28.91 -20.56
N PRO B 81 38.56 29.70 -19.73
CA PRO B 81 39.42 30.70 -20.39
C PRO B 81 40.74 30.07 -20.86
N ASN B 82 41.07 28.91 -20.27
CA ASN B 82 42.23 28.10 -20.59
C ASN B 82 41.80 26.63 -20.57
N ILE B 83 41.67 26.02 -21.75
CA ILE B 83 41.06 24.69 -21.90
C ILE B 83 41.99 23.58 -21.35
N ALA B 84 43.27 23.96 -21.11
CA ALA B 84 44.24 23.00 -20.53
C ALA B 84 44.11 22.86 -19.01
N THR B 85 43.38 23.77 -18.37
CA THR B 85 43.20 23.69 -16.91
C THR B 85 41.74 23.86 -16.51
N ILE B 86 41.02 22.76 -16.39
CA ILE B 86 39.57 22.81 -16.27
C ILE B 86 39.06 21.80 -15.25
N ALA B 87 37.91 22.12 -14.66
CA ALA B 87 37.27 21.36 -13.56
C ALA B 87 35.99 22.13 -13.16
N ASP B 88 35.00 21.49 -12.53
CA ASP B 88 34.98 20.06 -12.28
C ASP B 88 33.89 19.34 -13.10
N GLY B 89 32.71 19.97 -13.23
CA GLY B 89 31.68 19.44 -14.10
C GLY B 89 30.29 19.90 -13.69
N LEU B 90 29.30 19.52 -14.48
CA LEU B 90 27.93 19.66 -14.07
C LEU B 90 27.25 18.34 -14.25
N ALA B 91 26.12 18.21 -13.56
CA ALA B 91 25.33 17.00 -13.60
C ALA B 91 23.84 17.31 -13.46
N PHE B 92 23.04 16.55 -14.20
CA PHE B 92 21.61 16.44 -13.95
C PHE B 92 21.45 15.33 -12.89
N PHE B 93 20.60 15.55 -11.88
CA PHE B 93 20.39 14.54 -10.81
C PHE B 93 18.96 14.40 -10.31
N LEU B 94 18.70 13.25 -9.65
CA LEU B 94 17.46 13.00 -8.87
C LEU B 94 17.95 12.65 -7.53
N ALA B 95 17.26 13.14 -6.49
CA ALA B 95 17.69 13.01 -5.11
C ALA B 95 16.49 13.23 -4.19
N PRO B 96 16.61 12.88 -2.89
CA PRO B 96 15.38 13.02 -2.11
C PRO B 96 14.97 14.50 -2.02
N VAL B 97 13.66 14.77 -1.82
CA VAL B 97 13.17 16.09 -1.50
C VAL B 97 13.95 16.47 -0.26
N SER B 98 14.45 17.70 -0.13
CA SER B 98 15.37 18.05 1.02
C SER B 98 16.83 17.99 0.67
N SER B 99 17.20 17.10 -0.25
CA SER B 99 18.59 16.95 -0.65
C SER B 99 19.23 18.33 -0.66
N PRO B 100 20.34 18.48 0.09
CA PRO B 100 21.12 19.70 0.14
C PRO B 100 22.45 19.50 -0.55
N PRO B 101 23.11 20.60 -0.97
CA PRO B 101 24.42 20.46 -1.60
C PRO B 101 25.46 19.87 -0.62
N LYS B 102 26.17 18.85 -1.10
CA LYS B 102 27.22 18.19 -0.39
C LYS B 102 28.61 18.73 -0.79
N ALA B 103 29.66 17.90 -0.73
CA ALA B 103 31.04 18.32 -1.05
C ALA B 103 31.21 18.79 -2.52
N GLY B 104 32.03 19.84 -2.74
CA GLY B 104 32.17 20.45 -4.07
C GLY B 104 33.31 19.86 -4.89
N ALA B 105 33.82 20.63 -5.84
CA ALA B 105 34.90 20.10 -6.65
C ALA B 105 34.47 18.71 -7.23
N GLY B 106 35.34 17.70 -7.23
CA GLY B 106 35.03 16.44 -7.92
C GLY B 106 33.80 15.68 -7.47
N PHE B 107 33.23 16.08 -6.36
CA PHE B 107 32.00 15.49 -5.84
C PHE B 107 30.76 16.11 -6.52
N LEU B 108 30.96 17.20 -7.24
CA LEU B 108 29.86 17.80 -7.98
C LEU B 108 28.61 18.05 -7.09
N GLY B 109 28.83 18.32 -5.81
CA GLY B 109 27.73 18.70 -4.91
C GLY B 109 26.69 17.64 -4.65
N LEU B 110 27.03 16.38 -4.92
CA LEU B 110 26.05 15.30 -4.87
C LEU B 110 26.43 14.21 -3.90
N PHE B 111 27.71 14.19 -3.55
CA PHE B 111 28.35 13.14 -2.71
C PHE B 111 29.27 13.71 -1.62
N ASP B 112 29.80 12.85 -0.72
CA ASP B 112 30.69 13.31 0.38
C ASP B 112 32.09 12.73 0.33
N SER B 113 32.21 11.48 -0.06
CA SER B 113 33.53 10.88 -0.32
C SER B 113 33.44 9.95 -1.53
N ALA B 114 34.44 9.10 -1.69
CA ALA B 114 34.58 8.27 -2.87
C ALA B 114 33.76 6.99 -2.75
N VAL B 115 33.48 6.55 -1.52
CA VAL B 115 32.76 5.30 -1.28
C VAL B 115 31.29 5.34 -1.70
N PHE B 116 30.77 4.17 -2.02
CA PHE B 116 29.38 3.92 -2.32
C PHE B 116 28.58 4.07 -1.00
N ASN B 117 27.46 4.77 -1.08
CA ASN B 117 26.54 4.82 0.07
C ASN B 117 25.07 4.80 -0.34
N SER B 118 24.40 3.69 -0.06
CA SER B 118 22.97 3.55 -0.38
C SER B 118 22.08 4.71 0.13
N SER B 119 22.56 5.36 1.17
CA SER B 119 21.87 6.46 1.80
C SER B 119 21.86 7.73 0.97
N TYR B 120 22.75 7.86 -0.02
CA TYR B 120 22.64 9.05 -0.88
C TYR B 120 21.24 9.11 -1.50
N GLN B 121 20.74 7.98 -1.98
CA GLN B 121 19.56 7.95 -2.82
C GLN B 121 19.57 9.02 -3.94
N THR B 122 20.70 9.11 -4.62
CA THR B 122 20.97 10.06 -5.70
C THR B 122 21.33 9.24 -6.97
N VAL B 123 20.72 9.58 -8.09
CA VAL B 123 21.22 9.09 -9.42
C VAL B 123 21.49 10.35 -10.25
N ALA B 124 22.66 10.38 -10.88
CA ALA B 124 23.07 11.53 -11.67
C ALA B 124 23.69 11.12 -13.00
N VAL B 125 23.52 12.00 -13.98
CA VAL B 125 24.29 11.89 -15.20
C VAL B 125 25.23 13.06 -15.10
N GLU B 126 26.52 12.76 -14.97
CA GLU B 126 27.54 13.76 -14.90
C GLU B 126 28.21 13.94 -16.24
N PHE B 127 28.58 15.21 -16.45
CA PHE B 127 29.40 15.67 -17.54
C PHE B 127 30.61 16.18 -16.79
N ASP B 128 31.65 15.34 -16.80
CA ASP B 128 32.80 15.46 -15.89
C ASP B 128 34.09 15.83 -16.61
N THR B 129 34.66 16.96 -16.19
CA THR B 129 35.67 17.63 -16.98
C THR B 129 37.06 17.60 -16.40
N TYR B 130 37.27 16.75 -15.39
CA TYR B 130 38.55 16.73 -14.68
C TYR B 130 38.82 15.41 -13.93
N GLU B 131 39.97 14.82 -14.22
CA GLU B 131 40.21 13.46 -13.81
C GLU B 131 40.61 13.37 -12.37
N ASN B 132 39.73 12.79 -11.56
CA ASN B 132 40.07 12.42 -10.18
C ASN B 132 40.44 10.93 -10.18
N THR B 133 41.72 10.69 -10.17
CA THR B 133 42.31 9.40 -9.89
C THR B 133 41.50 8.63 -8.83
N VAL B 134 41.28 9.25 -7.67
CA VAL B 134 40.72 8.51 -6.55
C VAL B 134 39.26 8.02 -6.81
N PHE B 135 38.57 8.62 -7.79
CA PHE B 135 37.19 8.19 -8.19
C PHE B 135 37.20 7.28 -9.39
N LEU B 136 38.40 6.84 -9.77
CA LEU B 136 38.60 6.06 -10.99
C LEU B 136 38.04 6.75 -12.25
N ASP B 137 38.07 8.10 -12.28
CA ASP B 137 37.76 8.85 -13.51
C ASP B 137 38.66 8.35 -14.65
N PRO B 138 38.11 8.23 -15.87
CA PRO B 138 38.92 7.85 -17.04
C PRO B 138 39.84 8.99 -17.48
N PRO B 139 40.91 8.69 -18.23
CA PRO B 139 41.84 9.79 -18.51
C PRO B 139 41.39 10.59 -19.73
N ASP B 140 40.09 10.87 -19.80
CA ASP B 140 39.51 11.78 -20.78
C ASP B 140 38.32 12.47 -20.11
N THR B 141 37.89 13.63 -20.58
CA THR B 141 36.66 14.24 -20.06
C THR B 141 35.51 13.31 -20.52
N HIS B 142 34.51 13.06 -19.69
CA HIS B 142 33.54 11.99 -19.98
C HIS B 142 32.15 12.21 -19.50
N ILE B 143 31.20 11.50 -20.11
CA ILE B 143 29.84 11.37 -19.58
C ILE B 143 29.79 10.14 -18.71
N GLY B 144 29.19 10.29 -17.53
CA GLY B 144 29.14 9.21 -16.52
C GLY B 144 27.75 9.07 -15.89
N ILE B 145 27.40 7.83 -15.55
CA ILE B 145 26.15 7.52 -14.85
C ILE B 145 26.56 7.20 -13.39
N ASP B 146 26.09 7.98 -12.41
CA ASP B 146 26.50 7.79 -10.99
C ASP B 146 25.30 7.38 -10.17
N VAL B 147 25.45 6.25 -9.50
CA VAL B 147 24.40 5.67 -8.69
C VAL B 147 24.90 5.53 -7.24
N ASN B 148 24.47 6.49 -6.40
CA ASN B 148 24.92 6.64 -5.00
C ASN B 148 26.44 6.63 -4.86
N SER B 149 27.14 7.36 -5.72
CA SER B 149 28.60 7.30 -5.76
C SER B 149 29.12 8.06 -6.94
N ILE B 150 30.16 8.84 -6.70
CA ILE B 150 30.82 9.66 -7.72
C ILE B 150 31.65 8.77 -8.64
N LYS B 151 31.80 7.53 -8.25
CA LYS B 151 32.46 6.53 -9.05
C LYS B 151 31.41 5.91 -9.97
N SER B 152 31.36 6.38 -11.21
CA SER B 152 30.33 6.00 -12.16
C SER B 152 30.25 4.51 -12.43
N ILE B 153 29.06 3.91 -12.48
CA ILE B 153 29.01 2.52 -12.94
C ILE B 153 29.21 2.44 -14.43
N LYS B 154 29.18 3.58 -15.11
CA LYS B 154 29.51 3.58 -16.52
C LYS B 154 29.93 4.91 -17.04
N THR B 155 30.77 4.91 -18.07
CA THR B 155 31.23 6.15 -18.68
C THR B 155 31.51 6.06 -20.20
N VAL B 156 31.47 7.19 -20.90
CA VAL B 156 31.90 7.23 -22.29
C VAL B 156 32.69 8.49 -22.55
N LYS B 157 33.53 8.44 -23.57
CA LYS B 157 34.30 9.62 -23.92
C LYS B 157 33.38 10.75 -24.29
N TRP B 158 33.58 11.91 -23.67
CA TRP B 158 32.96 13.16 -24.13
C TRP B 158 34.02 14.19 -24.39
N ASP B 159 34.06 14.71 -25.61
CA ASP B 159 35.04 15.74 -26.02
C ASP B 159 34.34 17.07 -25.95
N LEU B 160 34.92 17.96 -25.17
CA LEU B 160 34.28 19.23 -24.89
C LEU B 160 34.55 20.25 -26.03
N ALA B 161 33.48 20.75 -26.69
CA ALA B 161 33.55 21.89 -27.58
C ALA B 161 33.42 23.18 -26.77
N ASN B 162 34.58 23.76 -26.44
CA ASN B 162 34.67 24.90 -25.50
C ASN B 162 33.83 26.12 -25.89
N GLY B 163 32.99 26.57 -24.96
CA GLY B 163 32.10 27.71 -25.18
C GLY B 163 30.93 27.53 -26.14
N GLU B 164 30.88 26.40 -26.84
CA GLU B 164 29.74 26.10 -27.72
C GLU B 164 28.63 25.59 -26.84
N ALA B 165 27.39 25.72 -27.31
CA ALA B 165 26.24 25.17 -26.59
C ALA B 165 26.06 23.67 -26.88
N ALA B 166 25.76 22.95 -25.82
CA ALA B 166 25.52 21.50 -25.85
C ALA B 166 24.05 21.21 -25.59
N LYS B 167 23.47 20.36 -26.42
CA LYS B 167 22.09 19.91 -26.25
C LYS B 167 22.11 18.48 -25.70
N VAL B 168 21.45 18.30 -24.55
CA VAL B 168 21.36 17.00 -23.90
C VAL B 168 19.96 16.42 -23.96
N LEU B 169 19.89 15.11 -24.19
CA LEU B 169 18.67 14.38 -23.97
C LEU B 169 18.92 13.17 -23.05
N ILE B 170 18.15 13.06 -21.99
CA ILE B 170 18.33 12.02 -20.97
C ILE B 170 17.01 11.36 -20.84
N THR B 171 17.04 10.04 -20.91
CA THR B 171 15.85 9.27 -21.14
C THR B 171 15.78 8.04 -20.22
N TYR B 172 14.64 7.83 -19.59
CA TYR B 172 14.49 6.66 -18.73
C TYR B 172 13.19 5.89 -18.96
N ASP B 173 13.35 4.68 -19.44
CA ASP B 173 12.26 3.77 -19.81
C ASP B 173 12.06 2.79 -18.66
N SER B 174 10.95 2.91 -17.93
CA SER B 174 10.75 1.99 -16.79
C SER B 174 10.56 0.51 -17.11
N SER B 175 9.90 0.15 -18.20
CA SER B 175 9.85 -1.29 -18.55
C SER B 175 11.25 -1.91 -18.82
N ALA B 176 12.02 -1.33 -19.73
CA ALA B 176 13.45 -1.67 -19.94
C ALA B 176 14.33 -1.38 -18.69
N LYS B 177 13.98 -0.38 -17.89
CA LYS B 177 14.86 0.17 -16.82
C LYS B 177 16.18 0.66 -17.42
N LEU B 178 16.07 1.24 -18.61
CA LEU B 178 17.23 1.73 -19.35
C LEU B 178 17.43 3.29 -19.27
N LEU B 179 18.57 3.71 -18.77
CA LEU B 179 18.95 5.13 -18.74
C LEU B 179 19.77 5.38 -19.98
N VAL B 180 19.47 6.48 -20.68
CA VAL B 180 20.20 6.85 -21.89
C VAL B 180 20.45 8.34 -21.85
N ALA B 181 21.69 8.70 -22.05
CA ALA B 181 22.09 10.09 -22.14
C ALA B 181 22.75 10.32 -23.48
N ALA B 182 22.31 11.36 -24.18
CA ALA B 182 22.83 11.76 -25.47
C ALA B 182 23.32 13.22 -25.35
N LEU B 183 24.36 13.61 -26.07
CA LEU B 183 24.82 15.03 -26.15
C LEU B 183 25.35 15.38 -27.54
N VAL B 184 24.85 16.49 -28.08
CA VAL B 184 25.17 16.95 -29.41
C VAL B 184 25.66 18.44 -29.41
N TYR B 185 26.74 18.76 -30.13
CA TYR B 185 27.07 20.17 -30.43
C TYR B 185 26.65 20.59 -31.84
N PRO B 186 25.51 21.27 -31.98
CA PRO B 186 25.03 21.68 -33.30
C PRO B 186 26.10 22.46 -34.05
N SER B 187 26.80 23.32 -33.34
CA SER B 187 27.97 24.02 -33.86
C SER B 187 29.01 23.05 -34.49
N SER B 188 29.36 21.97 -33.80
CA SER B 188 30.43 21.13 -34.30
C SER B 188 29.95 19.87 -35.01
N LYS B 189 28.66 19.57 -34.87
CA LYS B 189 28.12 18.34 -35.44
C LYS B 189 28.76 17.10 -34.81
N THR B 190 29.34 17.22 -33.62
CA THR B 190 29.71 16.03 -32.88
C THR B 190 28.56 15.52 -31.97
N SER B 191 28.69 14.30 -31.47
CA SER B 191 27.58 13.61 -30.81
C SER B 191 28.10 12.45 -29.95
N PHE B 192 27.46 12.23 -28.78
CA PHE B 192 27.95 11.29 -27.73
C PHE B 192 26.73 10.67 -27.06
N ILE B 193 26.83 9.39 -26.68
CA ILE B 193 25.71 8.67 -26.13
C ILE B 193 26.19 7.59 -25.16
N LEU B 194 25.41 7.34 -24.12
CA LEU B 194 25.68 6.31 -23.18
C LEU B 194 24.38 5.67 -22.68
N SER B 195 24.41 4.36 -22.41
CA SER B 195 23.25 3.63 -21.90
C SER B 195 23.57 2.52 -20.88
N ASP B 196 22.61 2.29 -19.99
CA ASP B 196 22.80 1.30 -18.92
C ASP B 196 21.49 0.98 -18.24
N VAL B 197 21.40 -0.23 -17.69
CA VAL B 197 20.26 -0.58 -16.87
C VAL B 197 20.48 -0.04 -15.43
N VAL B 198 19.47 0.64 -14.88
CA VAL B 198 19.59 1.17 -13.54
C VAL B 198 18.26 0.97 -12.85
N ASP B 199 18.27 0.34 -11.68
CA ASP B 199 17.04 0.07 -10.99
C ASP B 199 16.73 1.19 -10.01
N LEU B 200 15.89 2.08 -10.50
CA LEU B 200 15.50 3.26 -9.77
C LEU B 200 14.75 2.90 -8.47
N LYS B 201 13.84 1.94 -8.56
CA LYS B 201 13.05 1.51 -7.40
C LYS B 201 13.89 1.13 -6.14
N SER B 202 15.17 0.81 -6.33
CA SER B 202 16.12 0.47 -5.26
C SER B 202 16.89 1.66 -4.69
N VAL B 203 17.07 2.71 -5.48
CA VAL B 203 18.06 3.71 -5.14
C VAL B 203 17.48 5.08 -4.80
N LEU B 204 16.30 5.39 -5.34
CA LEU B 204 15.60 6.65 -5.12
C LEU B 204 14.43 6.43 -4.22
N PRO B 205 14.05 7.47 -3.44
CA PRO B 205 12.79 7.33 -2.70
C PRO B 205 11.64 7.52 -3.68
N GLU B 206 10.42 7.27 -3.25
CA GLU B 206 9.27 7.39 -4.13
C GLU B 206 9.17 8.78 -4.73
N TRP B 207 9.69 9.73 -3.97
CA TRP B 207 9.60 11.14 -4.27
C TRP B 207 10.99 11.74 -4.29
N VAL B 208 11.20 12.62 -5.27
CA VAL B 208 12.48 13.25 -5.49
C VAL B 208 12.23 14.66 -5.94
N SER B 209 13.28 15.46 -5.86
CA SER B 209 13.32 16.72 -6.53
C SER B 209 14.37 16.47 -7.60
N ILE B 210 14.21 17.09 -8.76
CA ILE B 210 15.19 16.89 -9.82
C ILE B 210 15.88 18.19 -10.24
N GLY B 211 17.15 18.09 -10.59
CA GLY B 211 17.82 19.25 -11.16
C GLY B 211 19.27 19.16 -11.64
N PHE B 212 19.94 20.29 -11.49
CA PHE B 212 21.33 20.41 -11.86
C PHE B 212 22.18 20.71 -10.61
N SER B 213 23.45 20.30 -10.66
CA SER B 213 24.44 20.76 -9.69
C SER B 213 25.74 20.82 -10.45
N ALA B 214 26.62 21.71 -10.06
CA ALA B 214 27.85 21.87 -10.81
C ALA B 214 28.88 22.48 -9.88
N ALA B 215 30.16 22.25 -10.18
CA ALA B 215 31.26 22.85 -9.41
C ALA B 215 32.49 23.12 -10.26
N THR B 216 33.28 24.09 -9.78
CA THR B 216 34.56 24.48 -10.37
C THR B 216 35.65 24.00 -9.44
N GLY B 217 36.88 23.95 -9.96
CA GLY B 217 38.03 23.45 -9.17
C GLY B 217 38.35 24.11 -7.84
N ALA B 218 39.15 23.41 -7.02
CA ALA B 218 39.76 23.95 -5.80
C ALA B 218 41.11 24.66 -6.06
N SER B 219 42.02 24.00 -6.77
CA SER B 219 43.21 24.69 -7.30
C SER B 219 42.70 25.81 -8.19
N SER B 220 43.09 27.05 -7.91
CA SER B 220 42.69 28.18 -8.76
C SER B 220 43.40 28.09 -10.11
N GLY B 221 42.73 28.52 -11.17
CA GLY B 221 43.21 28.26 -12.54
C GLY B 221 42.53 27.05 -13.18
N TYR B 222 41.75 26.32 -12.38
CA TYR B 222 40.96 25.14 -12.83
C TYR B 222 39.46 25.47 -12.72
N ILE B 223 39.00 26.19 -13.73
CA ILE B 223 37.83 27.01 -13.65
C ILE B 223 37.08 26.95 -14.98
N GLU B 224 35.77 26.98 -14.90
CA GLU B 224 34.93 26.98 -16.09
C GLU B 224 33.53 27.42 -15.75
N THR B 225 32.89 27.97 -16.77
CA THR B 225 31.51 28.35 -16.72
C THR B 225 30.67 27.06 -16.60
N HIS B 226 29.50 27.12 -15.93
CA HIS B 226 28.47 26.06 -16.05
C HIS B 226 27.09 26.59 -16.21
N ASP B 227 26.76 27.10 -17.41
CA ASP B 227 25.46 27.76 -17.69
C ASP B 227 24.34 26.93 -18.38
N VAL B 228 23.15 26.90 -17.78
CA VAL B 228 22.04 26.25 -18.42
C VAL B 228 21.20 27.33 -19.07
N PHE B 229 20.88 27.20 -20.37
CA PHE B 229 19.96 28.12 -21.09
C PHE B 229 18.48 27.73 -21.16
N SER B 230 18.17 26.44 -21.07
CA SER B 230 16.77 25.98 -21.16
C SER B 230 16.72 24.53 -20.77
N TRP B 231 15.53 24.10 -20.32
CA TRP B 231 15.34 22.84 -19.63
C TRP B 231 13.90 22.50 -19.69
N SER B 232 13.58 21.31 -20.24
CA SER B 232 12.22 20.78 -20.17
C SER B 232 12.23 19.38 -19.56
N PHE B 233 11.13 19.00 -18.91
CA PHE B 233 11.09 17.70 -18.13
C PHE B 233 9.70 17.11 -18.21
N ALA B 234 9.63 15.79 -18.29
CA ALA B 234 8.33 15.13 -18.25
C ALA B 234 8.50 13.76 -17.61
N SER B 235 7.56 13.45 -16.75
CA SER B 235 7.55 12.11 -16.17
C SER B 235 6.11 11.56 -16.21
N LYS B 236 6.06 10.24 -16.40
CA LYS B 236 4.82 9.45 -16.40
C LYS B 236 4.97 8.18 -15.51
N LEU B 237 4.10 8.05 -14.51
CA LEU B 237 4.06 6.87 -13.68
C LEU B 237 2.66 6.22 -13.74
N SER B 238 2.57 5.00 -14.26
CA SER B 238 1.26 4.32 -14.41
C SER B 238 0.67 3.62 -13.17
N PHE B 239 -0.64 3.33 -13.19
CA PHE B 239 -1.31 2.57 -12.12
C PHE B 239 -1.51 1.07 -12.44
N THR C 1 9.25 28.93 -24.92
CA THR C 1 8.10 29.44 -24.14
C THR C 1 7.99 28.76 -22.75
N ASN C 2 7.29 29.38 -21.80
CA ASN C 2 7.30 28.88 -20.43
C ASN C 2 6.03 28.08 -20.02
N THR C 3 6.21 26.78 -19.79
CA THR C 3 5.04 25.93 -19.62
C THR C 3 5.18 24.92 -18.52
N ASP C 4 4.02 24.55 -17.96
CA ASP C 4 3.99 23.82 -16.74
C ASP C 4 2.73 23.00 -16.63
N SER C 5 2.87 21.75 -16.25
CA SER C 5 1.70 20.90 -16.23
C SER C 5 1.84 19.62 -15.39
N PHE C 6 0.67 19.01 -15.14
CA PHE C 6 0.63 17.93 -14.20
C PHE C 6 -0.68 17.19 -14.29
N THR C 7 -0.68 15.94 -13.81
CA THR C 7 -1.87 15.09 -13.85
C THR C 7 -1.90 14.18 -12.64
N PHE C 8 -3.05 14.23 -11.97
CA PHE C 8 -3.38 13.41 -10.85
C PHE C 8 -4.58 12.62 -11.33
N SER C 9 -4.37 11.38 -11.72
CA SER C 9 -5.51 10.48 -12.01
C SER C 9 -6.12 9.91 -10.72
N LYS C 10 -5.29 9.79 -9.68
CA LYS C 10 -5.76 9.51 -8.31
C LYS C 10 -4.98 10.41 -7.35
N PHE C 11 -5.41 10.47 -6.11
CA PHE C 11 -4.66 11.21 -5.11
C PHE C 11 -4.09 10.19 -4.11
N LYS C 12 -2.96 10.51 -3.50
CA LYS C 12 -2.26 9.58 -2.63
C LYS C 12 -2.19 10.13 -1.22
N PRO C 13 -2.37 9.25 -0.20
CA PRO C 13 -2.21 9.61 1.24
C PRO C 13 -0.97 10.50 1.48
N ASN C 14 0.16 10.17 0.88
CA ASN C 14 1.30 11.09 0.81
C ASN C 14 1.37 11.78 -0.54
N GLN C 15 1.17 13.10 -0.56
CA GLN C 15 1.12 13.87 -1.83
C GLN C 15 1.84 15.22 -1.67
N PRO C 16 3.19 15.20 -1.67
CA PRO C 16 3.94 16.46 -1.40
C PRO C 16 3.78 17.56 -2.44
N ASN C 17 3.29 17.24 -3.63
CA ASN C 17 3.04 18.27 -4.62
C ASN C 17 1.67 18.93 -4.49
N LEU C 18 0.95 18.62 -3.43
CA LEU C 18 -0.32 19.28 -3.15
C LEU C 18 -0.24 19.90 -1.74
N LYS C 19 -0.42 21.21 -1.62
CA LYS C 19 -0.56 21.79 -0.27
C LYS C 19 -2.03 21.70 0.11
N LYS C 20 -2.30 21.05 1.26
CA LYS C 20 -3.65 20.94 1.82
C LYS C 20 -3.94 22.00 2.87
N GLN C 21 -5.03 22.73 2.67
CA GLN C 21 -5.31 23.82 3.58
C GLN C 21 -6.66 23.53 4.20
N GLY C 22 -6.81 23.91 5.48
CA GLY C 22 -8.08 23.74 6.19
C GLY C 22 -8.40 22.26 6.37
N ASP C 23 -9.63 21.86 6.10
CA ASP C 23 -10.03 20.45 6.22
C ASP C 23 -9.65 19.49 5.11
N ALA C 24 -9.18 20.00 3.97
CA ALA C 24 -8.82 19.16 2.84
C ALA C 24 -8.03 17.97 3.30
N THR C 25 -8.47 16.80 2.85
CA THR C 25 -7.75 15.57 3.12
C THR C 25 -7.82 14.54 1.97
N VAL C 26 -6.83 13.65 1.89
CA VAL C 26 -6.84 12.61 0.87
C VAL C 26 -7.10 11.24 1.50
N THR C 27 -8.27 10.67 1.20
CA THR C 27 -8.68 9.35 1.70
C THR C 27 -7.71 8.26 1.31
N SER C 28 -7.82 7.13 2.01
CA SER C 28 -7.03 5.95 1.74
C SER C 28 -7.40 5.37 0.36
N SER C 29 -8.60 5.64 -0.14
CA SER C 29 -8.95 5.15 -1.46
C SER C 29 -8.62 6.15 -2.57
N GLY C 30 -8.11 7.34 -2.21
CA GLY C 30 -7.61 8.31 -3.16
C GLY C 30 -8.49 9.50 -3.53
N THR C 31 -9.53 9.74 -2.79
CA THR C 31 -10.37 10.88 -3.01
C THR C 31 -9.77 12.12 -2.35
N LEU C 32 -9.88 13.28 -2.99
CA LEU C 32 -9.53 14.53 -2.35
C LEU C 32 -10.81 15.12 -1.73
N GLN C 33 -11.03 14.77 -0.46
CA GLN C 33 -12.11 15.36 0.34
C GLN C 33 -11.81 16.78 0.71
N LEU C 34 -12.41 17.72 0.01
CA LEU C 34 -12.09 19.09 0.24
C LEU C 34 -12.69 19.57 1.55
N THR C 35 -13.93 19.18 1.80
CA THR C 35 -14.62 19.48 3.06
C THR C 35 -14.83 18.21 3.89
N LYS C 36 -15.12 18.37 5.17
CA LYS C 36 -15.10 17.23 6.11
C LYS C 36 -16.25 16.22 5.95
N VAL C 37 -15.89 14.94 6.14
CA VAL C 37 -16.74 13.80 5.88
C VAL C 37 -16.43 12.75 6.94
N ASP C 38 -17.41 12.39 7.79
CA ASP C 38 -17.22 11.27 8.75
C ASP C 38 -17.12 9.86 8.10
N LYS C 39 -16.90 8.82 8.92
CA LYS C 39 -16.59 7.45 8.45
C LYS C 39 -17.80 6.72 7.84
N ASN C 40 -18.99 7.28 8.06
CA ASN C 40 -20.22 6.79 7.42
C ASN C 40 -20.45 7.40 6.04
N GLY C 41 -19.74 8.51 5.78
CA GLY C 41 -19.81 9.25 4.52
C GLY C 41 -20.59 10.53 4.68
N VAL C 42 -20.90 10.90 5.92
CA VAL C 42 -21.80 12.01 6.12
C VAL C 42 -21.01 13.33 6.09
N PRO C 43 -21.44 14.27 5.25
CA PRO C 43 -20.78 15.55 5.18
C PRO C 43 -21.12 16.37 6.40
N ASP C 44 -20.12 17.02 6.98
CA ASP C 44 -20.26 17.77 8.24
C ASP C 44 -20.23 19.28 8.03
N PRO C 45 -21.04 20.04 8.81
CA PRO C 45 -21.21 21.51 8.56
C PRO C 45 -19.99 22.36 9.00
N LYS C 46 -20.00 23.66 8.71
CA LYS C 46 -18.88 24.54 9.06
C LYS C 46 -17.49 23.93 8.63
N SER C 47 -17.31 23.77 7.32
CA SER C 47 -16.09 23.16 6.76
C SER C 47 -15.46 24.03 5.66
N LEU C 48 -14.14 24.02 5.62
CA LEU C 48 -13.40 24.80 4.67
C LEU C 48 -12.16 24.02 4.33
N GLY C 49 -11.98 23.76 3.03
CA GLY C 49 -10.86 22.97 2.51
C GLY C 49 -10.41 23.55 1.18
N ARG C 50 -9.10 23.59 0.97
CA ARG C 50 -8.56 24.05 -0.30
C ARG C 50 -7.34 23.22 -0.58
N ALA C 51 -7.03 23.00 -1.86
CA ALA C 51 -5.94 22.12 -2.22
C ALA C 51 -5.36 22.80 -3.42
N LEU C 52 -4.04 22.92 -3.47
CA LEU C 52 -3.42 23.47 -4.67
C LEU C 52 -2.05 22.93 -4.88
N TYR C 53 -1.63 23.00 -6.14
CA TYR C 53 -0.40 22.43 -6.64
C TYR C 53 0.81 23.14 -6.04
N ALA C 54 1.73 22.34 -5.50
CA ALA C 54 2.92 22.79 -4.76
C ALA C 54 3.68 23.91 -5.46
N SER C 55 3.69 23.91 -6.80
CA SER C 55 4.57 24.75 -7.60
C SER C 55 3.85 25.92 -8.28
N PRO C 56 4.45 27.13 -8.24
CA PRO C 56 3.80 28.34 -8.81
C PRO C 56 3.76 28.33 -10.32
N ILE C 57 2.71 28.94 -10.87
CA ILE C 57 2.50 29.01 -12.32
C ILE C 57 2.75 30.46 -12.81
N ASN C 58 3.58 30.61 -13.83
CA ASN C 58 3.82 31.88 -14.50
C ASN C 58 2.71 32.12 -15.51
N ILE C 59 1.74 32.96 -15.14
CA ILE C 59 0.53 33.15 -15.93
C ILE C 59 0.55 34.41 -16.81
N TRP C 60 1.54 35.26 -16.60
CA TRP C 60 1.80 36.43 -17.50
C TRP C 60 3.14 37.07 -17.22
N ASP C 61 3.59 37.95 -18.12
CA ASP C 61 4.97 38.48 -18.12
C ASP C 61 5.01 39.98 -18.44
N SER C 62 5.51 40.78 -17.49
CA SER C 62 5.60 42.27 -17.65
C SER C 62 6.61 42.74 -18.70
N LYS C 63 7.83 42.22 -18.65
CA LYS C 63 8.85 42.58 -19.63
C LYS C 63 8.32 42.34 -21.06
N THR C 64 7.33 41.45 -21.18
CA THR C 64 6.82 41.05 -22.49
C THR C 64 5.35 41.37 -22.74
N GLY C 65 4.53 41.39 -21.68
CA GLY C 65 3.09 41.64 -21.79
C GLY C 65 2.28 40.48 -22.33
N VAL C 66 2.93 39.35 -22.57
CA VAL C 66 2.24 38.16 -23.06
C VAL C 66 1.48 37.53 -21.87
N VAL C 67 0.33 36.91 -22.17
CA VAL C 67 -0.47 36.20 -21.17
C VAL C 67 -0.54 34.72 -21.48
N ALA C 68 -0.56 33.90 -20.44
CA ALA C 68 -0.65 32.45 -20.60
C ALA C 68 -1.98 31.99 -21.13
N SER C 69 -1.95 31.05 -22.06
CA SER C 69 -3.11 30.19 -22.28
C SER C 69 -3.05 29.09 -21.26
N PHE C 70 -4.22 28.60 -20.86
CA PHE C 70 -4.28 27.39 -20.03
C PHE C 70 -5.57 26.57 -20.13
N ALA C 71 -5.48 25.38 -19.56
CA ALA C 71 -6.54 24.43 -19.71
C ALA C 71 -6.43 23.48 -18.55
N THR C 72 -7.58 23.22 -17.92
CA THR C 72 -7.65 22.28 -16.80
C THR C 72 -8.93 21.40 -16.79
N SER C 73 -8.78 20.12 -16.45
CA SER C 73 -9.94 19.27 -16.31
C SER C 73 -9.89 18.59 -14.96
N PHE C 74 -11.07 18.29 -14.41
CA PHE C 74 -11.23 17.52 -13.16
C PHE C 74 -12.60 16.76 -13.09
N ARG C 75 -12.68 15.78 -12.20
CA ARG C 75 -13.81 14.89 -11.98
C ARG C 75 -14.08 14.98 -10.46
N PHE C 76 -15.26 15.45 -10.09
CA PHE C 76 -15.62 15.71 -8.71
C PHE C 76 -17.05 15.25 -8.48
N THR C 77 -17.30 14.74 -7.28
CA THR C 77 -18.66 14.39 -6.86
C THR C 77 -19.10 15.17 -5.67
N ILE C 78 -20.32 15.71 -5.77
CA ILE C 78 -21.04 16.28 -4.62
C ILE C 78 -22.19 15.35 -4.17
N TYR C 79 -22.11 14.80 -2.96
CA TYR C 79 -23.16 13.95 -2.39
C TYR C 79 -23.89 14.73 -1.29
N ALA C 80 -25.22 14.68 -1.29
CA ALA C 80 -26.11 15.39 -0.32
C ALA C 80 -27.16 14.43 0.26
N PRO C 81 -27.20 14.29 1.60
CA PRO C 81 -28.07 13.30 2.22
C PRO C 81 -29.51 13.73 2.08
N ASN C 82 -29.71 15.04 2.23
CA ASN C 82 -30.98 15.68 1.95
C ASN C 82 -30.81 16.67 0.82
N ILE C 83 -31.10 16.15 -0.37
CA ILE C 83 -31.18 16.89 -1.62
C ILE C 83 -31.68 18.34 -1.49
N ALA C 84 -32.57 18.57 -0.54
CA ALA C 84 -33.30 19.84 -0.53
C ALA C 84 -32.61 20.96 0.27
N THR C 85 -31.75 20.60 1.23
CA THR C 85 -30.93 21.58 1.94
C THR C 85 -29.43 21.29 1.76
N ILE C 86 -28.78 22.13 0.93
CA ILE C 86 -27.38 21.91 0.45
C ILE C 86 -26.58 23.20 0.45
N ALA C 87 -25.29 23.13 0.75
CA ALA C 87 -24.47 24.34 0.77
C ALA C 87 -23.02 23.97 0.91
N ASP C 88 -22.06 24.82 0.52
CA ASP C 88 -22.24 26.06 -0.23
C ASP C 88 -21.69 26.04 -1.65
N GLY C 89 -20.72 25.19 -1.92
CA GLY C 89 -20.15 25.11 -3.25
C GLY C 89 -18.71 24.66 -3.29
N LEU C 90 -18.20 24.46 -4.50
CA LEU C 90 -16.76 24.27 -4.70
C LEU C 90 -16.31 25.08 -5.88
N ALA C 91 -15.02 25.45 -5.88
CA ALA C 91 -14.44 26.34 -6.88
C ALA C 91 -13.02 25.94 -7.35
N PHE C 92 -12.75 26.10 -8.65
CA PHE C 92 -11.38 25.96 -9.16
C PHE C 92 -10.83 27.35 -9.15
N PHE C 93 -9.65 27.58 -8.57
CA PHE C 93 -9.21 28.96 -8.58
C PHE C 93 -7.79 29.19 -9.00
N LEU C 94 -7.55 30.42 -9.48
CA LEU C 94 -6.22 30.96 -9.57
C LEU C 94 -6.10 32.13 -8.57
N ALA C 95 -5.04 32.09 -7.77
CA ALA C 95 -4.79 33.09 -6.73
C ALA C 95 -3.28 33.33 -6.59
N PRO C 96 -2.86 34.22 -5.67
CA PRO C 96 -1.38 34.35 -5.43
C PRO C 96 -0.76 33.13 -4.79
N VAL C 97 0.53 32.97 -5.07
CA VAL C 97 1.44 32.13 -4.30
C VAL C 97 1.85 33.16 -3.28
N SER C 98 1.51 32.98 -2.01
CA SER C 98 0.71 31.88 -1.55
C SER C 98 -0.53 32.45 -0.86
N SER C 99 -1.68 32.22 -1.47
CA SER C 99 -2.93 32.65 -0.90
C SER C 99 -3.22 31.76 0.30
N PRO C 100 -3.98 32.28 1.28
CA PRO C 100 -4.51 31.40 2.31
C PRO C 100 -6.05 31.44 2.29
N PRO C 101 -6.68 30.45 2.95
CA PRO C 101 -8.14 30.37 3.00
C PRO C 101 -8.80 31.61 3.63
N LYS C 102 -9.63 32.32 2.87
CA LYS C 102 -10.45 33.40 3.39
C LYS C 102 -11.69 32.82 4.10
N ALA C 103 -12.79 33.57 4.11
CA ALA C 103 -14.00 33.20 4.87
C ALA C 103 -14.69 31.96 4.24
N GLY C 104 -15.27 31.11 5.09
CA GLY C 104 -15.98 29.92 4.62
C GLY C 104 -17.35 30.25 4.04
N ALA C 105 -18.26 29.29 4.12
CA ALA C 105 -19.62 29.45 3.58
C ALA C 105 -19.68 29.99 2.14
N GLY C 106 -20.71 30.80 1.86
CA GLY C 106 -20.90 31.34 0.51
C GLY C 106 -19.75 32.10 -0.15
N PHE C 107 -18.66 32.28 0.58
CA PHE C 107 -17.45 32.96 0.07
C PHE C 107 -16.50 31.86 -0.47
N LEU C 108 -16.75 30.62 -0.04
CA LEU C 108 -16.11 29.43 -0.62
C LEU C 108 -14.60 29.40 -0.39
N GLY C 109 -14.17 30.05 0.69
CA GLY C 109 -12.77 30.10 1.08
C GLY C 109 -11.91 31.03 0.26
N LEU C 110 -12.52 31.84 -0.60
CA LEU C 110 -11.78 32.70 -1.53
C LEU C 110 -11.97 34.18 -1.31
N PHE C 111 -12.96 34.54 -0.52
CA PHE C 111 -13.28 35.94 -0.30
C PHE C 111 -13.74 36.17 1.14
N ASP C 112 -13.66 37.42 1.58
CA ASP C 112 -14.07 37.83 2.92
C ASP C 112 -15.44 38.51 3.05
N SER C 113 -15.84 39.30 2.05
CA SER C 113 -17.14 39.99 2.06
C SER C 113 -17.76 40.03 0.66
N ALA C 114 -18.84 40.79 0.50
CA ALA C 114 -19.54 40.82 -0.78
C ALA C 114 -18.86 41.69 -1.85
N VAL C 115 -18.02 42.65 -1.43
CA VAL C 115 -17.54 43.69 -2.38
C VAL C 115 -16.34 43.26 -3.23
N PHE C 116 -16.25 43.80 -4.45
CA PHE C 116 -15.08 43.59 -5.31
C PHE C 116 -13.88 44.34 -4.73
N ASN C 117 -12.71 43.73 -4.84
CA ASN C 117 -11.45 44.30 -4.36
C ASN C 117 -10.30 43.84 -5.26
N SER C 118 -9.67 44.83 -5.91
CA SER C 118 -8.40 44.69 -6.64
C SER C 118 -7.46 43.69 -6.00
N SER C 119 -7.27 43.84 -4.68
CA SER C 119 -6.18 43.14 -4.00
C SER C 119 -6.39 41.64 -3.87
N TYR C 120 -7.63 41.19 -4.07
CA TYR C 120 -7.94 39.75 -4.07
C TYR C 120 -7.05 38.96 -5.04
N GLN C 121 -6.91 39.49 -6.27
CA GLN C 121 -6.08 38.94 -7.35
C GLN C 121 -6.43 37.44 -7.52
N THR C 122 -7.73 37.20 -7.57
CA THR C 122 -8.30 35.86 -7.56
C THR C 122 -9.33 35.82 -8.68
N VAL C 123 -9.16 34.83 -9.56
CA VAL C 123 -10.16 34.44 -10.57
C VAL C 123 -10.58 33.01 -10.24
N ALA C 124 -11.88 32.77 -10.20
CA ALA C 124 -12.39 31.45 -9.83
C ALA C 124 -13.60 31.06 -10.65
N VAL C 125 -13.69 29.78 -10.98
CA VAL C 125 -14.88 29.29 -11.59
C VAL C 125 -15.54 28.56 -10.46
N GLU C 126 -16.77 28.92 -10.21
CA GLU C 126 -17.45 28.45 -9.03
C GLU C 126 -18.65 27.55 -9.39
N PHE C 127 -18.87 26.54 -8.56
CA PHE C 127 -19.99 25.63 -8.71
C PHE C 127 -20.72 25.81 -7.42
N ASP C 128 -21.82 26.54 -7.52
CA ASP C 128 -22.44 27.17 -6.38
C ASP C 128 -23.84 26.59 -6.08
N THR C 129 -23.95 25.91 -4.93
CA THR C 129 -25.17 25.21 -4.59
C THR C 129 -26.19 25.91 -3.67
N TYR C 130 -25.90 27.13 -3.24
CA TYR C 130 -26.79 27.78 -2.26
C TYR C 130 -26.96 29.28 -2.52
N GLU C 131 -28.20 29.74 -2.58
CA GLU C 131 -28.45 31.14 -2.92
C GLU C 131 -28.13 32.15 -1.77
N ASN C 132 -27.07 32.94 -1.95
CA ASN C 132 -26.80 34.06 -1.09
C ASN C 132 -27.20 35.29 -1.88
N THR C 133 -28.37 35.83 -1.53
CA THR C 133 -28.96 37.02 -2.18
C THR C 133 -28.07 38.26 -1.96
N VAL C 134 -27.48 38.32 -0.75
CA VAL C 134 -26.42 39.29 -0.45
C VAL C 134 -25.33 39.37 -1.59
N PHE C 135 -25.06 38.25 -2.28
CA PHE C 135 -24.03 38.18 -3.32
C PHE C 135 -24.56 38.26 -4.76
N LEU C 136 -25.88 38.45 -4.90
CA LEU C 136 -26.58 38.45 -6.20
C LEU C 136 -26.56 37.04 -6.87
N ASP C 137 -26.41 36.00 -6.03
CA ASP C 137 -26.75 34.65 -6.46
C ASP C 137 -28.15 34.56 -7.05
N PRO C 138 -28.28 33.89 -8.22
CA PRO C 138 -29.59 33.50 -8.79
C PRO C 138 -30.30 32.43 -7.96
N PRO C 139 -31.62 32.23 -8.21
CA PRO C 139 -32.44 31.26 -7.48
C PRO C 139 -32.11 29.80 -7.78
N ASP C 140 -31.10 29.52 -8.57
CA ASP C 140 -30.86 28.14 -9.02
C ASP C 140 -29.40 27.81 -8.77
N THR C 141 -29.10 26.54 -8.51
CA THR C 141 -27.71 26.14 -8.42
C THR C 141 -27.05 26.47 -9.78
N HIS C 142 -25.82 26.96 -9.74
CA HIS C 142 -25.28 27.63 -10.90
C HIS C 142 -23.80 27.49 -11.02
N ILE C 143 -23.28 27.83 -12.19
CA ILE C 143 -21.85 27.92 -12.42
C ILE C 143 -21.66 29.40 -12.64
N GLY C 144 -20.53 29.92 -12.19
CA GLY C 144 -20.29 31.37 -12.32
C GLY C 144 -18.82 31.70 -12.41
N ILE C 145 -18.50 32.82 -13.04
CA ILE C 145 -17.11 33.23 -13.10
C ILE C 145 -16.85 34.46 -12.22
N ASP C 146 -15.97 34.25 -11.25
CA ASP C 146 -15.67 35.15 -10.12
C ASP C 146 -14.33 35.84 -10.36
N VAL C 147 -14.38 37.18 -10.50
CA VAL C 147 -13.18 37.98 -10.77
C VAL C 147 -13.01 38.95 -9.60
N ASN C 148 -12.24 38.57 -8.58
CA ASN C 148 -12.05 39.46 -7.41
C ASN C 148 -13.30 39.75 -6.60
N SER C 149 -14.43 39.26 -7.06
CA SER C 149 -15.66 39.35 -6.30
C SER C 149 -16.38 38.01 -6.25
N ILE C 150 -17.10 37.76 -5.17
CA ILE C 150 -18.00 36.64 -5.11
C ILE C 150 -19.31 36.96 -5.87
N LYS C 151 -19.53 38.23 -6.24
CA LYS C 151 -20.60 38.56 -7.14
C LYS C 151 -20.19 38.20 -8.59
N SER C 152 -20.48 36.97 -9.02
CA SER C 152 -20.02 36.47 -10.30
C SER C 152 -20.26 37.45 -11.46
N ILE C 153 -19.22 37.79 -12.21
CA ILE C 153 -19.46 38.63 -13.38
C ILE C 153 -20.44 37.97 -14.38
N LYS C 154 -20.47 36.63 -14.48
CA LYS C 154 -21.47 35.95 -15.31
C LYS C 154 -21.88 34.59 -14.72
N THR C 155 -23.11 34.11 -15.00
CA THR C 155 -23.55 32.76 -14.53
C THR C 155 -24.39 31.93 -15.55
N VAL C 156 -24.61 30.66 -15.21
CA VAL C 156 -25.54 29.82 -15.95
C VAL C 156 -26.09 28.70 -15.06
N LYS C 157 -27.29 28.25 -15.37
CA LYS C 157 -27.94 27.22 -14.56
C LYS C 157 -27.08 25.98 -14.61
N TRP C 158 -27.05 25.26 -13.49
CA TRP C 158 -26.35 24.02 -13.39
C TRP C 158 -27.12 23.08 -12.53
N ASP C 159 -27.82 22.14 -13.13
CA ASP C 159 -28.59 21.20 -12.30
C ASP C 159 -27.72 20.13 -11.70
N LEU C 160 -27.52 20.23 -10.40
CA LEU C 160 -26.72 19.25 -9.67
C LEU C 160 -27.37 17.87 -9.82
N ALA C 161 -26.54 16.84 -9.95
CA ALA C 161 -27.01 15.46 -10.03
C ALA C 161 -26.33 14.69 -8.91
N ASN C 162 -27.12 14.43 -7.88
CA ASN C 162 -26.66 13.98 -6.57
C ASN C 162 -25.79 12.73 -6.57
N GLY C 163 -24.62 12.85 -5.94
CA GLY C 163 -23.64 11.77 -5.88
C GLY C 163 -23.21 11.15 -7.21
N GLU C 164 -23.45 11.84 -8.33
CA GLU C 164 -22.96 11.42 -9.64
C GLU C 164 -21.67 12.19 -9.93
N ALA C 165 -20.76 11.56 -10.69
CA ALA C 165 -19.44 12.18 -11.00
C ALA C 165 -19.61 13.21 -12.11
N ALA C 166 -19.14 14.44 -11.86
CA ALA C 166 -19.20 15.49 -12.88
C ALA C 166 -17.83 15.68 -13.53
N LYS C 167 -17.76 15.72 -14.86
CA LYS C 167 -16.49 16.04 -15.55
C LYS C 167 -16.42 17.49 -15.99
N VAL C 168 -15.41 18.21 -15.55
CA VAL C 168 -15.26 19.64 -15.89
C VAL C 168 -14.08 19.91 -16.83
N LEU C 169 -14.30 20.79 -17.79
CA LEU C 169 -13.21 21.37 -18.57
C LEU C 169 -13.23 22.91 -18.50
N ILE C 170 -12.12 23.48 -18.05
CA ILE C 170 -11.94 24.94 -18.00
C ILE C 170 -10.73 25.36 -18.82
N THR C 171 -10.96 26.40 -19.61
CA THR C 171 -10.16 26.77 -20.74
C THR C 171 -9.94 28.28 -20.84
N TYR C 172 -8.70 28.70 -20.99
CA TYR C 172 -8.37 30.10 -21.18
C TYR C 172 -7.49 30.41 -22.40
N ASP C 173 -8.02 31.19 -23.34
CA ASP C 173 -7.37 31.59 -24.60
C ASP C 173 -6.85 33.03 -24.55
N SER C 174 -5.54 33.24 -24.47
CA SER C 174 -5.07 34.61 -24.13
C SER C 174 -5.12 35.54 -25.34
N SER C 175 -5.07 34.93 -26.51
CA SER C 175 -5.45 35.61 -27.76
C SER C 175 -6.86 36.25 -27.76
N ALA C 176 -7.89 35.45 -27.51
CA ALA C 176 -9.31 35.89 -27.49
C ALA C 176 -9.67 36.58 -26.14
N LYS C 177 -8.87 36.30 -25.08
CA LYS C 177 -9.24 36.59 -23.68
C LYS C 177 -10.42 35.80 -23.13
N LEU C 178 -10.88 34.82 -23.87
CA LEU C 178 -12.07 34.02 -23.54
C LEU C 178 -11.84 32.90 -22.53
N LEU C 179 -12.55 32.97 -21.41
CA LEU C 179 -12.52 31.90 -20.42
C LEU C 179 -13.77 31.04 -20.65
N VAL C 180 -13.62 29.71 -20.62
CA VAL C 180 -14.80 28.82 -20.85
C VAL C 180 -14.81 27.75 -19.77
N ALA C 181 -15.98 27.55 -19.17
CA ALA C 181 -16.17 26.48 -18.19
C ALA C 181 -17.22 25.57 -18.77
N ALA C 182 -17.02 24.26 -18.69
CA ALA C 182 -17.98 23.23 -19.21
C ALA C 182 -18.17 22.16 -18.14
N LEU C 183 -19.38 21.63 -18.00
CA LEU C 183 -19.60 20.49 -17.07
C LEU C 183 -20.57 19.48 -17.61
N VAL C 184 -20.20 18.22 -17.42
CA VAL C 184 -20.94 17.08 -17.93
C VAL C 184 -21.11 15.93 -16.89
N TYR C 185 -22.22 15.22 -17.02
CA TYR C 185 -22.52 14.06 -16.20
C TYR C 185 -22.71 12.91 -17.16
N PRO C 186 -21.70 12.07 -17.29
CA PRO C 186 -21.84 10.93 -18.21
C PRO C 186 -23.06 10.09 -17.87
N SER C 187 -23.32 9.86 -16.57
CA SER C 187 -24.51 9.14 -16.09
C SER C 187 -25.82 9.70 -16.64
N SER C 188 -26.10 10.96 -16.35
CA SER C 188 -27.38 11.55 -16.71
C SER C 188 -27.37 12.15 -18.10
N LYS C 189 -26.19 12.18 -18.75
CA LYS C 189 -26.02 12.72 -20.12
C LYS C 189 -26.41 14.21 -20.25
N THR C 190 -26.30 14.92 -19.13
CA THR C 190 -26.59 16.32 -19.06
C THR C 190 -25.30 17.18 -19.16
N SER C 191 -25.43 18.44 -19.58
CA SER C 191 -24.26 19.30 -19.91
C SER C 191 -24.57 20.78 -19.76
N PHE C 192 -23.57 21.61 -19.46
CA PHE C 192 -23.76 23.04 -19.07
C PHE C 192 -22.44 23.73 -19.44
N ILE C 193 -22.54 24.95 -19.97
CA ILE C 193 -21.35 25.63 -20.47
C ILE C 193 -21.52 27.14 -20.32
N LEU C 194 -20.43 27.82 -20.05
CA LEU C 194 -20.46 29.23 -19.78
C LEU C 194 -19.22 29.77 -20.37
N SER C 195 -19.31 30.95 -20.97
CA SER C 195 -18.09 31.67 -21.37
C SER C 195 -18.15 33.19 -21.23
N ASP C 196 -17.00 33.82 -21.03
CA ASP C 196 -16.90 35.26 -20.92
C ASP C 196 -15.49 35.76 -21.22
N VAL C 197 -15.38 37.05 -21.55
CA VAL C 197 -14.07 37.71 -21.63
C VAL C 197 -13.64 38.14 -20.22
N VAL C 198 -12.47 37.66 -19.77
CA VAL C 198 -11.81 38.20 -18.61
C VAL C 198 -10.36 38.46 -18.95
N ASP C 199 -9.82 39.52 -18.34
CA ASP C 199 -8.46 39.98 -18.55
C ASP C 199 -7.63 39.55 -17.33
N LEU C 200 -6.81 38.51 -17.50
CA LEU C 200 -6.04 37.98 -16.37
C LEU C 200 -4.95 38.96 -15.94
N LYS C 201 -4.27 39.55 -16.92
CA LYS C 201 -3.09 40.40 -16.69
C LYS C 201 -3.37 41.52 -15.69
N SER C 202 -4.55 42.11 -15.82
CA SER C 202 -4.94 43.26 -15.02
C SER C 202 -5.69 42.85 -13.76
N VAL C 203 -5.71 41.54 -13.49
CA VAL C 203 -6.42 40.98 -12.34
C VAL C 203 -5.48 40.11 -11.49
N LEU C 204 -4.72 39.22 -12.12
CA LEU C 204 -3.81 38.29 -11.40
C LEU C 204 -2.35 38.78 -11.24
N PRO C 205 -1.59 38.22 -10.28
CA PRO C 205 -0.15 38.52 -10.37
C PRO C 205 0.58 37.68 -11.48
N GLU C 206 1.82 38.02 -11.77
CA GLU C 206 2.54 37.28 -12.78
C GLU C 206 2.61 35.80 -12.43
N TRP C 207 2.57 35.51 -11.12
CA TRP C 207 2.74 34.19 -10.56
C TRP C 207 1.60 33.77 -9.69
N VAL C 208 0.99 32.64 -10.04
CA VAL C 208 -0.10 32.09 -9.24
C VAL C 208 0.13 30.61 -8.85
N SER C 209 -0.64 30.20 -7.85
CA SER C 209 -0.84 28.83 -7.47
C SER C 209 -2.24 28.50 -7.95
N ILE C 210 -2.50 27.28 -8.34
CA ILE C 210 -3.88 26.99 -8.67
C ILE C 210 -4.38 25.78 -7.92
N GLY C 211 -5.68 25.70 -7.75
CA GLY C 211 -6.23 24.58 -7.06
C GLY C 211 -7.71 24.75 -6.79
N PHE C 212 -8.16 23.98 -5.81
CA PHE C 212 -9.58 23.90 -5.45
C PHE C 212 -9.81 24.43 -4.05
N SER C 213 -11.04 24.89 -3.82
CA SER C 213 -11.51 25.43 -2.57
C SER C 213 -12.99 25.08 -2.44
N ALA C 214 -13.39 24.67 -1.23
CA ALA C 214 -14.76 24.26 -0.96
C ALA C 214 -15.20 24.60 0.45
N ALA C 215 -16.50 24.83 0.58
CA ALA C 215 -17.16 25.14 1.84
C ALA C 215 -18.44 24.30 1.92
N THR C 216 -18.85 23.94 3.15
CA THR C 216 -20.20 23.42 3.42
C THR C 216 -20.96 24.52 4.16
N GLY C 217 -22.17 24.22 4.60
CA GLY C 217 -23.03 25.26 5.20
C GLY C 217 -22.76 25.67 6.64
N ALA C 218 -23.12 26.91 6.94
CA ALA C 218 -23.12 27.45 8.31
C ALA C 218 -24.31 26.88 9.13
N SER C 219 -25.49 26.93 8.55
CA SER C 219 -26.67 26.25 9.09
C SER C 219 -26.49 24.71 8.99
N SER C 220 -26.56 23.99 10.10
CA SER C 220 -26.42 22.51 10.05
C SER C 220 -27.60 21.78 9.36
N GLY C 221 -27.34 20.59 8.83
CA GLY C 221 -28.29 19.95 7.89
C GLY C 221 -28.23 20.56 6.47
N TYR C 222 -27.59 21.74 6.35
CA TYR C 222 -27.30 22.40 5.07
C TYR C 222 -25.89 21.94 4.61
N ILE C 223 -25.80 20.67 4.28
CA ILE C 223 -24.55 20.00 4.06
C ILE C 223 -24.50 19.35 2.67
N GLU C 224 -23.26 19.06 2.21
CA GLU C 224 -22.95 18.25 1.03
C GLU C 224 -21.44 17.99 0.95
N THR C 225 -21.03 16.91 0.29
CA THR C 225 -19.58 16.70 0.11
C THR C 225 -18.98 17.57 -1.01
N HIS C 226 -17.65 17.59 -1.08
CA HIS C 226 -16.95 18.08 -2.27
C HIS C 226 -15.74 17.23 -2.47
N ASP C 227 -15.94 16.16 -3.25
CA ASP C 227 -14.92 15.18 -3.48
C ASP C 227 -14.28 15.39 -4.85
N VAL C 228 -12.96 15.47 -4.90
CA VAL C 228 -12.29 15.53 -6.20
C VAL C 228 -11.57 14.21 -6.42
N PHE C 229 -11.86 13.56 -7.54
CA PHE C 229 -11.27 12.27 -7.89
C PHE C 229 -10.04 12.40 -8.76
N SER C 230 -9.96 13.44 -9.57
CA SER C 230 -8.90 13.49 -10.58
C SER C 230 -8.77 14.91 -11.08
N TRP C 231 -7.57 15.27 -11.55
CA TRP C 231 -7.26 16.65 -11.96
C TRP C 231 -6.07 16.70 -12.87
N SER C 232 -6.18 17.46 -13.96
CA SER C 232 -4.97 17.80 -14.70
C SER C 232 -4.96 19.25 -15.14
N PHE C 233 -3.76 19.76 -15.41
CA PHE C 233 -3.63 21.18 -15.66
C PHE C 233 -2.46 21.34 -16.61
N ALA C 234 -2.63 22.26 -17.55
CA ALA C 234 -1.59 22.61 -18.51
C ALA C 234 -1.69 24.12 -18.85
N SER C 235 -0.56 24.84 -18.71
CA SER C 235 -0.48 26.28 -19.09
C SER C 235 0.66 26.60 -20.05
N LYS C 236 0.43 27.54 -20.96
CA LYS C 236 1.48 27.95 -21.90
C LYS C 236 1.64 29.48 -21.99
N LEU C 237 2.83 29.98 -21.65
CA LEU C 237 3.15 31.41 -21.66
C LEU C 237 4.24 31.71 -22.69
N SER C 238 3.85 32.33 -23.79
CA SER C 238 4.73 32.56 -24.95
C SER C 238 5.86 33.64 -24.77
N PHE C 239 7.00 33.42 -25.42
CA PHE C 239 8.20 34.28 -25.31
C PHE C 239 8.05 35.68 -25.95
N LEU C 246 -4.20 24.32 -25.45
CA LEU C 246 -2.86 24.78 -25.80
C LEU C 246 -2.48 24.14 -27.14
N ASP C 247 -2.29 22.83 -27.11
CA ASP C 247 -2.72 21.98 -28.21
C ASP C 247 -3.93 21.31 -27.57
N LEU C 248 -5.02 22.07 -27.52
CA LEU C 248 -6.07 21.77 -26.58
C LEU C 248 -6.55 20.36 -26.80
N ALA C 249 -6.73 19.97 -28.06
CA ALA C 249 -7.33 18.66 -28.42
C ALA C 249 -6.53 17.52 -27.80
N SER C 250 -5.25 17.39 -28.13
CA SER C 250 -4.41 16.31 -27.57
C SER C 250 -4.23 16.31 -26.01
N PHE C 251 -4.66 17.40 -25.36
CA PHE C 251 -4.75 17.46 -23.91
C PHE C 251 -6.02 16.78 -23.34
N LEU C 252 -7.19 17.23 -23.76
CA LEU C 252 -8.44 16.50 -23.52
C LEU C 252 -8.51 15.00 -23.95
N VAL C 253 -7.54 14.51 -24.77
CA VAL C 253 -7.34 13.04 -25.00
C VAL C 253 -6.34 12.38 -23.99
N ALA C 254 -5.26 13.11 -23.62
CA ALA C 254 -4.44 12.77 -22.44
C ALA C 254 -4.99 13.48 -21.17
N ASN C 255 -6.07 12.93 -20.62
CA ASN C 255 -6.84 13.51 -19.50
C ASN C 255 -8.20 14.10 -19.95
N THR D 1 -0.15 1.70 -28.61
CA THR D 1 -1.51 2.29 -28.69
C THR D 1 -1.60 2.92 -30.06
N ASN D 2 -2.66 2.68 -30.82
CA ASN D 2 -2.67 3.22 -32.16
C ASN D 2 -3.25 4.65 -32.15
N THR D 3 -2.49 5.59 -32.68
CA THR D 3 -2.69 7.01 -32.41
C THR D 3 -2.45 7.80 -33.67
N ASP D 4 -3.27 8.85 -33.82
CA ASP D 4 -3.48 9.51 -35.08
C ASP D 4 -3.92 10.96 -34.83
N SER D 5 -3.37 11.90 -35.58
CA SER D 5 -3.36 13.26 -35.14
C SER D 5 -2.90 14.25 -36.22
N PHE D 6 -3.50 15.43 -36.21
CA PHE D 6 -3.11 16.39 -37.22
C PHE D 6 -3.63 17.74 -36.88
N THR D 7 -2.85 18.75 -37.26
CA THR D 7 -3.28 20.11 -37.08
C THR D 7 -3.15 20.96 -38.35
N PHE D 8 -4.28 21.59 -38.73
CA PHE D 8 -4.30 22.55 -39.80
C PHE D 8 -4.70 23.89 -39.14
N SER D 9 -3.77 24.76 -38.75
CA SER D 9 -4.29 26.12 -38.40
C SER D 9 -4.52 27.05 -39.60
N LYS D 10 -4.25 26.53 -40.81
CA LYS D 10 -4.32 27.25 -42.09
C LYS D 10 -4.63 26.16 -43.15
N PHE D 11 -5.32 26.55 -44.21
CA PHE D 11 -5.49 25.63 -45.31
C PHE D 11 -4.71 26.21 -46.47
N LYS D 12 -4.32 25.34 -47.40
CA LYS D 12 -3.38 25.71 -48.45
C LYS D 12 -3.95 25.31 -49.78
N PRO D 13 -3.73 26.18 -50.77
CA PRO D 13 -4.30 25.89 -52.09
C PRO D 13 -3.85 24.49 -52.57
N ASN D 14 -2.59 24.11 -52.31
CA ASN D 14 -2.21 22.71 -52.44
C ASN D 14 -2.23 22.01 -51.09
N GLN D 15 -3.20 21.11 -50.93
CA GLN D 15 -3.44 20.42 -49.67
C GLN D 15 -3.62 18.91 -49.86
N PRO D 16 -2.49 18.18 -50.08
CA PRO D 16 -2.62 16.74 -50.41
C PRO D 16 -3.11 15.85 -49.28
N ASN D 17 -2.95 16.26 -48.03
CA ASN D 17 -3.49 15.46 -46.91
C ASN D 17 -5.00 15.62 -46.64
N LEU D 18 -5.68 16.32 -47.55
CA LEU D 18 -7.13 16.54 -47.50
C LEU D 18 -7.71 16.17 -48.84
N LYS D 19 -8.65 15.22 -48.87
CA LYS D 19 -9.39 14.92 -50.09
C LYS D 19 -10.63 15.81 -50.12
N LYS D 20 -10.81 16.56 -51.20
CA LYS D 20 -11.95 17.48 -51.28
C LYS D 20 -12.97 17.06 -52.31
N GLN D 21 -14.24 17.06 -51.94
CA GLN D 21 -15.22 16.41 -52.81
C GLN D 21 -16.31 17.42 -53.06
N GLY D 22 -17.00 17.29 -54.22
CA GLY D 22 -18.03 18.23 -54.63
C GLY D 22 -17.45 19.63 -54.81
N ASP D 23 -18.12 20.65 -54.25
CA ASP D 23 -17.74 22.05 -54.45
C ASP D 23 -16.59 22.58 -53.59
N ALA D 24 -16.08 21.76 -52.69
CA ALA D 24 -15.02 22.15 -51.75
C ALA D 24 -13.79 22.75 -52.44
N THR D 25 -13.38 23.94 -51.97
CA THR D 25 -12.30 24.79 -52.53
C THR D 25 -11.45 25.14 -51.29
N VAL D 26 -10.12 25.14 -51.42
CA VAL D 26 -9.29 25.95 -50.52
C VAL D 26 -8.91 27.20 -51.27
N THR D 27 -9.15 28.38 -50.68
CA THR D 27 -8.90 29.63 -51.37
C THR D 27 -7.55 30.15 -51.07
N SER D 28 -7.19 31.21 -51.79
CA SER D 28 -5.84 31.74 -51.78
C SER D 28 -5.50 32.27 -50.37
N SER D 29 -6.51 32.72 -49.65
CA SER D 29 -6.35 33.19 -48.29
C SER D 29 -6.21 32.06 -47.23
N GLY D 30 -6.30 30.80 -47.68
CA GLY D 30 -6.23 29.64 -46.79
C GLY D 30 -7.53 29.31 -46.05
N THR D 31 -8.67 29.57 -46.68
CA THR D 31 -9.97 29.23 -46.13
C THR D 31 -10.53 28.01 -46.87
N LEU D 32 -11.06 27.04 -46.13
CA LEU D 32 -11.71 25.88 -46.72
C LEU D 32 -13.21 26.21 -46.93
N GLN D 33 -13.58 26.56 -48.17
CA GLN D 33 -14.98 26.82 -48.49
C GLN D 33 -15.62 25.51 -48.81
N LEU D 34 -16.43 24.99 -47.91
CA LEU D 34 -17.08 23.74 -48.23
C LEU D 34 -18.04 23.96 -49.40
N THR D 35 -18.68 25.11 -49.39
CA THR D 35 -19.83 25.49 -50.23
C THR D 35 -19.44 26.61 -51.19
N LYS D 36 -20.06 26.62 -52.36
CA LYS D 36 -19.70 27.54 -53.47
C LYS D 36 -19.95 29.01 -53.12
N VAL D 37 -18.98 29.85 -53.50
CA VAL D 37 -18.96 31.29 -53.19
C VAL D 37 -18.32 32.08 -54.35
N ASP D 38 -19.01 33.12 -54.87
CA ASP D 38 -18.46 33.96 -55.99
C ASP D 38 -17.28 34.88 -55.60
N LYS D 39 -16.67 35.58 -56.57
CA LYS D 39 -15.55 36.52 -56.30
C LYS D 39 -15.91 37.68 -55.33
N ASN D 40 -17.22 37.88 -55.17
CA ASN D 40 -17.78 38.88 -54.27
C ASN D 40 -18.07 38.39 -52.84
N GLY D 41 -18.08 37.06 -52.67
CA GLY D 41 -18.32 36.42 -51.37
C GLY D 41 -19.78 36.07 -51.10
N VAL D 42 -20.56 35.92 -52.17
CA VAL D 42 -21.98 35.64 -52.09
C VAL D 42 -22.16 34.13 -52.26
N PRO D 43 -22.78 33.48 -51.28
CA PRO D 43 -22.95 32.05 -51.42
C PRO D 43 -23.98 31.72 -52.51
N ASP D 44 -23.93 30.52 -53.05
CA ASP D 44 -24.80 30.12 -54.18
C ASP D 44 -25.66 28.92 -53.84
N PRO D 45 -26.80 28.77 -54.52
CA PRO D 45 -27.67 27.66 -54.07
C PRO D 45 -27.27 26.35 -54.76
N LYS D 46 -27.98 25.26 -54.50
CA LYS D 46 -27.63 23.94 -55.12
C LYS D 46 -26.11 23.62 -55.04
N SER D 47 -25.51 23.80 -53.85
CA SER D 47 -24.11 23.43 -53.57
C SER D 47 -23.93 22.32 -52.50
N LEU D 48 -22.89 21.52 -52.70
CA LEU D 48 -22.54 20.48 -51.78
C LEU D 48 -21.01 20.30 -51.79
N GLY D 49 -20.41 20.30 -50.59
CA GLY D 49 -18.97 20.16 -50.43
C GLY D 49 -18.64 19.32 -49.23
N ARG D 50 -17.67 18.43 -49.38
CA ARG D 50 -17.07 17.76 -48.24
C ARG D 50 -15.55 17.89 -48.28
N ALA D 51 -14.91 17.64 -47.13
CA ALA D 51 -13.44 17.63 -47.02
C ALA D 51 -13.12 16.60 -46.00
N LEU D 52 -12.28 15.65 -46.34
CA LEU D 52 -11.75 14.82 -45.27
C LEU D 52 -10.29 14.64 -45.33
N TYR D 53 -9.69 14.37 -44.17
CA TYR D 53 -8.30 13.94 -44.00
C TYR D 53 -7.94 12.71 -44.85
N ALA D 54 -6.90 12.84 -45.71
CA ALA D 54 -6.38 11.79 -46.64
C ALA D 54 -6.29 10.42 -46.02
N SER D 55 -5.88 10.33 -44.74
CA SER D 55 -5.57 9.01 -44.16
C SER D 55 -6.54 8.41 -43.16
N PRO D 56 -6.86 7.10 -43.31
CA PRO D 56 -7.89 6.49 -42.44
C PRO D 56 -7.49 6.46 -40.95
N ILE D 57 -8.49 6.50 -40.07
CA ILE D 57 -8.38 6.42 -38.63
C ILE D 57 -9.00 5.08 -38.20
N ASN D 58 -8.25 4.27 -37.45
CA ASN D 58 -8.78 3.13 -36.76
C ASN D 58 -9.58 3.59 -35.51
N ILE D 59 -10.93 3.57 -35.54
CA ILE D 59 -11.70 4.00 -34.34
C ILE D 59 -12.08 2.88 -33.40
N TRP D 60 -11.99 1.65 -33.90
CA TRP D 60 -12.12 0.50 -33.01
C TRP D 60 -11.52 -0.74 -33.60
N ASP D 61 -11.35 -1.72 -32.75
CA ASP D 61 -10.60 -2.90 -33.04
C ASP D 61 -11.36 -4.13 -32.56
N SER D 62 -11.58 -5.08 -33.48
CA SER D 62 -12.40 -6.26 -33.23
C SER D 62 -11.65 -7.32 -32.38
N LYS D 63 -10.39 -7.59 -32.71
CA LYS D 63 -9.61 -8.55 -31.94
C LYS D 63 -9.69 -8.22 -30.43
N THR D 64 -9.33 -6.99 -30.05
CA THR D 64 -9.48 -6.60 -28.63
C THR D 64 -10.86 -6.11 -28.25
N GLY D 65 -11.63 -5.62 -29.22
CA GLY D 65 -12.94 -5.00 -28.90
C GLY D 65 -12.91 -3.64 -28.19
N VAL D 66 -11.72 -3.02 -28.05
CA VAL D 66 -11.66 -1.67 -27.47
C VAL D 66 -12.02 -0.58 -28.53
N VAL D 67 -12.53 0.57 -28.08
CA VAL D 67 -12.92 1.67 -28.96
C VAL D 67 -12.02 2.88 -28.71
N ALA D 68 -11.63 3.56 -29.79
CA ALA D 68 -10.90 4.85 -29.70
C ALA D 68 -11.59 5.87 -28.84
N SER D 69 -10.79 6.63 -28.10
CA SER D 69 -11.19 7.92 -27.68
C SER D 69 -10.65 8.85 -28.74
N PHE D 70 -11.33 9.98 -28.89
CA PHE D 70 -10.82 11.01 -29.81
C PHE D 70 -11.30 12.42 -29.40
N ALA D 71 -10.65 13.42 -29.97
CA ALA D 71 -10.96 14.82 -29.72
C ALA D 71 -10.66 15.60 -30.96
N THR D 72 -11.57 16.47 -31.31
CA THR D 72 -11.36 17.36 -32.46
C THR D 72 -11.90 18.75 -32.23
N SER D 73 -11.13 19.70 -32.71
CA SER D 73 -11.37 21.13 -32.56
C SER D 73 -11.38 21.80 -33.96
N PHE D 74 -12.24 22.79 -34.20
CA PHE D 74 -12.23 23.57 -35.46
C PHE D 74 -12.94 24.94 -35.34
N ARG D 75 -12.59 25.88 -36.22
CA ARG D 75 -13.10 27.26 -36.29
C ARG D 75 -13.78 27.34 -37.65
N PHE D 76 -15.05 27.76 -37.68
CA PHE D 76 -15.77 27.94 -38.93
C PHE D 76 -16.63 29.21 -38.90
N THR D 77 -16.87 29.81 -40.08
CA THR D 77 -17.77 30.95 -40.22
C THR D 77 -18.86 30.65 -41.19
N ILE D 78 -20.09 31.04 -40.82
CA ILE D 78 -21.26 30.94 -41.71
C ILE D 78 -21.81 32.36 -41.91
N TYR D 79 -21.82 32.82 -43.17
CA TYR D 79 -22.32 34.16 -43.50
C TYR D 79 -23.42 33.99 -44.45
N ALA D 80 -24.52 34.69 -44.18
CA ALA D 80 -25.78 34.77 -44.97
C ALA D 80 -26.09 36.26 -45.29
N PRO D 81 -26.19 36.62 -46.58
CA PRO D 81 -26.65 37.94 -47.06
C PRO D 81 -28.07 38.30 -46.64
N ASN D 82 -28.90 37.28 -46.39
CA ASN D 82 -30.23 37.49 -45.81
C ASN D 82 -30.47 36.44 -44.72
N ILE D 83 -30.32 36.84 -43.46
CA ILE D 83 -30.40 35.87 -42.39
C ILE D 83 -31.80 35.22 -42.27
N ALA D 84 -32.81 35.81 -42.89
CA ALA D 84 -34.15 35.27 -42.81
C ALA D 84 -34.37 34.10 -43.77
N THR D 85 -33.44 33.90 -44.71
CA THR D 85 -33.48 32.76 -45.63
C THR D 85 -32.11 32.01 -45.68
N ILE D 86 -31.96 31.02 -44.80
CA ILE D 86 -30.69 30.26 -44.66
C ILE D 86 -30.84 28.73 -44.75
N ALA D 87 -29.88 28.07 -45.41
CA ALA D 87 -29.88 26.60 -45.56
C ALA D 87 -28.49 26.07 -45.95
N ASP D 88 -28.13 24.84 -45.59
CA ASP D 88 -28.87 23.91 -44.74
C ASP D 88 -28.04 23.56 -43.51
N GLY D 89 -26.72 23.80 -43.60
CA GLY D 89 -25.84 23.69 -42.44
C GLY D 89 -24.56 22.91 -42.70
N LEU D 90 -23.84 22.54 -41.64
CA LEU D 90 -22.64 21.72 -41.79
C LEU D 90 -22.46 20.71 -40.67
N ALA D 91 -21.56 19.76 -40.92
CA ALA D 91 -21.36 18.66 -40.01
C ALA D 91 -19.93 18.18 -40.02
N PHE D 92 -19.43 17.87 -38.84
CA PHE D 92 -18.25 17.05 -38.72
C PHE D 92 -18.76 15.60 -38.69
N PHE D 93 -18.13 14.75 -39.49
CA PHE D 93 -18.51 13.35 -39.53
C PHE D 93 -17.35 12.36 -39.52
N LEU D 94 -17.70 11.14 -39.11
CA LEU D 94 -16.93 9.94 -39.36
C LEU D 94 -17.83 9.00 -40.18
N ALA D 95 -17.27 8.41 -41.23
CA ALA D 95 -17.97 7.43 -42.06
C ALA D 95 -16.99 6.39 -42.63
N PRO D 96 -17.44 5.42 -43.48
CA PRO D 96 -16.40 4.49 -44.04
C PRO D 96 -15.37 5.22 -44.90
N VAL D 97 -14.17 4.65 -45.12
CA VAL D 97 -13.20 5.25 -46.07
C VAL D 97 -13.79 4.98 -47.41
N SER D 98 -13.45 5.77 -48.41
CA SER D 98 -14.18 5.70 -49.71
C SER D 98 -15.67 6.14 -49.66
N SER D 99 -16.20 6.42 -48.46
CA SER D 99 -17.53 7.05 -48.35
C SER D 99 -17.55 8.22 -49.34
N PRO D 100 -18.69 8.43 -50.02
CA PRO D 100 -18.76 9.55 -50.97
C PRO D 100 -19.97 10.48 -50.67
N PRO D 101 -19.97 11.72 -51.20
CA PRO D 101 -21.09 12.67 -50.96
C PRO D 101 -22.47 12.16 -51.36
N LYS D 102 -23.44 12.32 -50.47
CA LYS D 102 -24.82 11.91 -50.72
C LYS D 102 -25.69 13.02 -51.26
N ALA D 103 -26.99 12.88 -51.00
CA ALA D 103 -27.93 13.92 -51.38
C ALA D 103 -27.54 15.19 -50.62
N GLY D 104 -27.61 16.32 -51.32
CA GLY D 104 -27.38 17.64 -50.72
C GLY D 104 -28.57 18.17 -49.90
N ALA D 105 -28.75 19.49 -49.96
CA ALA D 105 -29.75 20.20 -49.18
C ALA D 105 -29.59 19.78 -47.71
N GLY D 106 -30.71 19.62 -46.99
CA GLY D 106 -30.70 19.20 -45.56
C GLY D 106 -30.33 17.76 -45.22
N PHE D 107 -29.98 16.98 -46.22
CA PHE D 107 -29.25 15.73 -45.98
C PHE D 107 -27.76 15.98 -45.69
N LEU D 108 -27.26 17.17 -46.07
CA LEU D 108 -25.91 17.63 -45.70
C LEU D 108 -24.82 16.73 -46.31
N GLY D 109 -25.07 16.26 -47.52
CA GLY D 109 -24.22 15.33 -48.22
C GLY D 109 -23.90 14.04 -47.44
N LEU D 110 -24.79 13.58 -46.56
CA LEU D 110 -24.44 12.53 -45.64
C LEU D 110 -25.39 11.34 -45.53
N PHE D 111 -26.62 11.57 -45.96
CA PHE D 111 -27.65 10.53 -45.98
C PHE D 111 -28.42 10.77 -47.27
N ASP D 112 -29.28 9.83 -47.66
CA ASP D 112 -30.05 9.97 -48.90
C ASP D 112 -31.53 10.22 -48.68
N SER D 113 -32.05 9.84 -47.53
CA SER D 113 -33.46 10.12 -47.22
C SER D 113 -33.65 10.42 -45.73
N ALA D 114 -34.90 10.35 -45.26
CA ALA D 114 -35.25 10.71 -43.88
C ALA D 114 -35.17 9.50 -42.96
N VAL D 115 -34.42 8.49 -43.38
CA VAL D 115 -34.63 7.15 -42.83
C VAL D 115 -33.35 6.51 -42.28
N PHE D 116 -33.39 6.19 -40.99
CA PHE D 116 -32.47 5.27 -40.32
C PHE D 116 -32.12 4.07 -41.25
N ASN D 117 -30.85 3.93 -41.57
CA ASN D 117 -30.30 2.79 -42.30
C ASN D 117 -28.95 2.42 -41.69
N SER D 118 -28.90 1.22 -41.15
CA SER D 118 -27.73 0.73 -40.43
C SER D 118 -26.53 0.64 -41.34
N SER D 119 -26.77 0.71 -42.65
CA SER D 119 -25.66 0.59 -43.59
C SER D 119 -24.85 1.86 -43.75
N TYR D 120 -25.42 3.04 -43.48
CA TYR D 120 -24.64 4.32 -43.56
C TYR D 120 -23.30 4.27 -42.83
N GLN D 121 -23.31 3.65 -41.66
CA GLN D 121 -22.18 3.60 -40.76
C GLN D 121 -21.56 4.99 -40.60
N THR D 122 -22.48 5.96 -40.45
CA THR D 122 -22.16 7.37 -40.39
C THR D 122 -22.62 8.00 -39.07
N VAL D 123 -21.66 8.46 -38.27
CA VAL D 123 -21.89 9.34 -37.08
C VAL D 123 -21.44 10.78 -37.42
N ALA D 124 -22.36 11.73 -37.22
CA ALA D 124 -22.12 13.18 -37.47
C ALA D 124 -22.62 14.07 -36.31
N VAL D 125 -21.91 15.18 -36.08
CA VAL D 125 -22.40 16.24 -35.25
C VAL D 125 -22.65 17.35 -36.27
N GLU D 126 -23.92 17.71 -36.47
CA GLU D 126 -24.37 18.73 -37.45
C GLU D 126 -24.74 20.07 -36.77
N PHE D 127 -24.59 21.13 -37.56
CA PHE D 127 -24.87 22.49 -37.14
C PHE D 127 -25.80 22.92 -38.24
N ASP D 128 -27.08 22.88 -37.90
CA ASP D 128 -28.15 22.77 -38.83
C ASP D 128 -28.96 24.09 -38.88
N THR D 129 -28.89 24.77 -40.04
CA THR D 129 -29.44 26.12 -40.19
C THR D 129 -30.84 26.27 -40.76
N TYR D 130 -31.44 25.13 -41.14
CA TYR D 130 -32.76 25.15 -41.72
C TYR D 130 -33.68 24.03 -41.23
N GLU D 131 -34.89 24.42 -40.83
CA GLU D 131 -35.80 23.49 -40.25
C GLU D 131 -36.42 22.63 -41.29
N ASN D 132 -36.02 21.34 -41.31
CA ASN D 132 -36.64 20.35 -42.17
C ASN D 132 -37.60 19.54 -41.29
N THR D 133 -38.84 20.02 -41.24
CA THR D 133 -39.95 19.36 -40.52
C THR D 133 -40.07 17.87 -40.90
N VAL D 134 -39.79 17.58 -42.16
CA VAL D 134 -39.66 16.21 -42.68
C VAL D 134 -38.67 15.29 -41.85
N PHE D 135 -37.67 15.91 -41.21
CA PHE D 135 -36.60 15.19 -40.55
C PHE D 135 -36.75 15.28 -39.03
N LEU D 136 -37.88 15.80 -38.57
CA LEU D 136 -38.16 15.99 -37.14
C LEU D 136 -37.32 17.12 -36.52
N ASP D 137 -36.86 18.04 -37.36
CA ASP D 137 -36.08 19.21 -36.90
C ASP D 137 -36.89 20.10 -36.00
N PRO D 138 -36.33 20.49 -34.85
CA PRO D 138 -36.91 21.48 -33.96
C PRO D 138 -37.08 22.87 -34.59
N PRO D 139 -38.04 23.65 -34.08
CA PRO D 139 -38.33 25.00 -34.61
C PRO D 139 -37.24 26.08 -34.42
N ASP D 140 -36.00 25.67 -34.16
CA ASP D 140 -34.89 26.60 -34.01
C ASP D 140 -33.68 26.00 -34.68
N THR D 141 -32.76 26.84 -35.16
CA THR D 141 -31.45 26.34 -35.58
C THR D 141 -30.78 25.61 -34.40
N HIS D 142 -29.98 24.57 -34.71
CA HIS D 142 -29.55 23.61 -33.65
C HIS D 142 -28.24 22.91 -33.92
N ILE D 143 -27.76 22.25 -32.88
CA ILE D 143 -26.67 21.31 -32.95
C ILE D 143 -27.30 19.95 -32.74
N GLY D 144 -26.86 18.97 -33.55
CA GLY D 144 -27.46 17.68 -33.53
C GLY D 144 -26.45 16.57 -33.65
N ILE D 145 -26.76 15.46 -32.99
CA ILE D 145 -25.94 14.28 -33.07
C ILE D 145 -26.67 13.30 -33.97
N ASP D 146 -26.06 12.95 -35.09
CA ASP D 146 -26.65 12.09 -36.14
C ASP D 146 -25.99 10.75 -36.23
N VAL D 147 -26.66 9.72 -35.75
CA VAL D 147 -26.15 8.35 -35.79
C VAL D 147 -26.90 7.56 -36.84
N ASN D 148 -26.37 7.48 -38.06
CA ASN D 148 -26.97 6.67 -39.15
C ASN D 148 -28.31 7.21 -39.69
N SER D 149 -28.64 8.44 -39.34
CA SER D 149 -29.89 9.08 -39.73
C SER D 149 -29.75 10.59 -39.58
N ILE D 150 -30.33 11.35 -40.52
CA ILE D 150 -30.42 12.83 -40.43
C ILE D 150 -31.44 13.28 -39.35
N LYS D 151 -32.25 12.33 -38.87
CA LYS D 151 -33.21 12.57 -37.83
C LYS D 151 -32.41 12.32 -36.55
N SER D 152 -31.86 13.40 -36.01
CA SER D 152 -30.91 13.42 -34.91
C SER D 152 -31.42 12.67 -33.72
N ILE D 153 -30.60 11.83 -33.11
CA ILE D 153 -31.03 11.09 -31.92
C ILE D 153 -31.12 12.04 -30.74
N LYS D 154 -30.44 13.19 -30.82
CA LYS D 154 -30.55 14.28 -29.83
C LYS D 154 -30.04 15.59 -30.42
N THR D 155 -30.69 16.70 -30.11
CA THR D 155 -30.24 18.04 -30.50
C THR D 155 -30.31 19.05 -29.33
N VAL D 156 -29.81 20.27 -29.58
CA VAL D 156 -29.98 21.42 -28.70
C VAL D 156 -29.89 22.75 -29.49
N LYS D 157 -30.51 23.79 -28.97
CA LYS D 157 -30.58 25.07 -29.62
C LYS D 157 -29.19 25.67 -29.85
N TRP D 158 -29.04 26.36 -30.95
CA TRP D 158 -27.80 27.05 -31.22
C TRP D 158 -28.11 28.33 -31.89
N ASP D 159 -27.65 29.45 -31.36
CA ASP D 159 -27.95 30.72 -32.04
C ASP D 159 -26.83 31.22 -32.92
N LEU D 160 -27.10 31.11 -34.22
CA LEU D 160 -26.16 31.48 -35.25
C LEU D 160 -25.83 32.95 -35.10
N ALA D 161 -24.54 33.29 -35.09
CA ALA D 161 -24.12 34.68 -35.10
C ALA D 161 -23.47 34.93 -36.45
N ASN D 162 -24.29 35.48 -37.36
CA ASN D 162 -23.96 35.82 -38.79
C ASN D 162 -22.55 36.29 -39.02
N GLY D 163 -21.87 35.61 -39.93
CA GLY D 163 -20.53 35.99 -40.34
C GLY D 163 -19.43 36.01 -39.27
N GLU D 164 -19.78 35.72 -38.00
CA GLU D 164 -18.84 35.55 -36.87
C GLU D 164 -18.26 34.12 -36.79
N ALA D 165 -17.00 34.01 -36.38
CA ALA D 165 -16.27 32.71 -36.32
C ALA D 165 -16.59 31.96 -35.05
N ALA D 166 -16.90 30.66 -35.22
CA ALA D 166 -17.21 29.75 -34.10
C ALA D 166 -16.11 28.77 -33.80
N LYS D 167 -15.89 28.53 -32.50
CA LYS D 167 -14.95 27.50 -32.02
C LYS D 167 -15.74 26.31 -31.50
N VAL D 168 -15.40 25.14 -32.03
CA VAL D 168 -16.08 23.88 -31.67
C VAL D 168 -15.08 22.91 -31.03
N LEU D 169 -15.52 22.26 -29.97
CA LEU D 169 -14.80 21.11 -29.42
C LEU D 169 -15.74 19.89 -29.41
N ILE D 170 -15.37 18.87 -30.15
CA ILE D 170 -16.15 17.62 -30.16
C ILE D 170 -15.24 16.59 -29.55
N THR D 171 -15.76 15.94 -28.51
CA THR D 171 -15.00 14.98 -27.75
C THR D 171 -15.65 13.56 -27.71
N TYR D 172 -14.86 12.51 -27.67
CA TYR D 172 -15.46 11.18 -27.42
C TYR D 172 -14.74 10.27 -26.36
N ASP D 173 -15.49 9.69 -25.43
CA ASP D 173 -14.87 8.93 -24.33
C ASP D 173 -15.27 7.45 -24.43
N SER D 174 -14.31 6.63 -24.83
CA SER D 174 -14.59 5.24 -25.17
C SER D 174 -15.04 4.45 -23.95
N SER D 175 -14.62 4.90 -22.78
CA SER D 175 -14.93 4.17 -21.56
C SER D 175 -16.31 4.53 -21.00
N ALA D 176 -16.72 5.80 -21.20
CA ALA D 176 -18.05 6.30 -20.85
C ALA D 176 -18.99 6.31 -22.06
N LYS D 177 -18.44 6.15 -23.27
CA LYS D 177 -19.22 6.20 -24.54
C LYS D 177 -19.89 7.54 -24.76
N LEU D 178 -19.41 8.56 -24.06
CA LEU D 178 -19.99 9.89 -24.06
C LEU D 178 -19.47 10.77 -25.20
N LEU D 179 -20.41 11.36 -25.92
CA LEU D 179 -20.09 12.20 -27.07
C LEU D 179 -20.50 13.63 -26.74
N VAL D 180 -19.57 14.56 -26.88
CA VAL D 180 -19.83 15.94 -26.42
C VAL D 180 -19.38 16.91 -27.54
N ALA D 181 -20.30 17.82 -27.83
CA ALA D 181 -20.07 18.89 -28.75
C ALA D 181 -20.29 20.18 -28.04
N ALA D 182 -19.30 21.04 -28.07
CA ALA D 182 -19.34 22.39 -27.44
C ALA D 182 -19.20 23.43 -28.58
N LEU D 183 -19.91 24.54 -28.53
CA LEU D 183 -19.68 25.64 -29.51
C LEU D 183 -19.72 26.99 -28.83
N VAL D 184 -18.71 27.78 -29.16
CA VAL D 184 -18.50 29.07 -28.51
C VAL D 184 -18.22 30.11 -29.59
N TYR D 185 -18.70 31.33 -29.37
CA TYR D 185 -18.43 32.47 -30.26
C TYR D 185 -17.60 33.51 -29.52
N PRO D 186 -16.31 33.55 -29.78
CA PRO D 186 -15.46 34.47 -29.04
C PRO D 186 -15.97 35.91 -29.01
N SER D 187 -16.41 36.42 -30.16
CA SER D 187 -16.93 37.75 -30.27
C SER D 187 -18.22 37.92 -29.44
N SER D 188 -19.20 37.05 -29.61
CA SER D 188 -20.52 37.20 -28.94
C SER D 188 -20.54 36.73 -27.49
N LYS D 189 -19.64 35.84 -27.09
CA LYS D 189 -19.68 35.19 -25.75
C LYS D 189 -20.83 34.19 -25.53
N THR D 190 -21.64 33.95 -26.54
CA THR D 190 -22.61 32.90 -26.46
C THR D 190 -21.97 31.47 -26.45
N SER D 191 -22.68 30.50 -25.89
CA SER D 191 -22.17 29.19 -25.51
C SER D 191 -23.26 28.20 -25.64
N PHE D 192 -22.92 27.03 -26.16
CA PHE D 192 -23.86 25.93 -26.38
C PHE D 192 -23.11 24.62 -26.21
N ILE D 193 -23.82 23.57 -25.81
CA ILE D 193 -23.20 22.29 -25.54
C ILE D 193 -24.24 21.19 -25.58
N LEU D 194 -23.83 20.02 -26.06
CA LEU D 194 -24.73 18.86 -26.19
C LEU D 194 -23.97 17.59 -25.90
N SER D 195 -24.58 16.68 -25.14
CA SER D 195 -23.97 15.36 -24.97
C SER D 195 -24.89 14.15 -24.88
N ASP D 196 -24.33 13.01 -25.28
CA ASP D 196 -25.13 11.79 -25.41
C ASP D 196 -24.21 10.58 -25.45
N VAL D 197 -24.69 9.44 -24.96
CA VAL D 197 -24.03 8.15 -25.12
C VAL D 197 -24.24 7.63 -26.54
N VAL D 198 -23.14 7.41 -27.26
CA VAL D 198 -23.19 6.79 -28.57
C VAL D 198 -22.28 5.57 -28.56
N ASP D 199 -22.75 4.50 -29.20
CA ASP D 199 -21.98 3.27 -29.34
C ASP D 199 -21.38 3.26 -30.73
N LEU D 200 -20.16 3.77 -30.84
CA LEU D 200 -19.46 3.80 -32.11
C LEU D 200 -19.31 2.40 -32.68
N LYS D 201 -19.08 1.42 -31.82
CA LYS D 201 -18.59 0.14 -32.32
C LYS D 201 -19.62 -0.73 -33.05
N SER D 202 -20.90 -0.49 -32.76
CA SER D 202 -22.01 -1.08 -33.54
C SER D 202 -22.33 -0.28 -34.80
N VAL D 203 -21.94 1.00 -34.78
CA VAL D 203 -22.36 1.94 -35.82
C VAL D 203 -21.32 2.16 -36.93
N LEU D 204 -20.03 2.14 -36.56
CA LEU D 204 -18.95 2.51 -37.48
C LEU D 204 -18.11 1.30 -37.93
N PRO D 205 -17.49 1.35 -39.10
CA PRO D 205 -16.50 0.26 -39.32
C PRO D 205 -15.23 0.42 -38.43
N GLU D 206 -14.39 -0.59 -38.37
CA GLU D 206 -13.14 -0.44 -37.64
C GLU D 206 -12.31 0.75 -38.17
N TRP D 207 -12.45 1.03 -39.46
CA TRP D 207 -11.71 2.12 -40.12
C TRP D 207 -12.62 3.13 -40.76
N VAL D 208 -12.23 4.40 -40.63
CA VAL D 208 -13.03 5.55 -41.08
C VAL D 208 -12.14 6.66 -41.61
N SER D 209 -12.72 7.51 -42.46
CA SER D 209 -12.18 8.85 -42.79
C SER D 209 -13.06 9.85 -41.99
N ILE D 210 -12.46 10.99 -41.63
CA ILE D 210 -13.23 12.01 -40.90
C ILE D 210 -13.07 13.35 -41.57
N GLY D 211 -14.08 14.22 -41.41
CA GLY D 211 -14.07 15.53 -42.04
C GLY D 211 -15.40 16.31 -41.95
N PHE D 212 -15.58 17.21 -42.90
CA PHE D 212 -16.71 18.10 -42.94
C PHE D 212 -17.54 17.90 -44.19
N SER D 213 -18.84 17.91 -44.05
CA SER D 213 -19.73 18.04 -45.17
C SER D 213 -20.64 19.26 -44.97
N ALA D 214 -20.89 19.99 -46.05
CA ALA D 214 -21.80 21.14 -46.00
C ALA D 214 -22.73 21.30 -47.21
N ALA D 215 -23.81 22.08 -47.04
CA ALA D 215 -24.75 22.31 -48.13
C ALA D 215 -25.47 23.66 -48.01
N THR D 216 -25.71 24.26 -49.17
CA THR D 216 -26.59 25.42 -49.30
C THR D 216 -27.93 24.94 -49.78
N GLY D 217 -28.83 25.89 -50.00
CA GLY D 217 -30.26 25.60 -50.22
C GLY D 217 -30.62 25.17 -51.61
N ALA D 218 -31.57 24.26 -51.68
CA ALA D 218 -32.20 23.83 -52.93
C ALA D 218 -33.33 24.77 -53.40
N SER D 219 -33.50 25.92 -52.74
CA SER D 219 -34.39 26.98 -53.21
C SER D 219 -33.59 28.24 -53.52
N SER D 220 -34.08 29.05 -54.45
CA SER D 220 -33.49 30.34 -54.79
C SER D 220 -33.36 31.17 -53.49
N GLY D 221 -32.19 31.68 -53.17
CA GLY D 221 -32.03 32.55 -51.99
C GLY D 221 -31.82 31.94 -50.58
N TYR D 222 -31.86 30.62 -50.42
CA TYR D 222 -31.68 30.03 -49.07
C TYR D 222 -30.24 29.61 -48.92
N ILE D 223 -29.39 30.57 -48.64
CA ILE D 223 -27.98 30.40 -48.89
C ILE D 223 -27.19 31.00 -47.75
N GLU D 224 -25.99 30.46 -47.57
CA GLU D 224 -25.05 30.90 -46.57
C GLU D 224 -23.74 30.20 -46.93
N THR D 225 -22.64 30.81 -46.50
CA THR D 225 -21.34 30.16 -46.61
C THR D 225 -21.21 29.01 -45.59
N HIS D 226 -20.15 28.21 -45.72
CA HIS D 226 -19.72 27.24 -44.74
C HIS D 226 -18.23 27.18 -44.86
N ASP D 227 -17.55 28.15 -44.23
CA ASP D 227 -16.10 28.30 -44.29
C ASP D 227 -15.40 27.76 -43.05
N VAL D 228 -14.26 27.11 -43.26
CA VAL D 228 -13.51 26.48 -42.19
C VAL D 228 -12.11 27.07 -42.25
N PHE D 229 -11.63 27.61 -41.10
CA PHE D 229 -10.33 28.28 -40.98
C PHE D 229 -9.24 27.38 -40.47
N SER D 230 -9.59 26.42 -39.62
CA SER D 230 -8.61 25.63 -38.91
C SER D 230 -9.29 24.37 -38.36
N TRP D 231 -8.49 23.34 -38.12
CA TRP D 231 -8.98 22.04 -37.72
C TRP D 231 -7.84 21.27 -37.13
N SER D 232 -8.06 20.70 -35.94
CA SER D 232 -7.17 19.68 -35.45
C SER D 232 -7.90 18.46 -34.93
N PHE D 233 -7.19 17.32 -34.91
CA PHE D 233 -7.81 16.01 -34.60
C PHE D 233 -6.80 15.13 -33.85
N ALA D 234 -7.25 14.49 -32.77
CA ALA D 234 -6.44 13.45 -32.06
C ALA D 234 -7.31 12.25 -31.65
N SER D 235 -6.80 11.06 -31.93
CA SER D 235 -7.52 9.84 -31.62
C SER D 235 -6.54 8.85 -31.05
N LYS D 236 -7.02 8.09 -30.07
CA LYS D 236 -6.18 7.13 -29.37
C LYS D 236 -7.03 5.90 -29.13
N LEU D 237 -6.58 4.79 -29.71
CA LEU D 237 -7.23 3.51 -29.61
C LEU D 237 -6.30 2.60 -28.81
N SER D 238 -6.72 2.20 -27.62
CA SER D 238 -5.87 1.40 -26.72
C SER D 238 -5.62 -0.05 -27.16
N PHE D 239 -4.42 -0.55 -26.86
CA PHE D 239 -3.87 -1.83 -27.40
C PHE D 239 -4.47 -3.14 -26.87
N ALA E 1 -0.22 -7.19 16.22
CA ALA E 1 -1.68 -7.02 16.05
C ALA E 1 -2.27 -7.83 14.85
N GLU E 2 -1.43 -8.39 13.98
CA GLU E 2 -1.88 -9.49 13.12
C GLU E 2 -1.22 -10.75 13.60
N GLU E 3 -2.04 -11.67 14.10
CA GLU E 3 -1.49 -12.84 14.80
C GLU E 3 -2.06 -14.15 14.29
N THR E 4 -1.16 -15.05 13.93
CA THR E 4 -1.52 -16.39 13.54
C THR E 4 -0.93 -17.40 14.51
N SER E 5 -1.73 -18.41 14.81
CA SER E 5 -1.38 -19.34 15.84
C SER E 5 -2.11 -20.67 15.76
N PHE E 6 -1.35 -21.72 16.03
CA PHE E 6 -1.97 -23.04 16.17
C PHE E 6 -1.03 -23.97 16.91
N VAL E 7 -1.60 -25.06 17.42
CA VAL E 7 -0.88 -26.08 18.18
C VAL E 7 -1.45 -27.45 17.76
N PHE E 8 -0.56 -28.35 17.35
CA PHE E 8 -0.92 -29.75 17.06
C PHE E 8 -0.25 -30.56 18.16
N SER E 9 -1.00 -31.04 19.16
CA SER E 9 -0.36 -31.88 20.17
C SER E 9 -0.28 -33.29 19.60
N LYS E 10 -1.07 -33.53 18.56
CA LYS E 10 -0.96 -34.72 17.73
C LYS E 10 -1.52 -34.47 16.33
N PHE E 11 -1.33 -35.42 15.44
CA PHE E 11 -1.83 -35.28 14.10
C PHE E 11 -2.93 -36.35 13.92
N LYS E 12 -3.76 -36.17 12.92
CA LYS E 12 -4.92 -37.03 12.73
C LYS E 12 -5.09 -37.40 11.27
N PRO E 13 -5.64 -38.59 11.01
CA PRO E 13 -5.84 -39.07 9.62
C PRO E 13 -6.42 -37.97 8.70
N LEU E 14 -7.57 -37.43 9.07
CA LEU E 14 -8.08 -36.24 8.40
C LEU E 14 -7.52 -35.01 9.13
N GLU E 15 -6.80 -34.19 8.40
CA GLU E 15 -6.12 -33.02 8.97
C GLU E 15 -6.18 -31.96 7.90
N PRO E 16 -7.37 -31.40 7.70
CA PRO E 16 -7.50 -30.49 6.59
C PRO E 16 -6.83 -29.12 6.84
N ASN E 17 -6.37 -28.81 8.06
CA ASN E 17 -5.54 -27.59 8.22
C ASN E 17 -4.05 -27.77 7.92
N LEU E 18 -3.71 -28.97 7.47
CA LEU E 18 -2.40 -29.29 7.00
C LEU E 18 -2.42 -29.67 5.51
N ILE E 19 -1.45 -29.17 4.76
CA ILE E 19 -1.33 -29.58 3.40
C ILE E 19 -0.12 -30.49 3.26
N LEU E 20 -0.38 -31.69 2.77
CA LEU E 20 0.63 -32.76 2.72
C LEU E 20 1.18 -32.86 1.33
N GLN E 21 2.48 -32.76 1.17
CA GLN E 21 3.07 -32.79 -0.17
C GLN E 21 4.07 -33.94 -0.20
N GLY E 22 4.37 -34.44 -1.42
CA GLY E 22 5.27 -35.57 -1.63
C GLY E 22 4.74 -36.83 -0.95
N ASP E 23 5.62 -37.56 -0.26
CA ASP E 23 5.20 -38.81 0.38
C ASP E 23 4.56 -38.66 1.78
N ALA E 24 4.64 -37.46 2.37
CA ALA E 24 4.18 -37.19 3.76
C ALA E 24 2.79 -37.71 4.06
N LEU E 25 2.65 -38.34 5.22
CA LEU E 25 1.37 -38.84 5.64
C LEU E 25 1.25 -38.81 7.18
N VAL E 26 0.06 -39.05 7.68
CA VAL E 26 -0.16 -39.02 9.09
C VAL E 26 -0.61 -40.40 9.39
N THR E 27 0.22 -41.20 10.06
CA THR E 27 -0.18 -42.56 10.45
C THR E 27 -1.39 -42.50 11.33
N VAL E 28 -1.96 -43.67 11.59
CA VAL E 28 -3.12 -43.76 12.47
C VAL E 28 -2.66 -43.62 13.93
N ALA E 29 -1.36 -43.78 14.19
CA ALA E 29 -0.84 -43.52 15.55
C ALA E 29 -0.96 -42.03 15.94
N GLY E 30 -1.02 -41.15 14.93
CA GLY E 30 -0.97 -39.70 15.10
C GLY E 30 0.36 -39.08 14.71
N VAL E 31 1.22 -39.84 14.02
CA VAL E 31 2.57 -39.38 13.68
C VAL E 31 2.62 -38.73 12.30
N LEU E 32 3.38 -37.65 12.14
CA LEU E 32 3.50 -37.02 10.85
C LEU E 32 4.79 -37.55 10.20
N GLN E 33 4.66 -38.67 9.48
CA GLN E 33 5.79 -39.31 8.84
C GLN E 33 5.99 -38.54 7.59
N LEU E 34 7.03 -37.71 7.55
CA LEU E 34 7.25 -36.81 6.42
C LEU E 34 7.79 -37.60 5.27
N THR E 35 8.67 -38.51 5.65
CA THR E 35 9.42 -39.37 4.78
C THR E 35 8.83 -40.75 4.79
N ASN E 36 9.02 -41.44 3.68
CA ASN E 36 8.40 -42.75 3.46
C ASN E 36 8.90 -43.87 4.40
N VAL E 37 7.96 -44.65 4.93
CA VAL E 37 8.28 -45.65 5.98
C VAL E 37 7.43 -46.92 5.79
N ASP E 38 8.06 -48.08 5.63
CA ASP E 38 7.31 -49.34 5.36
C ASP E 38 6.63 -49.90 6.61
N LYS E 39 5.75 -50.89 6.42
CA LYS E 39 4.90 -51.48 7.49
C LYS E 39 5.64 -52.26 8.58
N ASN E 40 6.94 -52.37 8.40
CA ASN E 40 7.84 -52.90 9.39
C ASN E 40 8.35 -51.78 10.31
N GLY E 41 8.54 -50.60 9.72
CA GLY E 41 9.11 -49.43 10.39
C GLY E 41 10.38 -48.98 9.68
N VAL E 42 10.60 -49.46 8.46
CA VAL E 42 11.89 -49.25 7.80
C VAL E 42 11.88 -48.08 6.81
N PRO E 43 12.65 -47.02 7.09
CA PRO E 43 12.62 -45.87 6.20
C PRO E 43 13.09 -46.29 4.82
N GLU E 44 12.46 -45.73 3.78
CA GLU E 44 12.76 -46.07 2.38
C GLU E 44 13.61 -45.01 1.76
N PRO E 45 14.47 -45.40 0.79
CA PRO E 45 15.35 -44.42 0.11
C PRO E 45 14.52 -43.68 -0.92
N SER E 46 15.02 -42.58 -1.45
CA SER E 46 14.24 -41.81 -2.45
C SER E 46 12.82 -41.34 -1.95
N SER E 47 12.78 -40.73 -0.77
CA SER E 47 11.55 -40.13 -0.26
C SER E 47 11.69 -38.61 -0.12
N LEU E 48 10.60 -37.91 -0.41
CA LEU E 48 10.49 -36.48 -0.21
C LEU E 48 9.07 -36.20 0.34
N GLY E 49 9.02 -35.50 1.48
CA GLY E 49 7.75 -35.09 2.11
C GLY E 49 7.83 -33.69 2.67
N ARG E 50 6.71 -32.97 2.64
CA ARG E 50 6.57 -31.66 3.26
C ARG E 50 5.17 -31.55 3.79
N ALA E 51 5.01 -30.87 4.92
CA ALA E 51 3.72 -30.62 5.57
C ALA E 51 3.71 -29.12 5.80
N THR E 52 2.64 -28.48 5.35
CA THR E 52 2.50 -27.03 5.52
C THR E 52 1.16 -26.74 6.17
N TYR E 53 1.12 -25.79 7.11
CA TYR E 53 -0.13 -25.29 7.70
C TYR E 53 -0.99 -24.61 6.62
N SER E 54 -2.28 -24.96 6.56
CA SER E 54 -3.15 -24.47 5.48
C SER E 54 -3.34 -22.96 5.40
N ALA E 55 -3.47 -22.24 6.52
CA ALA E 55 -3.62 -20.75 6.44
C ALA E 55 -2.29 -19.99 6.29
N PRO E 56 -2.21 -19.11 5.27
CA PRO E 56 -1.00 -18.32 5.02
C PRO E 56 -0.74 -17.35 6.18
N ILE E 57 0.52 -16.92 6.33
CA ILE E 57 0.99 -16.17 7.50
C ILE E 57 1.66 -14.84 7.06
N ASN E 58 1.10 -13.74 7.53
CA ASN E 58 1.58 -12.39 7.24
C ASN E 58 2.89 -12.19 7.95
N ILE E 59 4.01 -12.37 7.27
CA ILE E 59 5.29 -12.34 8.00
C ILE E 59 5.89 -10.94 8.03
N TRP E 60 5.49 -10.07 7.07
CA TRP E 60 5.84 -8.60 7.09
C TRP E 60 4.95 -7.73 6.23
N ASP E 61 5.06 -6.41 6.38
CA ASP E 61 4.10 -5.47 5.80
C ASP E 61 4.74 -4.33 4.98
N SER E 62 4.44 -4.24 3.69
CA SER E 62 5.07 -3.18 2.88
C SER E 62 4.74 -1.71 3.32
N ALA E 63 3.46 -1.35 3.42
CA ALA E 63 3.09 0.01 3.84
C ALA E 63 3.81 0.45 5.15
N THR E 64 3.82 -0.39 6.19
CA THR E 64 4.53 -0.05 7.47
C THR E 64 6.03 -0.36 7.50
N GLY E 65 6.44 -1.32 6.66
CA GLY E 65 7.83 -1.81 6.70
C GLY E 65 8.09 -2.61 7.96
N LEU E 66 7.01 -3.08 8.58
CA LEU E 66 7.10 -3.85 9.82
C LEU E 66 7.32 -5.33 9.58
N VAL E 67 8.06 -5.93 10.52
CA VAL E 67 8.40 -7.33 10.47
C VAL E 67 7.76 -8.07 11.64
N ALA E 68 7.18 -9.23 11.33
CA ALA E 68 6.69 -10.15 12.36
C ALA E 68 7.82 -10.69 13.25
N SER E 69 7.48 -10.92 14.51
CA SER E 69 8.23 -11.80 15.34
C SER E 69 7.55 -13.14 15.27
N PHE E 70 8.29 -14.19 15.62
CA PHE E 70 7.64 -15.49 15.73
C PHE E 70 8.37 -16.52 16.61
N ALA E 71 7.66 -17.57 16.93
CA ALA E 71 8.14 -18.61 17.80
C ALA E 71 7.46 -19.89 17.33
N THR E 72 8.25 -20.94 17.19
CA THR E 72 7.68 -22.25 16.86
C THR E 72 8.35 -23.38 17.66
N SER E 73 7.59 -24.38 18.08
CA SER E 73 8.22 -25.57 18.63
C SER E 73 7.68 -26.87 18.02
N PHE E 74 8.54 -27.87 17.97
CA PHE E 74 8.17 -29.19 17.52
C PHE E 74 9.05 -30.21 18.14
N ARG E 75 8.59 -31.45 18.08
CA ARG E 75 9.24 -32.54 18.73
C ARG E 75 9.21 -33.65 17.67
N PHE E 76 10.39 -34.15 17.28
CA PHE E 76 10.54 -35.02 16.11
C PHE E 76 11.55 -36.13 16.41
N THR E 77 11.49 -37.22 15.66
CA THR E 77 12.40 -38.34 15.85
C THR E 77 13.01 -38.74 14.54
N ILE E 78 14.34 -38.85 14.46
CA ILE E 78 14.92 -39.53 13.31
C ILE E 78 15.46 -40.93 13.72
N TYR E 79 14.87 -41.98 13.14
CA TYR E 79 15.35 -43.34 13.37
C TYR E 79 16.22 -43.79 12.21
N ALA E 80 17.37 -44.39 12.51
CA ALA E 80 18.22 -45.06 11.49
C ALA E 80 18.48 -46.56 11.84
N PRO E 81 18.11 -47.50 10.93
CA PRO E 81 18.55 -48.91 11.10
C PRO E 81 20.08 -49.12 11.09
N ASN E 82 20.86 -48.21 10.48
CA ASN E 82 22.29 -48.26 10.67
C ASN E 82 22.81 -46.84 10.74
N ILE E 83 23.11 -46.41 11.96
CA ILE E 83 23.50 -45.04 12.24
C ILE E 83 24.75 -44.63 11.42
N ALA E 84 25.35 -45.60 10.73
CA ALA E 84 26.59 -45.37 9.99
C ALA E 84 26.35 -44.78 8.59
N THR E 85 25.14 -44.97 8.05
CA THR E 85 24.77 -44.47 6.72
C THR E 85 23.40 -43.77 6.80
N ILE E 86 23.42 -42.45 6.88
CA ILE E 86 22.18 -41.67 7.14
C ILE E 86 22.04 -40.45 6.23
N ALA E 87 20.80 -40.12 5.85
CA ALA E 87 20.59 -39.02 4.92
C ALA E 87 19.13 -38.69 4.71
N ASP E 88 18.82 -37.50 4.17
CA ASP E 88 19.69 -36.32 4.15
C ASP E 88 19.36 -35.29 5.25
N GLY E 89 18.17 -35.42 5.87
CA GLY E 89 17.70 -34.47 6.82
C GLY E 89 16.23 -34.03 6.72
N LEU E 90 15.85 -33.17 7.65
CA LEU E 90 14.64 -32.40 7.60
C LEU E 90 14.91 -30.89 7.88
N ALA E 91 13.92 -30.05 7.62
CA ALA E 91 14.02 -28.64 7.92
C ALA E 91 12.65 -28.08 8.20
N PHE E 92 12.57 -27.09 9.09
CA PHE E 92 11.36 -26.26 9.27
C PHE E 92 11.59 -25.09 8.33
N PHE E 93 10.54 -24.64 7.63
CA PHE E 93 10.73 -23.59 6.65
C PHE E 93 9.60 -22.62 6.59
N LEU E 94 9.94 -21.41 6.13
CA LEU E 94 8.97 -20.40 5.66
C LEU E 94 9.24 -20.17 4.16
N ALA E 95 8.21 -20.27 3.34
CA ALA E 95 8.40 -20.04 1.93
C ALA E 95 7.12 -19.41 1.40
N PRO E 96 7.00 -19.20 0.06
CA PRO E 96 5.72 -18.65 -0.44
C PRO E 96 4.54 -19.57 -0.29
N VAL E 97 3.38 -18.97 -0.53
CA VAL E 97 2.07 -19.58 -0.52
C VAL E 97 1.78 -19.89 -1.96
N ALA E 98 1.49 -21.12 -2.37
CA ALA E 98 2.10 -22.31 -1.84
C ALA E 98 3.25 -22.65 -2.79
N SER E 99 4.44 -22.68 -2.20
CA SER E 99 5.52 -23.49 -2.65
C SER E 99 5.01 -24.88 -2.98
N ALA E 100 5.71 -25.49 -3.91
CA ALA E 100 5.59 -26.91 -4.13
C ALA E 100 7.01 -27.46 -3.85
N PRO E 101 7.12 -28.78 -3.55
CA PRO E 101 8.44 -29.39 -3.33
C PRO E 101 9.43 -29.20 -4.49
N ASP E 102 10.59 -28.68 -4.14
CA ASP E 102 11.72 -28.57 -5.03
C ASP E 102 12.43 -29.90 -4.99
N SER E 103 13.67 -29.89 -5.42
CA SER E 103 14.46 -31.09 -5.50
C SER E 103 14.53 -31.88 -4.17
N GLY E 104 14.85 -33.17 -4.26
CA GLY E 104 14.95 -34.05 -3.09
C GLY E 104 16.38 -34.28 -2.66
N GLY E 105 16.66 -35.48 -2.14
CA GLY E 105 18.01 -35.80 -1.64
C GLY E 105 18.52 -34.72 -0.70
N GLY E 106 19.73 -34.24 -0.95
CA GLY E 106 20.36 -33.19 -0.14
C GLY E 106 19.81 -31.78 -0.26
N PHE E 107 18.77 -31.64 -1.06
CA PHE E 107 18.17 -30.33 -1.30
C PHE E 107 17.01 -30.18 -0.31
N LEU E 108 16.57 -31.31 0.27
CA LEU E 108 15.57 -31.31 1.35
C LEU E 108 14.21 -30.74 0.95
N GLY E 109 13.90 -30.75 -0.35
CA GLY E 109 12.58 -30.26 -0.85
C GLY E 109 12.46 -28.75 -0.99
N LEU E 110 13.57 -28.03 -0.88
CA LEU E 110 13.53 -26.58 -0.68
C LEU E 110 14.34 -25.79 -1.70
N PHE E 111 15.24 -26.47 -2.40
CA PHE E 111 16.15 -25.83 -3.35
C PHE E 111 16.35 -26.81 -4.51
N ASP E 112 16.75 -26.29 -5.67
CA ASP E 112 16.95 -27.14 -6.88
C ASP E 112 18.42 -27.49 -7.15
N SER E 113 19.34 -26.60 -6.82
CA SER E 113 20.77 -26.83 -7.00
C SER E 113 21.51 -26.18 -5.82
N ALA E 114 22.82 -25.97 -6.00
CA ALA E 114 23.65 -25.43 -4.94
C ALA E 114 23.74 -23.89 -4.92
N VAL E 115 23.41 -23.22 -6.03
CA VAL E 115 23.58 -21.75 -6.14
C VAL E 115 22.58 -21.00 -5.25
N SER E 116 22.80 -19.70 -5.05
CA SER E 116 21.88 -18.85 -4.30
C SER E 116 20.89 -18.03 -5.20
N GLY E 117 19.67 -18.55 -5.41
CA GLY E 117 18.56 -17.80 -6.04
C GLY E 117 17.77 -16.98 -5.03
N SER E 118 17.77 -15.65 -5.17
CA SER E 118 16.88 -14.75 -4.42
C SER E 118 15.40 -15.03 -4.74
N THR E 119 15.21 -15.57 -5.93
CA THR E 119 13.94 -16.06 -6.42
C THR E 119 13.29 -17.09 -5.45
N TYR E 120 14.09 -17.86 -4.71
CA TYR E 120 13.52 -18.85 -3.74
C TYR E 120 12.55 -18.31 -2.66
N GLN E 121 12.90 -17.18 -2.05
CA GLN E 121 12.13 -16.54 -0.96
C GLN E 121 11.74 -17.57 0.11
N THR E 122 12.74 -18.38 0.46
CA THR E 122 12.70 -19.43 1.44
C THR E 122 13.80 -19.13 2.47
N VAL E 123 13.40 -18.97 3.73
CA VAL E 123 14.30 -19.24 4.85
C VAL E 123 13.95 -20.56 5.59
N ALA E 124 14.99 -21.35 5.89
CA ALA E 124 14.82 -22.59 6.64
C ALA E 124 15.84 -22.82 7.78
N VAL E 125 15.42 -23.55 8.82
CA VAL E 125 16.38 -24.10 9.74
C VAL E 125 16.34 -25.61 9.51
N GLU E 126 17.49 -26.12 9.12
CA GLU E 126 17.65 -27.50 8.71
C GLU E 126 18.44 -28.28 9.79
N PHE E 127 18.19 -29.57 9.79
CA PHE E 127 18.79 -30.50 10.71
C PHE E 127 19.25 -31.52 9.72
N ASP E 128 20.51 -31.31 9.33
CA ASP E 128 21.12 -31.88 8.16
C ASP E 128 21.96 -33.07 8.56
N THR E 129 21.70 -34.17 7.91
CA THR E 129 22.12 -35.43 8.41
C THR E 129 23.21 -36.07 7.52
N TYR E 130 23.54 -35.41 6.42
CA TYR E 130 24.52 -35.93 5.49
C TYR E 130 25.44 -34.81 4.94
N GLU E 131 26.76 -35.01 5.01
CA GLU E 131 27.71 -34.03 4.49
C GLU E 131 27.81 -34.02 2.95
N ASN E 132 27.18 -33.00 2.37
CA ASN E 132 27.31 -32.71 0.95
C ASN E 132 28.35 -31.60 0.81
N THR E 133 29.61 -31.99 0.50
CA THR E 133 30.72 -31.03 0.35
C THR E 133 30.41 -30.14 -0.82
N VAL E 134 29.54 -30.67 -1.70
CA VAL E 134 28.84 -29.91 -2.76
C VAL E 134 28.26 -28.57 -2.21
N PHE E 135 27.76 -28.58 -0.97
CA PHE E 135 26.95 -27.48 -0.44
C PHE E 135 27.68 -26.76 0.67
N THR E 136 28.99 -26.95 0.71
CA THR E 136 29.81 -26.62 1.88
C THR E 136 29.18 -27.12 3.21
N ASP E 137 28.68 -28.37 3.21
CA ASP E 137 28.35 -29.04 4.48
C ASP E 137 29.58 -29.28 5.33
N PRO E 138 29.50 -28.92 6.63
CA PRO E 138 30.53 -29.23 7.59
C PRO E 138 30.47 -30.73 7.86
N PRO E 139 31.56 -31.31 8.41
CA PRO E 139 31.73 -32.77 8.48
C PRO E 139 30.87 -33.52 9.49
N TYR E 140 30.22 -32.84 10.41
CA TYR E 140 29.38 -33.52 11.37
C TYR E 140 27.93 -33.21 11.08
N THR E 141 27.05 -34.06 11.55
CA THR E 141 25.66 -33.71 11.67
C THR E 141 25.51 -32.27 12.27
N HIS E 142 24.60 -31.48 11.69
CA HIS E 142 24.56 -30.03 12.02
C HIS E 142 23.23 -29.40 11.86
N ILE E 143 23.06 -28.27 12.54
CA ILE E 143 21.88 -27.42 12.42
C ILE E 143 22.38 -26.33 11.51
N GLY E 144 21.50 -25.73 10.72
CA GLY E 144 21.92 -24.70 9.78
C GLY E 144 20.81 -23.72 9.48
N PHE E 145 21.20 -22.48 9.17
CA PHE E 145 20.25 -21.47 8.71
C PHE E 145 20.41 -21.32 7.21
N ASP E 146 19.35 -21.64 6.50
CA ASP E 146 19.31 -21.58 5.02
C ASP E 146 18.55 -20.34 4.56
N VAL E 147 19.20 -19.42 3.87
CA VAL E 147 18.44 -18.29 3.35
C VAL E 147 18.72 -18.12 1.88
N ASN E 148 17.78 -18.61 1.09
CA ASN E 148 17.81 -18.53 -0.39
C ASN E 148 18.96 -19.33 -0.95
N SER E 149 19.30 -20.40 -0.25
CA SER E 149 20.46 -21.19 -0.53
C SER E 149 20.50 -22.35 0.49
N ILE E 150 20.91 -23.53 0.01
CA ILE E 150 21.25 -24.67 0.85
C ILE E 150 22.70 -24.52 1.42
N SER E 151 23.52 -23.64 0.87
CA SER E 151 24.81 -23.39 1.49
C SER E 151 24.51 -22.51 2.71
N SER E 152 24.31 -23.16 3.86
CA SER E 152 23.90 -22.49 5.09
C SER E 152 24.76 -21.28 5.40
N ILE E 153 24.08 -20.19 5.70
CA ILE E 153 24.78 -18.97 6.03
C ILE E 153 25.46 -19.16 7.41
N LYS E 154 24.89 -19.99 8.29
CA LYS E 154 25.60 -20.37 9.52
C LYS E 154 25.27 -21.79 9.98
N THR E 155 26.23 -22.53 10.58
CA THR E 155 25.92 -23.85 11.24
C THR E 155 26.56 -24.05 12.65
N VAL E 156 26.08 -25.06 13.42
CA VAL E 156 26.75 -25.56 14.66
C VAL E 156 26.54 -27.06 14.72
N LYS E 157 27.41 -27.74 15.47
CA LYS E 157 27.32 -29.18 15.63
C LYS E 157 25.98 -29.57 16.29
N TRP E 158 25.39 -30.64 15.76
CA TRP E 158 24.21 -31.25 16.35
C TRP E 158 24.44 -32.72 16.32
N SER E 159 24.72 -33.33 17.47
CA SER E 159 24.92 -34.78 17.53
C SER E 159 23.59 -35.59 17.55
N LEU E 160 23.29 -36.30 16.47
CA LEU E 160 22.04 -37.07 16.40
C LEU E 160 21.92 -38.13 17.51
N ALA E 161 20.79 -38.25 18.19
CA ALA E 161 20.60 -39.35 19.15
C ALA E 161 19.58 -40.31 18.57
N ASN E 162 20.06 -41.42 18.02
CA ASN E 162 19.25 -42.28 17.15
C ASN E 162 17.95 -42.76 17.76
N GLY E 163 16.84 -42.53 17.09
CA GLY E 163 15.54 -43.03 17.57
C GLY E 163 14.98 -42.33 18.79
N GLU E 164 15.71 -41.34 19.28
CA GLU E 164 15.37 -40.58 20.47
C GLU E 164 14.62 -39.31 20.07
N ALA E 165 13.72 -38.83 20.93
CA ALA E 165 12.87 -37.69 20.59
C ALA E 165 13.54 -36.34 20.88
N ALA E 166 13.45 -35.45 19.87
CA ALA E 166 14.06 -34.12 19.91
C ALA E 166 13.03 -33.02 20.07
N LYS E 167 13.34 -32.10 20.98
CA LYS E 167 12.56 -30.93 21.26
C LYS E 167 13.34 -29.71 20.74
N VAL E 168 12.69 -29.01 19.81
CA VAL E 168 13.21 -27.81 19.16
C VAL E 168 12.37 -26.61 19.55
N LEU E 169 13.03 -25.48 19.62
CA LEU E 169 12.32 -24.22 19.65
C LEU E 169 13.09 -23.30 18.70
N ILE E 170 12.35 -22.61 17.84
CA ILE E 170 12.93 -21.69 16.87
C ILE E 170 12.24 -20.39 17.14
N THR E 171 13.06 -19.36 17.20
CA THR E 171 12.59 -18.08 17.61
C THR E 171 13.06 -16.97 16.69
N TYR E 172 12.17 -16.05 16.36
CA TYR E 172 12.58 -14.89 15.59
C TYR E 172 12.20 -13.52 16.15
N ASN E 173 13.19 -12.70 16.42
CA ASN E 173 12.90 -11.40 17.04
C ASN E 173 12.97 -10.24 16.04
N SER E 174 11.82 -9.66 15.81
CA SER E 174 11.66 -8.66 14.80
C SER E 174 12.50 -7.44 15.14
N ALA E 175 12.60 -7.16 16.44
CA ALA E 175 13.35 -6.01 16.97
C ALA E 175 14.86 -6.08 16.69
N VAL E 176 15.50 -7.20 17.02
CA VAL E 176 16.92 -7.44 16.76
C VAL E 176 17.21 -8.21 15.44
N LYS E 177 16.17 -8.60 14.69
CA LYS E 177 16.43 -9.45 13.52
C LYS E 177 17.23 -10.73 13.86
N LEU E 178 17.04 -11.26 15.06
CA LEU E 178 17.77 -12.44 15.55
C LEU E 178 16.94 -13.74 15.41
N LEU E 179 17.46 -14.67 14.63
CA LEU E 179 16.86 -15.97 14.52
C LEU E 179 17.70 -16.92 15.41
N VAL E 180 17.03 -17.68 16.27
CA VAL E 180 17.71 -18.62 17.15
C VAL E 180 17.03 -19.96 16.95
N ALA E 181 17.82 -21.02 17.00
CA ALA E 181 17.25 -22.37 17.04
C ALA E 181 17.93 -23.11 18.09
N SER E 182 17.18 -23.90 18.81
CA SER E 182 17.78 -24.82 19.76
C SER E 182 17.15 -26.23 19.74
N LEU E 183 18.00 -27.20 20.06
CA LEU E 183 17.57 -28.58 20.07
C LEU E 183 18.06 -29.26 21.35
N VAL E 184 17.13 -29.97 21.98
CA VAL E 184 17.39 -30.66 23.22
C VAL E 184 16.82 -32.09 23.22
N TYR E 185 17.59 -33.07 23.63
CA TYR E 185 17.06 -34.44 23.83
C TYR E 185 16.89 -34.66 25.31
N PRO E 186 15.64 -34.85 25.78
CA PRO E 186 15.45 -34.98 27.22
C PRO E 186 15.95 -36.32 27.72
N SER E 187 15.91 -37.33 26.87
CA SER E 187 16.48 -38.61 27.20
C SER E 187 17.98 -38.45 27.45
N SER E 188 18.71 -37.89 26.49
CA SER E 188 20.18 -37.84 26.59
C SER E 188 20.71 -36.64 27.37
N LYS E 189 19.88 -35.61 27.55
CA LYS E 189 20.30 -34.40 28.31
C LYS E 189 21.36 -33.59 27.55
N THR E 190 21.44 -33.83 26.24
CA THR E 190 22.26 -32.99 25.36
C THR E 190 21.48 -31.80 24.77
N SER E 191 22.21 -30.77 24.37
CA SER E 191 21.58 -29.51 23.97
C SER E 191 22.42 -28.78 22.93
N PHE E 192 21.79 -28.03 22.02
CA PHE E 192 22.48 -27.31 20.91
C PHE E 192 21.70 -26.05 20.56
N ILE E 193 22.42 -24.98 20.27
CA ILE E 193 21.78 -23.71 19.97
C ILE E 193 22.57 -23.01 18.88
N LEU E 194 21.88 -22.19 18.09
CA LEU E 194 22.50 -21.48 16.97
C LEU E 194 21.86 -20.12 16.89
N ALA E 195 22.63 -19.09 16.63
CA ALA E 195 22.06 -17.75 16.59
C ALA E 195 22.60 -16.87 15.43
N ASP E 196 21.73 -16.15 14.73
CA ASP E 196 22.21 -15.27 13.66
C ASP E 196 21.25 -14.12 13.38
N ILE E 197 21.84 -13.00 12.92
CA ILE E 197 21.07 -11.91 12.28
C ILE E 197 20.66 -12.37 10.85
N VAL E 198 19.35 -12.41 10.57
CA VAL E 198 18.84 -12.62 9.20
C VAL E 198 17.61 -11.75 9.00
N ASP E 199 17.50 -11.20 7.78
CA ASP E 199 16.50 -10.17 7.46
C ASP E 199 15.40 -10.74 6.58
N LEU E 200 14.31 -11.16 7.21
CA LEU E 200 13.15 -11.71 6.48
C LEU E 200 12.59 -10.69 5.49
N SER E 201 12.44 -9.45 5.96
CA SER E 201 11.75 -8.38 5.22
C SER E 201 12.31 -8.35 3.83
N SER E 202 13.61 -8.58 3.73
CA SER E 202 14.28 -8.45 2.44
C SER E 202 14.48 -9.76 1.64
N VAL E 203 14.02 -10.89 2.17
CA VAL E 203 14.16 -12.18 1.47
C VAL E 203 12.89 -12.99 1.37
N LEU E 204 11.86 -12.63 2.15
CA LEU E 204 10.55 -13.32 2.14
C LEU E 204 9.43 -12.47 1.50
N PRO E 205 8.41 -13.08 0.87
CA PRO E 205 7.22 -12.27 0.53
C PRO E 205 6.54 -11.72 1.81
N GLU E 206 5.57 -10.84 1.67
CA GLU E 206 4.73 -10.44 2.82
C GLU E 206 3.91 -11.60 3.32
N TRP E 207 3.57 -12.56 2.45
CA TRP E 207 2.80 -13.69 2.82
C TRP E 207 3.49 -14.93 2.52
N VAL E 208 3.46 -15.79 3.52
CA VAL E 208 4.26 -17.00 3.52
C VAL E 208 3.41 -18.15 4.10
N ARG E 209 3.69 -19.37 3.63
CA ARG E 209 3.30 -20.57 4.36
C ARG E 209 4.51 -21.12 5.11
N VAL E 210 4.19 -21.96 6.10
CA VAL E 210 5.10 -22.36 7.17
C VAL E 210 4.94 -23.87 7.31
N GLY E 211 6.04 -24.58 7.43
CA GLY E 211 6.01 -26.02 7.57
C GLY E 211 7.36 -26.71 7.62
N PHE E 212 7.30 -28.05 7.56
CA PHE E 212 8.44 -28.93 7.61
C PHE E 212 8.64 -29.47 6.19
N SER E 213 9.86 -29.84 5.87
CA SER E 213 10.13 -30.62 4.68
C SER E 213 11.26 -31.62 4.99
N ALA E 214 11.19 -32.81 4.36
CA ALA E 214 12.20 -33.85 4.61
C ALA E 214 12.53 -34.72 3.42
N ALA E 215 13.73 -35.29 3.46
CA ALA E 215 14.22 -36.11 2.38
C ALA E 215 15.12 -37.23 2.94
N THR E 216 14.91 -38.46 2.46
CA THR E 216 15.85 -39.56 2.71
C THR E 216 16.86 -39.59 1.59
N GLY E 217 17.66 -40.65 1.57
CA GLY E 217 18.83 -40.68 0.70
C GLY E 217 18.67 -41.04 -0.77
N ALA E 218 19.66 -40.55 -1.52
CA ALA E 218 19.85 -40.85 -2.94
C ALA E 218 20.36 -42.27 -3.27
N SER E 219 20.44 -43.20 -2.31
CA SER E 219 20.95 -44.58 -2.61
C SER E 219 20.84 -45.72 -1.57
N GLY E 220 19.87 -46.61 -1.80
CA GLY E 220 19.80 -47.93 -1.16
C GLY E 220 19.59 -47.99 0.34
N GLY E 221 20.65 -47.64 1.08
CA GLY E 221 20.60 -47.67 2.54
C GLY E 221 21.11 -46.45 3.29
N LYS E 222 21.24 -45.29 2.62
CA LYS E 222 21.45 -44.02 3.35
C LYS E 222 20.04 -43.49 3.80
N ILE E 223 19.61 -44.03 4.94
CA ILE E 223 18.21 -44.26 5.24
C ILE E 223 17.88 -43.81 6.66
N GLU E 224 16.75 -43.12 6.84
CA GLU E 224 16.31 -42.66 8.18
C GLU E 224 14.88 -42.14 8.14
N THR E 225 14.05 -42.48 9.12
CA THR E 225 12.78 -41.77 9.24
C THR E 225 12.94 -40.27 9.55
N HIS E 226 11.86 -39.50 9.36
CA HIS E 226 11.80 -38.07 9.77
C HIS E 226 10.42 -37.81 10.30
N ASP E 227 10.15 -38.33 11.50
CA ASP E 227 8.84 -38.24 12.11
C ASP E 227 8.62 -37.01 13.00
N VAL E 228 7.44 -36.40 12.88
CA VAL E 228 7.09 -35.28 13.73
C VAL E 228 5.91 -35.67 14.59
N PHE E 229 5.99 -35.46 15.90
CA PHE E 229 4.93 -35.86 16.81
C PHE E 229 4.00 -34.74 17.22
N SER E 230 4.49 -33.50 17.21
CA SER E 230 3.71 -32.38 17.69
C SER E 230 4.36 -31.09 17.17
N TRP E 231 3.58 -30.00 17.09
CA TRP E 231 4.02 -28.76 16.48
C TRP E 231 3.24 -27.59 16.98
N SER E 232 3.93 -26.50 17.32
CA SER E 232 3.26 -25.21 17.63
C SER E 232 3.87 -24.03 16.92
N PHE E 233 3.02 -23.04 16.64
CA PHE E 233 3.47 -21.86 15.91
C PHE E 233 2.68 -20.64 16.41
N ALA E 234 3.39 -19.58 16.75
CA ALA E 234 2.73 -18.28 16.99
C ALA E 234 3.55 -17.19 16.32
N SER E 235 2.91 -16.38 15.49
CA SER E 235 3.60 -15.20 14.94
C SER E 235 2.83 -13.95 15.26
N LYS E 236 3.56 -12.84 15.37
CA LYS E 236 2.93 -11.54 15.65
C LYS E 236 3.53 -10.41 14.80
N LEU E 237 2.69 -9.75 14.00
CA LEU E 237 3.11 -8.64 13.17
C LEU E 237 2.48 -7.35 13.65
N ALA E 238 3.16 -6.62 14.54
CA ALA E 238 2.66 -5.34 15.11
C ALA E 238 2.62 -4.28 14.03
N GLY E 239 1.45 -3.64 13.87
CA GLY E 239 1.22 -2.60 12.86
C GLY E 239 1.09 -1.20 13.43
N THR E 242 -1.90 -11.05 27.15
CA THR E 242 -0.68 -10.65 27.88
C THR E 242 0.39 -10.12 26.91
N LYS E 243 0.05 -9.02 26.22
CA LYS E 243 0.75 -8.57 24.99
C LYS E 243 2.24 -8.12 25.10
N ASP E 244 2.59 -7.05 24.39
CA ASP E 244 3.97 -6.53 24.24
C ASP E 244 4.76 -7.29 23.15
N SER E 245 5.76 -8.09 23.57
CA SER E 245 6.54 -8.98 22.69
C SER E 245 5.66 -10.17 22.25
N SER E 246 6.28 -11.23 21.69
CA SER E 246 5.58 -12.50 21.44
C SER E 246 5.39 -13.20 22.78
N PHE E 247 5.40 -12.41 23.87
CA PHE E 247 5.59 -12.88 25.24
C PHE E 247 6.09 -14.33 25.24
N LEU E 248 7.29 -14.52 24.69
CA LEU E 248 7.77 -15.84 24.32
C LEU E 248 7.47 -16.87 25.40
N ASP E 249 7.73 -16.50 26.65
CA ASP E 249 7.47 -17.36 27.84
C ASP E 249 6.00 -17.81 27.94
N GLY E 250 5.21 -17.62 26.87
CA GLY E 250 3.79 -18.04 26.82
C GLY E 250 3.67 -19.48 26.37
N GLY E 251 4.33 -19.81 25.25
CA GLY E 251 4.52 -21.18 24.80
C GLY E 251 5.83 -21.22 24.03
N ALA F 1 -4.42 -25.66 36.58
CA ALA F 1 -4.95 -24.97 37.79
C ALA F 1 -4.15 -23.70 38.23
N GLU F 2 -3.06 -23.87 38.97
CA GLU F 2 -2.45 -22.74 39.66
C GLU F 2 -1.40 -22.11 38.78
N GLU F 3 -1.67 -20.85 38.40
CA GLU F 3 -0.74 -20.18 37.50
C GLU F 3 -0.35 -18.83 38.06
N THR F 4 0.96 -18.59 38.10
CA THR F 4 1.52 -17.29 38.46
C THR F 4 2.36 -16.71 37.34
N SER F 5 2.02 -15.49 36.99
CA SER F 5 2.62 -14.82 35.88
C SER F 5 2.91 -13.32 36.08
N PHE F 6 4.09 -12.90 35.63
CA PHE F 6 4.41 -11.46 35.56
C PHE F 6 5.46 -11.07 34.49
N VAL F 7 5.41 -9.80 34.09
CA VAL F 7 6.40 -9.27 33.17
C VAL F 7 6.84 -7.84 33.51
N PHE F 8 8.15 -7.68 33.59
CA PHE F 8 8.77 -6.41 33.85
C PHE F 8 9.55 -6.13 32.58
N SER F 9 9.02 -5.26 31.72
CA SER F 9 9.75 -4.82 30.52
C SER F 9 10.77 -3.79 30.91
N LYS F 10 10.53 -3.08 32.03
CA LYS F 10 11.57 -2.33 32.72
C LYS F 10 11.28 -2.30 34.22
N PHE F 11 12.14 -1.68 35.01
CA PHE F 11 11.97 -1.63 36.45
C PHE F 11 11.66 -0.18 36.93
N LYS F 12 10.95 -0.01 38.02
CA LYS F 12 10.60 1.36 38.42
C LYS F 12 11.22 1.69 39.76
N PRO F 13 11.57 2.96 39.96
CA PRO F 13 12.19 3.26 41.28
C PRO F 13 11.27 2.85 42.46
N LEU F 14 9.97 3.15 42.38
CA LEU F 14 9.03 2.57 43.35
C LEU F 14 8.51 1.30 42.74
N GLU F 15 8.83 0.17 43.34
CA GLU F 15 8.13 -0.98 42.86
C GLU F 15 7.86 -2.15 43.81
N PRO F 16 6.68 -2.11 44.39
CA PRO F 16 6.39 -2.88 45.58
C PRO F 16 6.09 -4.35 45.32
N ASN F 17 5.97 -4.78 44.06
CA ASN F 17 5.99 -6.21 43.76
C ASN F 17 7.40 -6.84 43.67
N LEU F 18 8.44 -6.07 43.99
CA LEU F 18 9.79 -6.60 43.94
C LEU F 18 10.42 -6.37 45.29
N ILE F 19 10.84 -7.46 45.92
CA ILE F 19 11.60 -7.37 47.15
C ILE F 19 13.11 -7.35 46.89
N LEU F 20 13.73 -6.22 47.25
CA LEU F 20 15.17 -5.97 47.00
C LEU F 20 15.90 -6.38 48.22
N GLN F 21 17.13 -6.86 48.10
CA GLN F 21 17.85 -7.28 49.31
C GLN F 21 19.29 -6.94 49.09
N GLY F 22 20.00 -6.74 50.20
CA GLY F 22 21.42 -6.38 50.19
C GLY F 22 21.56 -5.06 49.45
N ASP F 23 22.46 -5.00 48.48
CA ASP F 23 22.72 -3.77 47.71
C ASP F 23 21.73 -3.45 46.57
N ALA F 24 20.81 -4.34 46.29
CA ALA F 24 20.10 -4.27 45.03
C ALA F 24 19.34 -2.97 44.96
N LEU F 25 19.33 -2.32 43.80
CA LEU F 25 18.44 -1.15 43.61
C LEU F 25 18.00 -0.91 42.15
N VAL F 26 17.03 -0.05 41.95
CA VAL F 26 16.59 0.29 40.60
C VAL F 26 16.92 1.74 40.22
N THR F 27 17.72 1.97 39.19
CA THR F 27 18.09 3.35 38.82
C THR F 27 16.90 4.14 38.25
N VAL F 28 17.09 5.44 38.10
CA VAL F 28 16.11 6.27 37.42
C VAL F 28 15.97 5.79 35.98
N ALA F 29 17.07 5.42 35.34
CA ALA F 29 17.06 4.77 34.03
C ALA F 29 16.05 3.59 33.95
N GLY F 30 15.73 2.96 35.09
CA GLY F 30 14.92 1.74 35.10
C GLY F 30 15.72 0.45 35.12
N VAL F 31 17.03 0.55 35.35
CA VAL F 31 17.90 -0.61 35.50
C VAL F 31 17.86 -1.28 36.90
N LEU F 32 17.92 -2.62 36.95
CA LEU F 32 18.06 -3.34 38.23
C LEU F 32 19.53 -3.69 38.48
N GLN F 33 20.19 -2.77 39.21
CA GLN F 33 21.54 -2.93 39.66
C GLN F 33 21.54 -3.85 40.86
N LEU F 34 21.95 -5.09 40.66
CA LEU F 34 21.93 -6.04 41.75
C LEU F 34 23.07 -5.76 42.71
N THR F 35 24.25 -5.47 42.17
CA THR F 35 25.44 -5.13 42.96
C THR F 35 25.85 -3.66 42.75
N ASN F 36 26.69 -3.16 43.65
CA ASN F 36 26.88 -1.71 43.73
C ASN F 36 27.71 -1.07 42.62
N VAL F 37 27.21 0.05 42.13
CA VAL F 37 27.84 0.75 41.00
C VAL F 37 27.84 2.24 41.33
N ASP F 38 29.03 2.84 41.32
CA ASP F 38 29.15 4.30 41.57
C ASP F 38 28.54 5.17 40.48
N SER F 39 28.63 6.49 40.66
CA SER F 39 27.89 7.45 39.85
C SER F 39 28.39 7.58 38.41
N ASN F 40 29.58 7.09 38.16
CA ASN F 40 30.15 7.06 36.81
C ASN F 40 29.88 5.74 36.07
N GLY F 41 29.53 4.70 36.84
CA GLY F 41 29.26 3.39 36.29
C GLY F 41 30.25 2.34 36.76
N VAL F 42 31.03 2.62 37.80
CA VAL F 42 32.17 1.75 38.18
C VAL F 42 31.72 0.81 39.29
N PRO F 43 31.91 -0.53 39.09
CA PRO F 43 31.45 -1.55 40.04
C PRO F 43 32.30 -1.68 41.28
N GLU F 44 31.67 -1.81 42.44
CA GLU F 44 32.40 -1.82 43.71
C GLU F 44 32.61 -3.22 44.22
N PRO F 45 33.70 -3.43 44.97
CA PRO F 45 34.01 -4.76 45.49
C PRO F 45 33.19 -5.07 46.74
N SER F 46 33.20 -6.34 47.15
CA SER F 46 32.33 -6.84 48.23
C SER F 46 30.85 -6.39 48.12
N SER F 47 30.25 -6.59 46.96
CA SER F 47 28.83 -6.33 46.84
C SER F 47 28.00 -7.64 46.83
N LEU F 48 26.78 -7.54 47.31
CA LEU F 48 25.85 -8.63 47.30
C LEU F 48 24.44 -8.05 47.30
N GLY F 49 23.66 -8.47 46.32
CA GLY F 49 22.31 -7.98 46.10
C GLY F 49 21.40 -9.08 45.61
N ARG F 50 20.14 -9.04 46.01
CA ARG F 50 19.15 -9.84 45.30
C ARG F 50 17.82 -9.12 45.08
N ALA F 51 17.05 -9.66 44.14
CA ALA F 51 15.76 -9.17 43.77
C ALA F 51 14.86 -10.38 43.63
N THR F 52 13.69 -10.32 44.22
CA THR F 52 12.73 -11.44 44.24
C THR F 52 11.32 -10.95 43.96
N TYR F 53 10.49 -11.72 43.25
CA TYR F 53 9.07 -11.35 43.06
C TYR F 53 8.26 -11.44 44.39
N SER F 54 7.64 -10.33 44.72
CA SER F 54 6.68 -10.12 45.81
C SER F 54 5.88 -11.36 46.20
N ALA F 55 5.27 -12.04 45.24
CA ALA F 55 4.42 -13.20 45.59
C ALA F 55 5.09 -14.56 45.49
N PRO F 56 4.95 -15.38 46.55
CA PRO F 56 5.31 -16.78 46.55
C PRO F 56 4.62 -17.53 45.38
N ILE F 57 5.31 -18.52 44.81
CA ILE F 57 4.85 -19.32 43.66
C ILE F 57 4.67 -20.77 44.17
N ASN F 58 3.49 -21.35 43.91
CA ASN F 58 3.21 -22.74 44.20
C ASN F 58 3.97 -23.65 43.23
N ILE F 59 5.17 -24.09 43.59
CA ILE F 59 5.96 -24.86 42.62
C ILE F 59 5.56 -26.34 42.53
N TRP F 60 5.10 -26.88 43.65
CA TRP F 60 4.57 -28.25 43.63
C TRP F 60 3.53 -28.45 44.67
N ASP F 61 2.69 -29.46 44.45
CA ASP F 61 1.60 -29.72 45.36
C ASP F 61 1.71 -31.11 46.03
N SER F 62 1.77 -31.11 47.36
CA SER F 62 1.88 -32.36 48.12
C SER F 62 0.66 -33.27 48.08
N ALA F 63 -0.56 -32.73 48.15
CA ALA F 63 -1.77 -33.58 48.10
C ALA F 63 -1.86 -34.42 46.80
N THR F 64 -1.47 -33.83 45.66
CA THR F 64 -1.51 -34.51 44.35
C THR F 64 -0.15 -35.03 43.93
N GLY F 65 0.90 -34.47 44.53
CA GLY F 65 2.27 -34.85 44.16
C GLY F 65 2.75 -34.27 42.83
N LEU F 66 1.89 -33.52 42.14
CA LEU F 66 2.23 -32.81 40.90
C LEU F 66 3.30 -31.71 41.05
N VAL F 67 4.06 -31.48 39.97
CA VAL F 67 5.11 -30.46 39.89
C VAL F 67 4.79 -29.40 38.85
N ALA F 68 5.10 -28.13 39.11
CA ALA F 68 4.91 -27.08 38.08
C ALA F 68 5.87 -27.20 36.92
N SER F 69 5.38 -26.86 35.74
CA SER F 69 6.28 -26.47 34.69
C SER F 69 6.47 -24.98 34.81
N PHE F 70 7.62 -24.51 34.36
CA PHE F 70 7.80 -23.04 34.26
C PHE F 70 8.76 -22.56 33.19
N ALA F 71 8.70 -21.26 32.97
CA ALA F 71 9.50 -20.65 31.97
C ALA F 71 9.75 -19.24 32.46
N THR F 72 11.00 -18.83 32.40
CA THR F 72 11.34 -17.44 32.69
C THR F 72 12.35 -16.94 31.67
N SER F 73 12.25 -15.66 31.31
CA SER F 73 13.26 -14.98 30.47
C SER F 73 13.71 -13.60 31.06
N PHE F 74 14.95 -13.19 30.79
CA PHE F 74 15.46 -11.89 31.23
C PHE F 74 16.63 -11.41 30.36
N ARG F 75 16.90 -10.12 30.45
CA ARG F 75 17.85 -9.44 29.62
C ARG F 75 18.73 -8.83 30.68
N PHE F 76 20.02 -9.13 30.61
CA PHE F 76 20.97 -8.64 31.57
C PHE F 76 22.32 -8.23 30.93
N THR F 77 23.04 -7.36 31.64
CA THR F 77 24.35 -6.88 31.18
C THR F 77 25.28 -6.95 32.34
N ILE F 78 26.45 -7.55 32.10
CA ILE F 78 27.55 -7.28 33.00
C ILE F 78 28.67 -6.49 32.30
N TYR F 79 29.12 -5.44 32.99
CA TYR F 79 30.26 -4.61 32.53
C TYR F 79 31.38 -4.69 33.55
N ALA F 80 32.59 -4.81 33.01
CA ALA F 80 33.85 -4.87 33.73
C ALA F 80 34.86 -3.92 33.06
N PRO F 81 35.30 -2.88 33.83
CA PRO F 81 36.33 -1.91 33.43
C PRO F 81 37.67 -2.58 33.02
N ASN F 82 38.04 -3.65 33.72
CA ASN F 82 39.18 -4.50 33.32
C ASN F 82 38.76 -5.98 33.19
N ILE F 83 38.61 -6.45 31.96
CA ILE F 83 37.95 -7.73 31.71
C ILE F 83 38.74 -8.92 32.28
N ALA F 84 40.02 -8.70 32.56
CA ALA F 84 40.88 -9.78 33.03
C ALA F 84 40.77 -9.95 34.55
N THR F 85 40.20 -8.94 35.22
CA THR F 85 40.04 -9.04 36.67
C THR F 85 38.55 -9.07 37.09
N ILE F 86 37.91 -10.26 37.04
CA ILE F 86 36.43 -10.31 37.21
C ILE F 86 35.89 -11.25 38.29
N ALA F 87 34.73 -10.91 38.83
CA ALA F 87 34.09 -11.67 39.88
C ALA F 87 32.80 -10.99 40.37
N ASP F 88 31.83 -11.75 40.91
CA ASP F 88 31.83 -13.21 41.00
C ASP F 88 30.78 -13.88 40.13
N GLY F 89 29.68 -13.17 39.85
CA GLY F 89 28.65 -13.66 38.95
C GLY F 89 27.23 -13.36 39.42
N LEU F 90 26.25 -13.87 38.67
CA LEU F 90 24.83 -13.67 38.98
C LEU F 90 24.05 -14.97 38.81
N ALA F 91 22.86 -15.05 39.43
CA ALA F 91 22.05 -16.25 39.31
C ALA F 91 20.52 -15.99 39.36
N PHE F 92 19.77 -16.79 38.59
CA PHE F 92 18.33 -16.84 38.71
C PHE F 92 18.10 -17.98 39.66
N PHE F 93 17.17 -17.81 40.61
CA PHE F 93 17.00 -18.82 41.64
C PHE F 93 15.60 -18.97 42.13
N LEU F 94 15.30 -20.18 42.56
CA LEU F 94 14.10 -20.50 43.31
C LEU F 94 14.61 -21.01 44.66
N ALA F 95 14.01 -20.50 45.74
CA ALA F 95 14.46 -20.79 47.10
C ALA F 95 13.26 -20.66 48.04
N PRO F 96 13.33 -21.16 49.30
CA PRO F 96 12.08 -20.97 50.10
C PRO F 96 11.58 -19.50 50.17
N VAL F 97 10.33 -19.31 50.59
CA VAL F 97 9.75 -17.97 50.81
C VAL F 97 10.47 -17.40 52.01
N ALA F 98 10.70 -16.10 52.02
CA ALA F 98 11.40 -15.50 53.18
C ALA F 98 12.90 -15.90 53.33
N SER F 99 13.40 -16.71 52.39
CA SER F 99 14.83 -16.87 52.13
C SER F 99 15.54 -15.52 52.21
N ALA F 100 16.79 -15.52 52.64
CA ALA F 100 17.48 -14.26 52.88
C ALA F 100 18.90 -14.42 52.35
N PRO F 101 19.57 -13.31 51.94
CA PRO F 101 20.91 -13.43 51.32
C PRO F 101 21.92 -14.17 52.19
N ASP F 102 22.59 -15.20 51.64
CA ASP F 102 23.67 -15.87 52.38
C ASP F 102 24.93 -15.11 52.03
N SER F 103 26.06 -15.80 51.83
CA SER F 103 27.31 -15.05 51.75
C SER F 103 27.79 -14.70 50.34
N GLY F 104 28.45 -13.55 50.21
CA GLY F 104 28.94 -13.01 48.92
C GLY F 104 30.06 -13.78 48.23
N GLY F 105 30.89 -13.08 47.45
CA GLY F 105 31.92 -13.74 46.68
C GLY F 105 31.33 -14.88 45.83
N GLY F 106 32.04 -15.99 45.78
CA GLY F 106 31.66 -17.12 44.95
C GLY F 106 30.42 -17.90 45.35
N PHE F 107 29.84 -17.61 46.50
CA PHE F 107 28.62 -18.33 46.91
C PHE F 107 27.41 -17.58 46.36
N LEU F 108 27.63 -16.36 45.85
CA LEU F 108 26.61 -15.61 45.09
C LEU F 108 25.31 -15.32 45.86
N GLY F 109 25.41 -15.08 47.17
CA GLY F 109 24.23 -14.91 48.03
C GLY F 109 23.30 -16.11 48.18
N LEU F 110 23.76 -17.30 47.86
CA LEU F 110 22.82 -18.41 47.76
C LEU F 110 23.11 -19.55 48.70
N PHE F 111 24.38 -19.61 49.11
CA PHE F 111 24.98 -20.68 49.94
C PHE F 111 26.00 -20.09 50.94
N ASP F 112 26.59 -20.94 51.78
CA ASP F 112 27.50 -20.47 52.85
C ASP F 112 28.87 -21.05 52.71
N SER F 113 28.96 -22.22 52.07
CA SER F 113 30.23 -22.88 51.86
C SER F 113 30.04 -23.90 50.75
N ALA F 114 31.04 -24.74 50.57
CA ALA F 114 31.18 -25.64 49.44
C ALA F 114 30.26 -26.85 49.40
N VAL F 115 29.65 -27.21 50.53
CA VAL F 115 29.10 -28.58 50.68
C VAL F 115 27.61 -28.66 50.35
N GLY F 116 27.19 -29.74 49.69
CA GLY F 116 25.77 -30.03 49.47
C GLY F 116 25.07 -30.12 50.81
N ASP F 117 23.76 -29.88 50.82
CA ASP F 117 23.03 -29.71 52.07
C ASP F 117 21.57 -29.51 51.69
N THR F 118 20.73 -30.51 51.99
CA THR F 118 19.33 -30.46 51.57
C THR F 118 18.48 -29.28 52.12
N THR F 119 18.88 -28.72 53.27
CA THR F 119 18.09 -27.65 53.89
C THR F 119 18.15 -26.31 53.18
N TYR F 120 19.17 -26.05 52.35
CA TYR F 120 19.18 -24.82 51.50
C TYR F 120 17.84 -24.66 50.75
N GLN F 121 17.45 -25.75 50.08
CA GLN F 121 16.23 -25.90 49.26
C GLN F 121 16.22 -24.86 48.17
N THR F 122 17.40 -24.70 47.58
CA THR F 122 17.68 -23.69 46.58
C THR F 122 18.08 -24.43 45.29
N VAL F 123 17.33 -24.16 44.22
CA VAL F 123 17.77 -24.43 42.86
C VAL F 123 18.09 -23.10 42.11
N ALA F 124 19.26 -23.03 41.51
CA ALA F 124 19.69 -21.84 40.81
C ALA F 124 20.40 -22.17 39.49
N VAL F 125 20.29 -21.24 38.55
CA VAL F 125 21.08 -21.30 37.33
C VAL F 125 22.05 -20.15 37.49
N GLU F 126 23.32 -20.46 37.75
CA GLU F 126 24.32 -19.43 37.94
C GLU F 126 25.03 -19.09 36.62
N PHE F 127 25.57 -17.87 36.58
CA PHE F 127 26.34 -17.34 35.46
C PHE F 127 27.58 -16.84 36.13
N ASP F 128 28.55 -17.76 36.21
CA ASP F 128 29.71 -17.62 37.07
C ASP F 128 30.97 -17.01 36.40
N THR F 129 31.41 -15.85 36.84
CA THR F 129 32.54 -15.23 36.15
C THR F 129 33.95 -15.42 36.74
N TYR F 130 34.09 -16.25 37.78
CA TYR F 130 35.40 -16.41 38.41
C TYR F 130 35.58 -17.83 38.92
N GLU F 131 36.75 -18.41 38.64
CA GLU F 131 37.00 -19.76 39.06
C GLU F 131 37.35 -19.93 40.54
N ASN F 132 36.47 -20.64 41.25
CA ASN F 132 36.70 -21.00 42.64
C ASN F 132 36.99 -22.48 42.65
N THR F 133 38.27 -22.79 42.85
CA THR F 133 38.70 -24.17 42.85
C THR F 133 38.06 -24.94 44.00
N VAL F 134 37.86 -24.26 45.13
CA VAL F 134 37.25 -24.90 46.31
C VAL F 134 35.83 -25.43 45.98
N PHE F 135 35.15 -24.81 45.01
CA PHE F 135 33.82 -25.25 44.55
C PHE F 135 33.89 -26.13 43.31
N THR F 136 35.09 -26.60 43.01
CA THR F 136 35.37 -27.32 41.74
C THR F 136 34.76 -26.66 40.47
N ASP F 137 34.93 -25.33 40.35
CA ASP F 137 34.63 -24.52 39.14
C ASP F 137 35.53 -24.90 37.97
N PRO F 138 35.00 -24.88 36.74
CA PRO F 138 35.90 -25.17 35.61
C PRO F 138 36.81 -23.97 35.29
N PRO F 139 37.91 -24.21 34.53
CA PRO F 139 38.84 -23.11 34.23
C PRO F 139 38.37 -22.12 33.13
N TYR F 140 37.09 -21.75 33.13
CA TYR F 140 36.53 -20.79 32.18
C TYR F 140 35.23 -20.28 32.75
N THR F 141 34.83 -19.06 32.40
CA THR F 141 33.56 -18.54 32.84
C THR F 141 32.45 -19.53 32.38
N HIS F 142 31.41 -19.71 33.20
CA HIS F 142 30.46 -20.79 32.89
C HIS F 142 29.06 -20.56 33.33
N ILE F 143 28.15 -21.24 32.62
CA ILE F 143 26.77 -21.44 33.05
C ILE F 143 26.71 -22.76 33.80
N GLY F 144 25.92 -22.81 34.86
CA GLY F 144 25.84 -24.02 35.68
C GLY F 144 24.50 -24.12 36.40
N PHE F 145 24.19 -25.35 36.83
CA PHE F 145 22.98 -25.63 37.62
C PHE F 145 23.40 -25.94 39.04
N ASP F 146 22.85 -25.20 39.97
CA ASP F 146 23.15 -25.37 41.38
C ASP F 146 21.90 -25.99 42.08
N VAL F 147 22.11 -27.14 42.72
CA VAL F 147 21.00 -27.82 43.38
C VAL F 147 21.45 -28.08 44.79
N ASN F 148 21.22 -27.14 45.70
CA ASN F 148 21.57 -27.29 47.11
C ASN F 148 23.08 -27.30 47.34
N SER F 149 23.82 -26.74 46.40
CA SER F 149 25.26 -26.65 46.53
C SER F 149 25.72 -25.58 45.58
N ILE F 150 26.82 -24.91 45.88
CA ILE F 150 27.50 -24.10 44.86
C ILE F 150 28.36 -24.99 43.90
N SER F 151 28.44 -26.29 44.15
CA SER F 151 29.22 -27.12 43.27
C SER F 151 28.24 -27.65 42.23
N SER F 152 28.20 -27.02 41.06
CA SER F 152 27.17 -27.30 40.09
C SER F 152 27.06 -28.78 39.78
N ILE F 153 25.87 -29.36 39.73
CA ILE F 153 25.79 -30.72 39.17
C ILE F 153 26.12 -30.76 37.67
N LYS F 154 26.15 -29.59 37.03
CA LYS F 154 26.51 -29.48 35.62
C LYS F 154 26.88 -28.07 35.20
N THR F 155 27.75 -27.97 34.19
CA THR F 155 28.11 -26.70 33.60
C THR F 155 28.38 -26.87 32.10
N VAL F 156 28.47 -25.72 31.42
CA VAL F 156 28.96 -25.59 30.07
C VAL F 156 29.63 -24.22 29.92
N LYS F 157 30.53 -24.11 28.95
CA LYS F 157 31.36 -22.91 28.78
C LYS F 157 30.44 -21.74 28.47
N TRP F 158 30.83 -20.54 28.86
CA TRP F 158 30.09 -19.34 28.43
C TRP F 158 31.01 -18.19 28.27
N SER F 159 31.14 -17.69 27.06
CA SER F 159 32.11 -16.65 26.82
C SER F 159 31.39 -15.35 27.05
N LEU F 160 31.83 -14.59 28.03
CA LEU F 160 31.19 -13.34 28.38
C LEU F 160 31.49 -12.27 27.32
N ALA F 161 30.47 -11.57 26.84
CA ALA F 161 30.63 -10.45 25.90
C ALA F 161 30.50 -9.16 26.70
N ASN F 162 31.65 -8.64 27.15
CA ASN F 162 31.77 -7.44 28.04
C ASN F 162 30.86 -6.28 27.60
N GLY F 163 30.07 -5.75 28.55
CA GLY F 163 29.26 -4.57 28.29
C GLY F 163 28.00 -4.84 27.48
N GLU F 164 27.95 -5.96 26.73
CA GLU F 164 26.79 -6.30 25.88
C GLU F 164 25.67 -6.95 26.66
N ALA F 165 24.44 -6.68 26.20
CA ALA F 165 23.22 -7.25 26.80
C ALA F 165 22.97 -8.70 26.36
N ALA F 166 22.74 -9.56 27.38
CA ALA F 166 22.57 -10.99 27.21
C ALA F 166 21.12 -11.38 27.44
N LYS F 167 20.60 -12.21 26.55
CA LYS F 167 19.22 -12.68 26.67
C LYS F 167 19.16 -14.15 27.03
N VAL F 168 18.45 -14.45 28.12
CA VAL F 168 18.36 -15.81 28.73
C VAL F 168 16.93 -16.36 28.67
N LEU F 169 16.81 -17.62 28.27
CA LEU F 169 15.59 -18.41 28.40
C LEU F 169 15.85 -19.60 29.38
N ILE F 170 15.09 -19.65 30.46
CA ILE F 170 15.13 -20.77 31.39
C ILE F 170 13.77 -21.43 31.40
N THR F 171 13.81 -22.75 31.23
CA THR F 171 12.66 -23.60 31.04
C THR F 171 12.70 -24.84 31.92
N TYR F 172 11.55 -25.19 32.48
CA TYR F 172 11.42 -26.41 33.23
C TYR F 172 10.15 -27.16 32.93
N ASN F 173 10.32 -28.40 32.48
CA ASN F 173 9.24 -29.28 32.08
C ASN F 173 9.06 -30.43 33.09
N SER F 174 8.03 -30.35 33.90
CA SER F 174 7.79 -31.35 34.95
C SER F 174 7.45 -32.73 34.41
N ALA F 175 6.84 -32.79 33.24
CA ALA F 175 6.64 -34.05 32.51
C ALA F 175 7.98 -34.80 32.36
N VAL F 176 9.00 -34.15 31.79
CA VAL F 176 10.32 -34.79 31.66
C VAL F 176 11.31 -34.47 32.78
N LYS F 177 10.98 -33.51 33.67
CA LYS F 177 11.92 -33.04 34.73
C LYS F 177 13.22 -32.45 34.16
N LEU F 178 13.12 -31.84 33.00
CA LEU F 178 14.27 -31.28 32.28
C LEU F 178 14.35 -29.76 32.45
N LEU F 179 15.52 -29.29 32.85
CA LEU F 179 15.77 -27.88 33.09
C LEU F 179 16.74 -27.45 31.98
N VAL F 180 16.38 -26.40 31.26
CA VAL F 180 17.23 -25.93 30.17
C VAL F 180 17.41 -24.45 30.43
N ALA F 181 18.63 -23.99 30.25
CA ALA F 181 18.91 -22.61 30.29
C ALA F 181 19.79 -22.38 29.12
N SER F 182 19.36 -21.47 28.27
CA SER F 182 20.20 -20.93 27.22
C SER F 182 20.42 -19.40 27.39
N LEU F 183 21.58 -18.93 26.94
CA LEU F 183 21.86 -17.51 26.86
C LEU F 183 22.34 -17.18 25.44
N VAL F 184 22.02 -15.97 24.99
CA VAL F 184 22.39 -15.49 23.65
C VAL F 184 22.73 -13.98 23.66
N TYR F 185 23.65 -13.58 22.78
CA TYR F 185 24.05 -12.16 22.63
C TYR F 185 23.67 -11.62 21.24
N PRO F 186 22.56 -10.86 21.15
CA PRO F 186 22.18 -10.38 19.84
C PRO F 186 23.35 -9.72 19.17
N SER F 187 24.00 -8.82 19.93
CA SER F 187 25.07 -8.00 19.42
C SER F 187 26.16 -8.87 18.82
N SER F 188 26.48 -10.01 19.45
CA SER F 188 27.59 -10.86 19.02
C SER F 188 27.19 -12.11 18.24
N LYS F 189 25.90 -12.45 18.25
CA LYS F 189 25.40 -13.66 17.56
C LYS F 189 25.95 -15.00 18.12
N THR F 190 26.56 -15.00 19.29
CA THR F 190 26.94 -16.20 20.01
C THR F 190 25.75 -16.68 20.90
N SER F 191 25.92 -17.86 21.51
CA SER F 191 24.80 -18.79 21.76
C SER F 191 25.29 -19.83 22.72
N PHE F 192 24.55 -20.12 23.78
CA PHE F 192 25.00 -21.14 24.77
C PHE F 192 23.75 -21.76 25.38
N ILE F 193 23.85 -23.02 25.76
CA ILE F 193 22.70 -23.79 26.23
C ILE F 193 23.25 -24.93 27.06
N LEU F 194 22.42 -25.39 28.01
CA LEU F 194 22.74 -26.45 28.99
C LEU F 194 21.48 -27.15 29.38
N ALA F 195 21.50 -28.49 29.44
CA ALA F 195 20.32 -29.23 29.89
C ALA F 195 20.64 -30.38 30.89
N ASP F 196 19.72 -30.61 31.82
CA ASP F 196 19.83 -31.65 32.82
C ASP F 196 18.49 -31.99 33.48
N ILE F 197 18.30 -33.26 33.85
CA ILE F 197 17.17 -33.63 34.75
C ILE F 197 17.39 -33.10 36.16
N VAL F 198 16.38 -32.48 36.75
CA VAL F 198 16.40 -32.05 38.16
C VAL F 198 15.02 -32.33 38.71
N ASP F 199 14.98 -32.92 39.91
CA ASP F 199 13.73 -33.18 40.62
C ASP F 199 13.50 -32.07 41.64
N LEU F 200 12.76 -31.08 41.19
CA LEU F 200 12.33 -29.98 42.03
C LEU F 200 11.61 -30.49 43.28
N SER F 201 10.76 -31.50 43.12
CA SER F 201 9.85 -31.94 44.20
C SER F 201 10.60 -32.34 45.47
N SER F 202 11.71 -33.04 45.28
CA SER F 202 12.54 -33.50 46.39
C SER F 202 13.58 -32.48 46.84
N VAL F 203 13.66 -31.34 46.15
CA VAL F 203 14.62 -30.31 46.56
C VAL F 203 13.99 -28.98 46.99
N LEU F 204 12.81 -28.67 46.45
CA LEU F 204 12.14 -27.41 46.80
C LEU F 204 10.95 -27.56 47.77
N PRO F 205 10.63 -26.51 48.53
CA PRO F 205 9.33 -26.58 49.23
C PRO F 205 8.17 -26.45 48.22
N GLU F 206 6.91 -26.65 48.64
CA GLU F 206 5.80 -26.44 47.74
C GLU F 206 5.71 -24.97 47.32
N TRP F 207 6.22 -24.10 48.18
CA TRP F 207 6.14 -22.68 48.01
C TRP F 207 7.46 -22.02 48.11
N VAL F 208 7.81 -21.36 47.01
CA VAL F 208 9.08 -20.66 46.81
C VAL F 208 8.85 -19.21 46.36
N ARG F 209 9.89 -18.41 46.48
CA ARG F 209 10.01 -17.17 45.77
C ARG F 209 11.04 -17.33 44.72
N VAL F 210 10.88 -16.57 43.63
CA VAL F 210 11.86 -16.55 42.58
C VAL F 210 12.42 -15.16 42.35
N GLY F 211 13.72 -15.12 42.03
CA GLY F 211 14.39 -13.89 41.64
C GLY F 211 15.86 -14.07 41.29
N PHE F 212 16.66 -13.09 41.67
CA PHE F 212 18.03 -13.04 41.17
C PHE F 212 18.93 -12.77 42.30
N SER F 213 20.18 -13.22 42.16
CA SER F 213 21.16 -12.81 43.12
C SER F 213 22.46 -12.61 42.43
N ALA F 214 23.23 -11.62 42.90
CA ALA F 214 24.58 -11.39 42.39
C ALA F 214 25.58 -10.91 43.45
N ALA F 215 26.85 -11.00 43.11
CA ALA F 215 27.95 -10.71 44.03
C ALA F 215 29.15 -10.26 43.20
N THR F 216 29.86 -9.24 43.68
CA THR F 216 31.12 -8.83 43.09
C THR F 216 32.21 -9.37 43.98
N GLY F 217 33.45 -9.03 43.65
CA GLY F 217 34.63 -9.69 44.24
C GLY F 217 35.06 -9.31 45.64
N ALA F 218 35.55 -10.33 46.35
CA ALA F 218 36.31 -10.22 47.60
C ALA F 218 37.45 -9.18 47.51
N SER F 219 38.49 -9.50 46.75
CA SER F 219 39.58 -8.55 46.48
C SER F 219 39.17 -7.31 45.66
N LYS F 220 39.72 -6.16 46.05
CA LYS F 220 39.64 -4.94 45.23
C LYS F 220 40.13 -5.23 43.82
N GLY F 221 39.41 -4.69 42.84
CA GLY F 221 39.76 -4.86 41.44
C GLY F 221 39.06 -6.00 40.70
N TYR F 222 38.54 -7.00 41.42
CA TYR F 222 37.77 -8.12 40.81
C TYR F 222 36.27 -7.79 40.76
N ILE F 223 35.97 -6.77 39.98
CA ILE F 223 34.68 -6.10 39.97
C ILE F 223 34.01 -6.11 38.59
N GLU F 224 32.68 -6.17 38.60
CA GLU F 224 31.85 -6.16 37.39
C GLU F 224 30.42 -5.76 37.82
N THR F 225 29.66 -5.14 36.92
CA THR F 225 28.25 -4.86 37.22
C THR F 225 27.43 -6.15 37.09
N HIS F 226 26.18 -6.14 37.58
CA HIS F 226 25.17 -7.22 37.33
C HIS F 226 23.83 -6.56 37.23
N ASP F 227 23.52 -6.09 36.01
CA ASP F 227 22.37 -5.25 35.69
C ASP F 227 21.30 -6.06 34.95
N VAL F 228 20.07 -6.06 35.46
CA VAL F 228 18.99 -6.68 34.76
C VAL F 228 18.09 -5.60 34.22
N PHE F 229 17.70 -5.71 32.96
CA PHE F 229 16.84 -4.74 32.27
C PHE F 229 15.40 -5.15 32.13
N SER F 230 15.10 -6.44 32.11
CA SER F 230 13.74 -6.88 31.91
C SER F 230 13.66 -8.32 32.36
N TRP F 231 12.45 -8.76 32.70
CA TRP F 231 12.25 -10.08 33.28
C TRP F 231 10.82 -10.46 33.10
N SER F 232 10.59 -11.67 32.59
CA SER F 232 9.25 -12.27 32.68
C SER F 232 9.22 -13.69 33.22
N PHE F 233 8.10 -14.03 33.85
CA PHE F 233 7.97 -15.34 34.48
C PHE F 233 6.56 -15.84 34.27
N ALA F 234 6.48 -17.08 33.80
CA ALA F 234 5.20 -17.84 33.79
C ALA F 234 5.42 -19.23 34.44
N SER F 235 4.50 -19.58 35.37
CA SER F 235 4.47 -20.95 36.01
C SER F 235 3.10 -21.60 35.86
N LYS F 236 3.08 -22.92 35.67
CA LYS F 236 1.83 -23.70 35.50
C LYS F 236 1.89 -25.02 36.28
N LEU F 237 0.98 -25.15 37.26
CA LEU F 237 0.93 -26.29 38.18
C LEU F 237 -0.40 -27.02 38.02
N ALA F 238 -0.39 -28.15 37.31
CA ALA F 238 -1.60 -28.88 36.91
C ALA F 238 -2.28 -29.58 38.09
N GLY F 239 -3.60 -29.82 37.97
CA GLY F 239 -4.43 -30.46 39.02
C GLY F 239 -4.98 -31.83 38.58
N ALA G 1 5.77 -3.52 28.32
CA ALA G 1 4.52 -3.61 29.16
C ALA G 1 4.77 -4.20 30.56
N GLU G 2 4.05 -3.68 31.54
CA GLU G 2 4.08 -4.19 32.89
C GLU G 2 2.84 -5.05 33.09
N GLU G 3 3.05 -6.29 33.51
CA GLU G 3 1.97 -7.28 33.53
C GLU G 3 1.97 -8.13 34.81
N THR G 4 0.75 -8.40 35.32
CA THR G 4 0.57 -9.37 36.39
C THR G 4 -0.59 -10.25 36.08
N SER G 5 -0.41 -11.56 36.17
CA SER G 5 -1.56 -12.41 36.17
C SER G 5 -1.44 -13.68 37.02
N PHE G 6 -2.59 -14.30 37.20
CA PHE G 6 -2.68 -15.45 38.03
C PHE G 6 -4.01 -16.13 37.83
N VAL G 7 -4.02 -17.40 38.19
CA VAL G 7 -5.17 -18.24 37.99
C VAL G 7 -5.22 -19.21 39.18
N PHE G 8 -6.29 -19.10 39.96
CA PHE G 8 -6.56 -20.07 40.99
C PHE G 8 -7.80 -20.80 40.52
N SER G 9 -7.71 -22.01 39.99
CA SER G 9 -8.97 -22.74 39.65
C SER G 9 -9.53 -23.56 40.83
N LYS G 10 -8.75 -23.52 41.91
CA LYS G 10 -8.95 -24.27 43.13
C LYS G 10 -8.42 -23.31 44.20
N PHE G 11 -8.99 -23.33 45.40
CA PHE G 11 -8.32 -22.62 46.54
C PHE G 11 -7.67 -23.59 47.53
N LYS G 12 -6.64 -23.13 48.24
CA LYS G 12 -5.87 -24.04 49.12
C LYS G 12 -5.77 -23.56 50.57
N PRO G 13 -5.92 -24.50 51.53
CA PRO G 13 -5.70 -24.26 52.96
C PRO G 13 -4.42 -23.45 53.25
N LEU G 14 -3.27 -23.85 52.67
CA LEU G 14 -2.13 -22.92 52.59
C LEU G 14 -2.16 -22.13 51.27
N GLU G 15 -2.49 -20.83 51.34
CA GLU G 15 -2.46 -19.95 50.17
C GLU G 15 -1.73 -18.64 50.50
N PRO G 16 -0.40 -18.69 50.46
CA PRO G 16 0.42 -17.54 50.88
C PRO G 16 0.40 -16.39 49.89
N ASN G 17 0.14 -16.69 48.62
CA ASN G 17 -0.13 -15.64 47.61
C ASN G 17 -1.52 -15.04 47.70
N LEU G 18 -2.26 -15.36 48.73
CA LEU G 18 -3.54 -14.70 48.91
C LEU G 18 -3.53 -14.15 50.32
N ILE G 19 -3.94 -12.91 50.52
CA ILE G 19 -4.12 -12.51 51.92
C ILE G 19 -5.57 -12.37 52.35
N LEU G 20 -5.90 -13.15 53.37
CA LEU G 20 -7.21 -13.26 54.04
C LEU G 20 -7.34 -12.25 55.17
N GLN G 21 -8.46 -11.53 55.18
CA GLN G 21 -8.74 -10.51 56.19
C GLN G 21 -10.16 -10.75 56.66
N GLY G 22 -10.49 -10.26 57.84
CA GLY G 22 -11.79 -10.56 58.44
C GLY G 22 -12.06 -12.05 58.62
N ASP G 23 -13.30 -12.45 58.38
CA ASP G 23 -13.70 -13.78 58.71
C ASP G 23 -13.42 -14.79 57.61
N ALA G 24 -12.66 -14.38 56.58
CA ALA G 24 -12.44 -15.19 55.34
C ALA G 24 -11.53 -16.38 55.58
N LEU G 25 -11.76 -17.45 54.81
CA LEU G 25 -11.22 -18.79 55.08
C LEU G 25 -11.15 -19.58 53.81
N VAL G 26 -10.10 -20.37 53.67
CA VAL G 26 -10.16 -21.39 52.64
C VAL G 26 -10.50 -22.76 53.22
N THR G 27 -11.70 -23.20 52.93
CA THR G 27 -12.11 -24.56 53.21
C THR G 27 -11.18 -25.65 52.73
N VAL G 28 -11.24 -26.79 53.40
CA VAL G 28 -10.43 -27.93 53.05
C VAL G 28 -10.87 -28.47 51.66
N ALA G 29 -12.14 -28.30 51.28
CA ALA G 29 -12.62 -28.55 49.89
C ALA G 29 -12.04 -27.50 48.91
N GLY G 30 -11.33 -26.49 49.42
CA GLY G 30 -10.71 -25.46 48.60
C GLY G 30 -11.67 -24.43 48.08
N VAL G 31 -12.68 -24.13 48.86
CA VAL G 31 -13.69 -23.16 48.54
C VAL G 31 -13.25 -21.93 49.36
N LEU G 32 -13.36 -20.74 48.77
CA LEU G 32 -12.97 -19.53 49.47
C LEU G 32 -14.24 -18.91 50.00
N GLN G 33 -14.45 -19.15 51.29
CA GLN G 33 -15.55 -18.59 52.08
C GLN G 33 -15.22 -17.20 52.57
N LEU G 34 -15.79 -16.17 51.94
CA LEU G 34 -15.46 -14.84 52.37
C LEU G 34 -16.10 -14.52 53.73
N THR G 35 -17.36 -14.95 53.90
CA THR G 35 -18.10 -14.78 55.16
C THR G 35 -18.37 -16.09 55.89
N ASN G 36 -18.56 -15.98 57.22
CA ASN G 36 -18.73 -17.15 58.08
C ASN G 36 -19.83 -18.15 57.72
N VAL G 37 -19.43 -19.42 57.59
CA VAL G 37 -20.34 -20.55 57.41
C VAL G 37 -20.00 -21.59 58.50
N ASP G 38 -21.01 -22.11 59.22
CA ASP G 38 -20.78 -23.22 60.20
C ASP G 38 -20.61 -24.63 59.56
N LYS G 39 -20.73 -25.68 60.37
CA LYS G 39 -20.41 -27.03 59.92
C LYS G 39 -21.54 -27.69 59.10
N ASN G 40 -22.78 -27.26 59.33
CA ASN G 40 -23.94 -27.82 58.66
C ASN G 40 -24.19 -27.09 57.34
N GLY G 41 -23.45 -25.99 57.19
CA GLY G 41 -23.41 -25.18 55.97
C GLY G 41 -24.19 -23.89 56.05
N VAL G 42 -24.61 -23.53 57.27
CA VAL G 42 -25.51 -22.41 57.53
C VAL G 42 -24.65 -21.17 57.67
N PRO G 43 -25.00 -20.08 56.97
CA PRO G 43 -24.29 -18.80 57.03
C PRO G 43 -24.53 -18.12 58.37
N GLU G 44 -23.66 -17.17 58.73
CA GLU G 44 -23.71 -16.51 60.03
C GLU G 44 -23.90 -15.01 59.88
N PRO G 45 -24.56 -14.39 60.86
CA PRO G 45 -24.78 -12.94 60.81
C PRO G 45 -23.51 -12.20 61.19
N SER G 46 -23.51 -10.87 61.04
CA SER G 46 -22.43 -10.02 61.53
C SER G 46 -21.02 -10.34 60.98
N SER G 47 -20.95 -11.03 59.82
CA SER G 47 -19.67 -11.48 59.23
C SER G 47 -19.16 -10.51 58.16
N LEU G 48 -17.83 -10.50 57.99
CA LEU G 48 -17.15 -9.66 57.02
C LEU G 48 -15.85 -10.35 56.64
N GLY G 49 -15.50 -10.34 55.36
CA GLY G 49 -14.34 -11.10 54.88
C GLY G 49 -13.85 -10.47 53.60
N ARG G 50 -12.55 -10.51 53.38
CA ARG G 50 -11.89 -9.96 52.20
C ARG G 50 -10.72 -10.89 51.83
N ALA G 51 -10.49 -11.07 50.54
CA ALA G 51 -9.36 -11.86 50.10
C ALA G 51 -8.70 -11.04 49.00
N THR G 52 -7.39 -11.00 49.02
CA THR G 52 -6.71 -10.09 48.17
C THR G 52 -5.48 -10.77 47.63
N TYR G 53 -5.16 -10.57 46.36
CA TYR G 53 -3.91 -11.11 45.80
C TYR G 53 -2.68 -10.48 46.50
N SER G 54 -1.70 -11.29 46.84
CA SER G 54 -0.67 -10.79 47.74
C SER G 54 0.22 -9.74 47.07
N ALA G 55 0.51 -9.88 45.77
CA ALA G 55 1.35 -8.92 45.04
C ALA G 55 0.59 -7.70 44.59
N PRO G 56 1.22 -6.52 44.72
CA PRO G 56 0.52 -5.35 44.16
C PRO G 56 0.50 -5.41 42.62
N ILE G 57 -0.51 -4.75 42.04
CA ILE G 57 -0.67 -4.52 40.61
C ILE G 57 -0.44 -3.03 40.25
N ASN G 58 0.34 -2.80 39.19
CA ASN G 58 0.55 -1.47 38.69
C ASN G 58 -0.58 -1.14 37.74
N ILE G 59 -1.49 -0.26 38.16
CA ILE G 59 -2.73 -0.03 37.40
C ILE G 59 -2.70 1.22 36.46
N TRP G 60 -1.81 2.17 36.73
CA TRP G 60 -1.46 3.31 35.84
C TRP G 60 -0.13 3.85 36.28
N ASP G 61 0.48 4.74 35.50
CA ASP G 61 1.85 5.24 35.75
C ASP G 61 1.92 6.74 35.46
N SER G 62 2.60 7.49 36.35
CA SER G 62 2.63 8.98 36.22
C SER G 62 3.62 9.53 35.19
N ALA G 63 4.84 9.01 35.14
CA ALA G 63 5.77 9.33 34.00
C ALA G 63 5.03 9.22 32.65
N THR G 64 4.60 8.00 32.31
CA THR G 64 3.91 7.76 31.04
C THR G 64 2.49 8.35 30.99
N GLY G 65 1.83 8.46 32.14
CA GLY G 65 0.43 8.89 32.19
C GLY G 65 -0.32 8.05 31.18
N LEU G 66 -0.83 6.93 31.68
CA LEU G 66 -1.12 5.76 30.86
C LEU G 66 -1.73 4.74 31.79
N VAL G 67 -2.79 4.09 31.33
CA VAL G 67 -3.64 3.32 32.22
C VAL G 67 -3.71 1.84 31.80
N ALA G 68 -3.60 0.94 32.79
CA ALA G 68 -3.70 -0.47 32.49
C ALA G 68 -5.05 -0.87 31.90
N SER G 69 -5.00 -1.88 31.04
CA SER G 69 -6.16 -2.71 30.73
C SER G 69 -6.15 -3.94 31.64
N PHE G 70 -7.33 -4.39 32.03
CA PHE G 70 -7.43 -5.62 32.81
C PHE G 70 -8.70 -6.48 32.61
N ALA G 71 -8.64 -7.69 33.17
CA ALA G 71 -9.65 -8.68 32.92
C ALA G 71 -9.60 -9.69 34.03
N THR G 72 -10.75 -9.95 34.59
CA THR G 72 -10.85 -10.91 35.64
C THR G 72 -12.13 -11.77 35.49
N SER G 73 -12.03 -13.04 35.79
CA SER G 73 -13.22 -13.87 35.84
C SER G 73 -13.22 -14.74 37.11
N PHE G 74 -14.41 -15.08 37.60
CA PHE G 74 -14.52 -15.90 38.81
C PHE G 74 -15.86 -16.65 38.85
N ARG G 75 -15.88 -17.72 39.65
CA ARG G 75 -17.07 -18.60 39.83
C ARG G 75 -17.45 -18.47 41.32
N PHE G 76 -18.64 -17.96 41.62
CA PHE G 76 -19.09 -17.88 43.02
C PHE G 76 -20.50 -18.44 43.28
N THR G 77 -20.75 -18.79 44.53
CA THR G 77 -22.06 -19.22 44.97
C THR G 77 -22.51 -18.38 46.16
N ILE G 78 -23.77 -17.96 46.05
CA ILE G 78 -24.51 -17.46 47.18
C ILE G 78 -25.63 -18.43 47.55
N TYR G 79 -25.43 -19.12 48.69
CA TYR G 79 -26.49 -19.91 49.35
C TYR G 79 -27.25 -19.16 50.45
N ALA G 80 -28.58 -19.21 50.40
CA ALA G 80 -29.41 -18.58 51.38
C ALA G 80 -30.48 -19.55 51.82
N PRO G 81 -30.53 -19.85 53.13
CA PRO G 81 -31.50 -20.81 53.70
C PRO G 81 -32.95 -20.33 53.58
N ASN G 82 -33.11 -19.01 53.56
CA ASN G 82 -34.41 -18.40 53.28
C ASN G 82 -34.18 -17.21 52.36
N ILE G 83 -34.59 -17.34 51.10
CA ILE G 83 -34.32 -16.35 50.08
C ILE G 83 -35.08 -15.04 50.32
N ALA G 84 -36.04 -15.06 51.26
CA ALA G 84 -36.89 -13.89 51.50
C ALA G 84 -36.15 -12.91 52.40
N THR G 85 -35.05 -13.34 53.00
CA THR G 85 -34.35 -12.52 53.97
C THR G 85 -32.83 -12.68 53.79
N ILE G 86 -32.26 -11.89 52.89
CA ILE G 86 -30.86 -12.04 52.50
C ILE G 86 -30.06 -10.75 52.55
N ALA G 87 -28.77 -10.85 52.88
CA ALA G 87 -27.91 -9.66 52.88
C ALA G 87 -26.45 -10.11 53.03
N ASP G 88 -25.46 -9.27 52.74
CA ASP G 88 -25.62 -7.94 52.11
C ASP G 88 -24.93 -7.95 50.72
N GLY G 89 -24.05 -8.92 50.46
CA GLY G 89 -23.48 -9.13 49.12
C GLY G 89 -21.99 -9.33 49.06
N LEU G 90 -21.47 -9.47 47.84
CA LEU G 90 -20.02 -9.59 47.56
C LEU G 90 -19.60 -8.57 46.49
N ALA G 91 -18.29 -8.24 46.49
CA ALA G 91 -17.72 -7.38 45.45
C ALA G 91 -16.32 -7.74 45.00
N PHE G 92 -16.04 -7.52 43.72
CA PHE G 92 -14.68 -7.54 43.26
C PHE G 92 -14.17 -6.11 43.40
N PHE G 93 -12.96 -5.92 43.87
CA PHE G 93 -12.51 -4.54 44.04
C PHE G 93 -11.04 -4.31 43.77
N LEU G 94 -10.74 -3.05 43.43
CA LEU G 94 -9.40 -2.43 43.48
C LEU G 94 -9.34 -1.27 44.50
N ALA G 95 -8.28 -1.29 45.32
CA ALA G 95 -8.02 -0.38 46.43
C ALA G 95 -6.51 -0.31 46.70
N PRO G 96 -6.07 0.69 47.53
CA PRO G 96 -4.65 0.98 47.80
C PRO G 96 -3.96 -0.20 48.44
N VAL G 97 -2.62 -0.26 48.28
CA VAL G 97 -1.85 -1.45 48.67
C VAL G 97 -2.01 -1.83 50.13
N ALA G 98 -2.09 -0.82 51.00
CA ALA G 98 -2.25 -1.02 52.47
C ALA G 98 -3.73 -1.15 52.92
N SER G 99 -4.68 -1.03 52.01
CA SER G 99 -6.13 -1.23 52.25
C SER G 99 -6.54 -2.27 53.29
N ALA G 100 -7.41 -1.85 54.18
CA ALA G 100 -7.94 -2.71 55.23
C ALA G 100 -9.44 -2.66 55.11
N PRO G 101 -10.12 -3.69 55.63
CA PRO G 101 -11.56 -3.71 55.65
C PRO G 101 -12.05 -2.53 56.50
N ASP G 102 -13.16 -1.93 56.12
CA ASP G 102 -13.82 -1.01 57.02
C ASP G 102 -15.24 -1.54 57.19
N SER G 103 -16.28 -0.73 57.24
CA SER G 103 -17.53 -1.32 57.76
C SER G 103 -18.26 -2.37 56.91
N GLY G 104 -18.97 -3.27 57.61
CA GLY G 104 -19.67 -4.42 57.05
C GLY G 104 -21.09 -4.08 56.64
N GLY G 105 -22.00 -5.06 56.75
CA GLY G 105 -23.39 -4.85 56.30
C GLY G 105 -23.33 -4.27 54.88
N GLY G 106 -24.12 -3.23 54.62
CA GLY G 106 -24.25 -2.73 53.26
C GLY G 106 -23.09 -1.91 52.73
N PHE G 107 -22.07 -1.70 53.55
CA PHE G 107 -20.91 -0.95 53.10
C PHE G 107 -19.95 -1.95 52.46
N LEU G 108 -20.24 -3.24 52.67
CA LEU G 108 -19.57 -4.38 52.02
C LEU G 108 -18.05 -4.45 52.21
N GLY G 109 -17.59 -3.84 53.32
CA GLY G 109 -16.16 -3.90 53.70
C GLY G 109 -15.26 -2.96 52.92
N LEU G 110 -15.86 -1.97 52.26
CA LEU G 110 -15.17 -1.13 51.28
C LEU G 110 -15.24 0.36 51.56
N PHE G 111 -16.33 0.80 52.19
CA PHE G 111 -16.56 2.23 52.55
C PHE G 111 -17.13 2.33 53.98
N ASP G 112 -17.30 3.55 54.51
CA ASP G 112 -17.61 3.77 55.93
C ASP G 112 -18.98 4.37 56.20
N SER G 113 -19.37 5.34 55.39
CA SER G 113 -20.72 5.88 55.43
C SER G 113 -21.15 6.03 53.98
N ALA G 114 -22.36 6.54 53.77
CA ALA G 114 -23.02 6.58 52.47
C ALA G 114 -22.37 7.54 51.48
N VAL G 115 -21.61 8.51 51.98
CA VAL G 115 -21.11 9.59 51.14
C VAL G 115 -19.81 9.26 50.39
N SER G 116 -19.78 9.70 49.13
CA SER G 116 -18.57 9.78 48.31
C SER G 116 -17.41 10.36 49.13
N GLY G 117 -16.21 9.87 48.81
CA GLY G 117 -14.99 10.28 49.46
C GLY G 117 -13.86 9.87 48.53
N SER G 118 -13.39 10.83 47.73
CA SER G 118 -12.40 10.61 46.65
C SER G 118 -11.11 9.98 47.16
N THR G 119 -11.00 9.99 48.50
CA THR G 119 -9.89 9.42 49.27
C THR G 119 -10.01 7.91 49.54
N TYR G 120 -11.17 7.30 49.31
CA TYR G 120 -11.27 5.84 49.46
C TYR G 120 -10.30 5.17 48.48
N GLN G 121 -10.15 5.80 47.31
CA GLN G 121 -9.44 5.25 46.19
C GLN G 121 -9.83 3.78 45.88
N THR G 122 -11.11 3.46 46.08
CA THR G 122 -11.64 2.14 45.83
C THR G 122 -12.54 2.21 44.58
N VAL G 123 -12.40 1.20 43.72
CA VAL G 123 -13.40 0.98 42.70
C VAL G 123 -13.83 -0.47 42.90
N ALA G 124 -15.15 -0.74 42.86
CA ALA G 124 -15.64 -2.10 42.96
C ALA G 124 -16.82 -2.50 42.01
N VAL G 125 -16.93 -3.78 41.66
CA VAL G 125 -18.15 -4.24 41.02
C VAL G 125 -18.89 -5.01 42.08
N GLU G 126 -20.00 -4.43 42.57
CA GLU G 126 -20.76 -5.03 43.64
C GLU G 126 -21.89 -5.88 43.08
N PHE G 127 -22.18 -6.95 43.80
CA PHE G 127 -23.17 -7.89 43.47
C PHE G 127 -23.99 -7.90 44.74
N ASP G 128 -25.15 -7.25 44.70
CA ASP G 128 -25.74 -6.68 45.91
C ASP G 128 -27.21 -7.13 46.15
N THR G 129 -27.44 -7.73 47.30
CA THR G 129 -28.60 -8.59 47.54
C THR G 129 -29.66 -7.99 48.46
N TYR G 130 -29.30 -6.86 49.08
CA TYR G 130 -30.17 -6.22 50.04
C TYR G 130 -30.25 -4.72 49.73
N GLU G 131 -31.49 -4.22 49.63
CA GLU G 131 -31.76 -2.79 49.42
C GLU G 131 -31.53 -1.90 50.66
N ASN G 132 -30.52 -1.04 50.56
CA ASN G 132 -30.36 0.11 51.44
C ASN G 132 -30.85 1.38 50.75
N THR G 133 -32.02 1.86 51.13
CA THR G 133 -32.57 3.06 50.48
C THR G 133 -31.68 4.24 50.81
N VAL G 134 -31.06 4.15 51.98
CA VAL G 134 -30.06 5.09 52.43
C VAL G 134 -28.91 5.20 51.36
N PHE G 135 -28.61 4.10 50.64
CA PHE G 135 -27.56 4.11 49.59
C PHE G 135 -28.01 4.38 48.14
N THR G 136 -29.31 4.62 47.95
CA THR G 136 -29.99 4.68 46.64
C THR G 136 -30.05 3.32 45.94
N ASP G 137 -29.97 2.22 46.69
CA ASP G 137 -30.17 0.91 46.06
C ASP G 137 -31.53 0.85 45.34
N PRO G 138 -31.58 0.12 44.23
CA PRO G 138 -32.80 -0.24 43.56
C PRO G 138 -33.57 -1.23 44.40
N PRO G 139 -34.89 -1.38 44.15
CA PRO G 139 -35.73 -2.30 44.92
C PRO G 139 -35.44 -3.79 44.66
N TYR G 140 -34.55 -4.06 43.70
CA TYR G 140 -34.21 -5.42 43.31
C TYR G 140 -32.74 -5.72 43.57
N THR G 141 -32.42 -6.98 43.70
CA THR G 141 -31.03 -7.35 43.70
C THR G 141 -30.35 -6.81 42.41
N HIS G 142 -29.09 -6.30 42.48
CA HIS G 142 -28.46 -5.60 41.36
C HIS G 142 -26.97 -5.73 41.33
N ILE G 143 -26.40 -5.62 40.14
CA ILE G 143 -24.93 -5.51 39.92
C ILE G 143 -24.63 -4.02 39.77
N GLY G 144 -23.59 -3.54 40.44
CA GLY G 144 -23.36 -2.08 40.47
C GLY G 144 -21.91 -1.69 40.37
N PHE G 145 -21.63 -0.50 39.79
CA PHE G 145 -20.27 0.09 39.81
C PHE G 145 -20.11 1.11 40.94
N ASP G 146 -19.23 0.76 41.87
CA ASP G 146 -18.91 1.60 43.03
C ASP G 146 -17.57 2.35 42.77
N VAL G 147 -17.67 3.68 42.71
CA VAL G 147 -16.51 4.51 42.45
C VAL G 147 -16.34 5.48 43.62
N ASN G 148 -15.43 5.17 44.56
CA ASN G 148 -15.32 5.88 45.87
C ASN G 148 -16.65 6.17 46.63
N SER G 149 -17.67 5.36 46.34
CA SER G 149 -18.93 5.45 47.04
C SER G 149 -19.70 4.15 46.94
N ILE G 150 -20.47 3.87 47.98
CA ILE G 150 -21.24 2.64 48.04
C ILE G 150 -22.51 2.93 47.28
N SER G 151 -22.58 4.19 46.86
CA SER G 151 -23.69 4.70 46.07
C SER G 151 -23.37 4.58 44.58
N SER G 152 -23.66 3.41 44.03
CA SER G 152 -23.23 3.03 42.68
C SER G 152 -23.40 4.10 41.65
N ILE G 153 -22.38 4.39 40.83
CA ILE G 153 -22.61 5.32 39.73
C ILE G 153 -23.55 4.76 38.68
N LYS G 154 -23.71 3.43 38.68
CA LYS G 154 -24.67 2.79 37.76
C LYS G 154 -25.04 1.39 38.25
N THR G 155 -26.24 0.92 37.92
CA THR G 155 -26.70 -0.45 38.26
C THR G 155 -27.51 -1.15 37.14
N VAL G 156 -27.65 -2.48 37.23
CA VAL G 156 -28.61 -3.25 36.44
C VAL G 156 -29.19 -4.35 37.35
N LYS G 157 -30.42 -4.77 37.05
CA LYS G 157 -31.08 -5.92 37.65
C LYS G 157 -30.20 -7.17 37.52
N TRP G 158 -29.96 -7.85 38.58
CA TRP G 158 -29.33 -9.15 38.68
C TRP G 158 -30.27 -10.08 39.39
N SER G 159 -30.81 -11.04 38.79
CA SER G 159 -31.74 -11.97 39.45
C SER G 159 -30.94 -13.14 40.06
N LEU G 160 -30.87 -13.17 41.38
CA LEU G 160 -30.17 -14.23 42.12
C LEU G 160 -30.77 -15.65 41.85
N ALA G 161 -29.91 -16.64 41.60
CA ALA G 161 -30.32 -18.04 41.54
C ALA G 161 -29.70 -18.86 42.69
N ASN G 162 -30.52 -19.05 43.72
CA ASN G 162 -30.11 -19.62 45.01
C ASN G 162 -29.21 -20.85 44.95
N GLY G 163 -28.10 -20.76 45.67
CA GLY G 163 -27.02 -21.75 45.68
C GLY G 163 -26.59 -22.35 44.35
N GLU G 164 -26.69 -21.57 43.27
CA GLU G 164 -26.17 -22.00 41.96
C GLU G 164 -24.90 -21.21 41.70
N ALA G 165 -23.97 -21.83 40.99
CA ALA G 165 -22.73 -21.16 40.61
C ALA G 165 -22.98 -20.10 39.54
N ALA G 166 -22.50 -18.90 39.84
CA ALA G 166 -22.50 -17.77 38.93
C ALA G 166 -21.09 -17.65 38.41
N LYS G 167 -21.00 -17.20 37.16
CA LYS G 167 -19.74 -17.14 36.42
C LYS G 167 -19.61 -15.68 35.93
N VAL G 168 -18.54 -15.02 36.35
CA VAL G 168 -18.41 -13.57 36.14
C VAL G 168 -17.23 -13.20 35.26
N LEU G 169 -17.46 -12.25 34.37
CA LEU G 169 -16.39 -11.65 33.58
C LEU G 169 -16.45 -10.14 33.80
N ILE G 170 -15.32 -9.57 34.12
CA ILE G 170 -15.18 -8.14 34.37
C ILE G 170 -13.95 -7.69 33.66
N THR G 171 -14.16 -6.62 32.91
CA THR G 171 -13.27 -6.23 31.85
C THR G 171 -13.14 -4.73 31.89
N TYR G 172 -11.91 -4.24 31.76
CA TYR G 172 -11.66 -2.81 31.74
C TYR G 172 -10.67 -2.46 30.62
N ASN G 173 -11.16 -1.71 29.65
CA ASN G 173 -10.38 -1.23 28.51
C ASN G 173 -9.86 0.20 28.72
N SER G 174 -8.54 0.37 28.81
CA SER G 174 -7.99 1.73 29.11
C SER G 174 -8.17 2.70 27.97
N ALA G 175 -8.04 2.22 26.73
CA ALA G 175 -8.31 3.04 25.54
C ALA G 175 -9.74 3.66 25.51
N VAL G 176 -10.77 2.92 25.88
CA VAL G 176 -12.15 3.49 25.95
C VAL G 176 -12.60 3.86 27.37
N LYS G 177 -11.89 3.41 28.39
CA LYS G 177 -12.29 3.71 29.78
C LYS G 177 -13.57 2.97 30.12
N LEU G 178 -13.92 2.00 29.31
CA LEU G 178 -15.13 1.24 29.56
C LEU G 178 -14.97 0.05 30.55
N LEU G 179 -15.80 0.03 31.58
CA LEU G 179 -15.81 -1.07 32.56
C LEU G 179 -16.99 -1.93 32.20
N VAL G 180 -16.79 -3.22 32.10
CA VAL G 180 -17.91 -4.12 31.75
C VAL G 180 -17.96 -5.29 32.75
N ALA G 181 -19.15 -5.59 33.26
CA ALA G 181 -19.32 -6.70 34.15
C ALA G 181 -20.44 -7.52 33.59
N SER G 182 -20.29 -8.84 33.57
CA SER G 182 -21.42 -9.66 33.13
C SER G 182 -21.52 -10.92 33.95
N LEU G 183 -22.70 -11.52 34.01
CA LEU G 183 -22.94 -12.59 34.96
C LEU G 183 -23.79 -13.66 34.32
N VAL G 184 -23.33 -14.88 34.41
CA VAL G 184 -24.06 -16.00 33.84
C VAL G 184 -24.26 -17.17 34.83
N TYR G 185 -25.49 -17.69 34.88
CA TYR G 185 -25.81 -18.98 35.51
C TYR G 185 -25.93 -20.10 34.46
N PRO G 186 -24.89 -20.91 34.28
CA PRO G 186 -24.92 -21.95 33.25
C PRO G 186 -26.13 -22.85 33.41
N SER G 187 -26.47 -23.17 34.66
CA SER G 187 -27.60 -24.04 35.00
C SER G 187 -28.96 -23.52 34.59
N SER G 188 -29.15 -22.22 34.73
CA SER G 188 -30.45 -21.64 34.44
C SER G 188 -30.47 -21.03 33.06
N LYS G 189 -29.30 -20.85 32.46
CA LYS G 189 -29.19 -20.21 31.15
C LYS G 189 -29.61 -18.70 31.20
N THR G 190 -29.58 -18.11 32.40
CA THR G 190 -29.91 -16.71 32.62
C THR G 190 -28.61 -15.82 32.58
N SER G 191 -28.70 -14.56 32.11
CA SER G 191 -27.50 -13.70 31.97
C SER G 191 -27.73 -12.19 32.23
N PHE G 192 -26.70 -11.47 32.70
CA PHE G 192 -26.79 -10.01 33.05
C PHE G 192 -25.52 -9.22 32.75
N ILE G 193 -25.66 -7.95 32.41
CA ILE G 193 -24.52 -7.15 31.99
C ILE G 193 -24.68 -5.67 32.31
N LEU G 194 -23.56 -4.99 32.50
CA LEU G 194 -23.52 -3.62 32.85
C LEU G 194 -22.26 -3.07 32.24
N ALA G 195 -22.36 -1.86 31.65
CA ALA G 195 -21.24 -1.14 31.07
C ALA G 195 -21.15 0.35 31.52
N ASP G 196 -19.95 0.90 31.69
CA ASP G 196 -19.83 2.35 32.02
C ASP G 196 -18.41 2.90 31.97
N ILE G 197 -18.27 4.22 31.85
CA ILE G 197 -16.95 4.88 31.79
C ILE G 197 -16.47 5.17 33.19
N VAL G 198 -15.20 4.86 33.47
CA VAL G 198 -14.63 5.19 34.75
C VAL G 198 -13.23 5.68 34.50
N ASP G 199 -12.92 6.87 35.00
CA ASP G 199 -11.58 7.40 34.80
C ASP G 199 -10.76 6.85 35.93
N LEU G 200 -10.09 5.74 35.66
CA LEU G 200 -9.29 5.12 36.70
C LEU G 200 -8.18 6.04 37.20
N SER G 201 -7.62 6.86 36.30
CA SER G 201 -6.45 7.69 36.59
C SER G 201 -6.73 8.63 37.76
N SER G 202 -8.00 9.06 37.90
CA SER G 202 -8.44 9.96 38.96
C SER G 202 -8.76 9.28 40.31
N VAL G 203 -8.98 7.97 40.28
CA VAL G 203 -9.59 7.29 41.41
C VAL G 203 -8.69 6.29 42.15
N LEU G 204 -7.71 5.74 41.44
CA LEU G 204 -6.86 4.73 42.02
C LEU G 204 -5.45 5.21 42.24
N PRO G 205 -4.73 4.63 43.19
CA PRO G 205 -3.34 5.02 43.25
C PRO G 205 -2.64 4.28 42.15
N GLU G 206 -1.34 4.50 41.95
CA GLU G 206 -0.66 3.84 40.85
C GLU G 206 -0.59 2.33 41.12
N TRP G 207 -0.52 2.01 42.40
CA TRP G 207 -0.39 0.64 42.83
C TRP G 207 -1.63 0.24 43.58
N VAL G 208 -2.26 -0.84 43.11
CA VAL G 208 -3.42 -1.36 43.81
C VAL G 208 -3.23 -2.77 44.31
N ARG G 209 -4.12 -3.16 45.20
CA ARG G 209 -4.33 -4.54 45.51
C ARG G 209 -5.73 -4.90 45.07
N VAL G 210 -5.90 -6.12 44.58
CA VAL G 210 -7.19 -6.54 44.01
C VAL G 210 -7.71 -7.76 44.74
N GLY G 211 -9.03 -7.85 44.84
CA GLY G 211 -9.65 -9.08 45.28
C GLY G 211 -11.15 -8.97 45.56
N PHE G 212 -11.57 -9.65 46.61
CA PHE G 212 -12.97 -9.77 46.91
C PHE G 212 -13.22 -9.32 48.33
N SER G 213 -14.40 -8.78 48.56
CA SER G 213 -14.90 -8.48 49.89
C SER G 213 -16.40 -8.83 49.96
N ALA G 214 -16.85 -9.45 51.04
CA ALA G 214 -18.24 -9.79 51.20
C ALA G 214 -18.67 -9.50 52.64
N ALA G 215 -19.96 -9.20 52.85
CA ALA G 215 -20.54 -9.01 54.17
C ALA G 215 -21.90 -9.69 54.22
N THR G 216 -22.26 -10.21 55.40
CA THR G 216 -23.62 -10.70 55.62
C THR G 216 -24.37 -9.70 56.49
N GLY G 217 -25.70 -9.87 56.50
CA GLY G 217 -26.63 -9.07 57.30
C GLY G 217 -26.21 -8.69 58.72
N ALA G 218 -26.35 -7.40 59.00
CA ALA G 218 -26.23 -6.83 60.34
C ALA G 218 -27.05 -7.60 61.39
N SER G 219 -28.28 -7.96 61.04
CA SER G 219 -29.26 -8.47 62.00
C SER G 219 -29.89 -9.80 61.59
N GLY G 220 -30.13 -10.68 62.57
CA GLY G 220 -30.55 -12.08 62.36
C GLY G 220 -31.61 -12.31 61.29
N GLY G 221 -31.63 -13.51 60.73
CA GLY G 221 -32.53 -13.81 59.61
C GLY G 221 -31.85 -13.52 58.27
N LYS G 222 -31.15 -12.38 58.20
CA LYS G 222 -30.62 -11.81 56.95
C LYS G 222 -29.21 -12.34 56.60
N ILE G 223 -29.16 -13.53 56.00
CA ILE G 223 -27.92 -14.34 55.92
C ILE G 223 -27.71 -15.07 54.56
N GLU G 224 -26.46 -15.22 54.13
CA GLU G 224 -26.15 -16.02 52.93
C GLU G 224 -24.67 -16.29 52.94
N THR G 225 -24.29 -17.39 52.30
CA THR G 225 -22.90 -17.68 52.00
C THR G 225 -22.45 -16.75 50.85
N HIS G 226 -21.14 -16.49 50.80
CA HIS G 226 -20.49 -15.88 49.65
C HIS G 226 -19.24 -16.62 49.33
N ASP G 227 -19.41 -17.73 48.63
CA ASP G 227 -18.30 -18.64 48.30
C ASP G 227 -17.68 -18.40 46.91
N VAL G 228 -16.38 -18.19 46.82
CA VAL G 228 -15.75 -18.13 45.50
C VAL G 228 -15.11 -19.50 45.23
N PHE G 229 -15.18 -20.04 44.02
CA PHE G 229 -14.51 -21.32 43.73
C PHE G 229 -13.22 -21.22 42.90
N SER G 230 -13.12 -20.16 42.09
CA SER G 230 -11.97 -20.01 41.22
C SER G 230 -11.93 -18.58 40.78
N TRP G 231 -10.73 -18.11 40.39
CA TRP G 231 -10.46 -16.70 40.12
C TRP G 231 -9.23 -16.58 39.33
N SER G 232 -9.35 -16.05 38.12
CA SER G 232 -8.18 -15.67 37.36
C SER G 232 -8.25 -14.20 37.04
N PHE G 233 -7.06 -13.61 36.86
CA PHE G 233 -6.91 -12.14 36.76
C PHE G 233 -5.72 -11.83 35.88
N ALA G 234 -5.86 -10.81 35.05
CA ALA G 234 -4.73 -10.39 34.21
C ALA G 234 -4.73 -8.87 33.93
N SER G 235 -3.56 -8.27 33.87
CA SER G 235 -3.47 -6.83 33.53
C SER G 235 -2.29 -6.46 32.59
N LYS G 236 -2.50 -5.43 31.77
CA LYS G 236 -1.49 -4.94 30.81
C LYS G 236 -1.41 -3.43 30.94
N LEU G 237 -0.19 -2.92 31.18
CA LEU G 237 0.07 -1.48 31.22
C LEU G 237 1.13 -1.11 30.20
N ALA G 238 0.75 -0.33 29.18
CA ALA G 238 1.66 0.16 28.12
C ALA G 238 2.81 1.10 28.58
N GLY G 239 3.97 0.99 27.91
CA GLY G 239 5.15 1.84 28.19
C GLY G 239 5.27 3.01 27.22
N THR G 242 -8.85 -10.40 21.49
CA THR G 242 -8.42 -9.06 21.88
C THR G 242 -9.57 -8.03 21.74
N LYS G 243 -10.59 -8.12 22.60
CA LYS G 243 -11.70 -7.12 22.61
C LYS G 243 -11.22 -5.84 23.32
N ASP G 244 -12.14 -5.23 24.10
CA ASP G 244 -11.80 -4.16 25.03
C ASP G 244 -10.34 -4.34 25.55
N SER G 245 -10.00 -5.59 25.89
CA SER G 245 -8.71 -6.01 26.45
C SER G 245 -8.83 -7.48 26.92
N SER G 246 -7.76 -8.23 27.21
CA SER G 246 -6.36 -7.78 27.22
C SER G 246 -5.70 -8.30 25.93
N PHE G 247 -5.73 -9.61 25.78
CA PHE G 247 -5.85 -10.29 24.49
C PHE G 247 -7.10 -11.15 24.81
N LEU G 248 -8.23 -10.46 25.03
CA LEU G 248 -9.32 -11.05 25.79
C LEU G 248 -9.63 -12.47 25.39
N ASP G 249 -9.90 -12.72 24.09
CA ASP G 249 -10.28 -14.07 23.59
C ASP G 249 -9.41 -15.16 24.25
N GLY G 250 -8.09 -15.08 24.09
CA GLY G 250 -7.10 -15.81 24.93
C GLY G 250 -7.31 -15.81 26.47
N GLY G 251 -7.66 -14.66 27.05
CA GLY G 251 -8.06 -14.62 28.46
C GLY G 251 -8.00 -13.27 29.18
N ALA H 1 -3.19 -30.34 23.21
CA ALA H 1 -4.55 -29.93 22.68
C ALA H 1 -4.47 -29.51 21.21
N GLU H 2 -5.62 -29.45 20.53
CA GLU H 2 -5.64 -28.92 19.18
C GLU H 2 -6.16 -27.51 19.31
N GLU H 3 -5.33 -26.56 18.88
CA GLU H 3 -5.64 -25.12 19.08
C GLU H 3 -5.41 -24.32 17.81
N THR H 4 -6.41 -23.50 17.43
CA THR H 4 -6.20 -22.52 16.39
C THR H 4 -6.62 -21.14 16.80
N SER H 5 -5.82 -20.13 16.45
CA SER H 5 -6.31 -18.76 16.61
C SER H 5 -5.66 -17.75 15.68
N PHE H 6 -6.30 -16.60 15.65
CA PHE H 6 -5.85 -15.52 14.80
C PHE H 6 -6.38 -14.25 15.38
N VAL H 7 -5.64 -13.19 15.18
CA VAL H 7 -6.12 -11.87 15.55
C VAL H 7 -5.94 -10.95 14.34
N PHE H 8 -7.02 -10.32 13.88
CA PHE H 8 -6.91 -9.35 12.78
C PHE H 8 -7.32 -8.02 13.46
N SER H 9 -6.37 -7.16 13.84
CA SER H 9 -6.72 -5.84 14.40
C SER H 9 -7.24 -4.81 13.35
N LYS H 10 -6.99 -5.14 12.07
CA LYS H 10 -7.48 -4.49 10.85
C LYS H 10 -7.44 -5.49 9.68
N PHE H 11 -8.04 -5.13 8.55
CA PHE H 11 -8.05 -6.02 7.38
C PHE H 11 -7.20 -5.41 6.27
N LYS H 12 -6.96 -6.17 5.23
CA LYS H 12 -6.01 -5.78 4.21
C LYS H 12 -6.54 -6.16 2.86
N PRO H 13 -6.39 -5.24 1.88
CA PRO H 13 -6.81 -5.48 0.49
C PRO H 13 -6.33 -6.84 -0.04
N LEU H 14 -5.08 -7.20 0.24
CA LEU H 14 -4.61 -8.59 0.11
C LEU H 14 -4.81 -9.34 1.47
N GLU H 15 -5.87 -10.13 1.61
CA GLU H 15 -6.05 -10.99 2.80
C GLU H 15 -6.26 -12.45 2.42
N PRO H 16 -5.17 -13.16 2.13
CA PRO H 16 -5.15 -14.58 1.73
C PRO H 16 -5.60 -15.56 2.83
N ASN H 17 -5.48 -15.18 4.11
CA ASN H 17 -6.04 -16.00 5.21
C ASN H 17 -7.56 -15.80 5.44
N LEU H 18 -8.15 -14.95 4.60
CA LEU H 18 -9.60 -14.73 4.61
C LEU H 18 -10.20 -15.10 3.25
N ILE H 19 -11.15 -16.02 3.22
CA ILE H 19 -11.94 -16.32 2.00
C ILE H 19 -13.22 -15.45 1.94
N LEU H 20 -13.17 -14.41 1.11
CA LEU H 20 -14.33 -13.54 0.81
C LEU H 20 -15.25 -14.27 -0.17
N GLN H 21 -16.55 -14.24 0.11
CA GLN H 21 -17.58 -14.89 -0.66
C GLN H 21 -18.63 -13.80 -0.87
N GLY H 22 -19.34 -13.82 -2.02
CA GLY H 22 -20.44 -12.88 -2.30
C GLY H 22 -19.93 -11.46 -2.53
N ASP H 23 -20.68 -10.43 -2.14
CA ASP H 23 -20.24 -9.06 -2.41
C ASP H 23 -19.17 -8.55 -1.43
N ALA H 24 -18.73 -9.37 -0.48
CA ALA H 24 -17.78 -8.88 0.54
C ALA H 24 -16.45 -8.41 0.00
N LEU H 25 -15.91 -7.36 0.63
CA LEU H 25 -14.57 -6.86 0.28
C LEU H 25 -13.86 -6.15 1.40
N VAL H 26 -12.54 -5.97 1.26
CA VAL H 26 -11.86 -5.13 2.21
C VAL H 26 -11.41 -3.80 1.64
N THR H 27 -11.89 -2.70 2.20
CA THR H 27 -11.55 -1.39 1.66
C THR H 27 -10.11 -1.00 1.88
N VAL H 28 -9.69 0.04 1.16
CA VAL H 28 -8.34 0.53 1.34
C VAL H 28 -8.23 1.07 2.79
N ALA H 29 -9.35 1.45 3.40
CA ALA H 29 -9.46 1.80 4.83
C ALA H 29 -9.06 0.67 5.78
N GLY H 30 -9.06 -0.59 5.30
CA GLY H 30 -8.82 -1.80 6.12
C GLY H 30 -10.06 -2.33 6.82
N VAL H 31 -11.22 -1.87 6.37
CA VAL H 31 -12.55 -2.22 6.90
C VAL H 31 -13.06 -3.37 6.03
N LEU H 32 -13.63 -4.39 6.67
CA LEU H 32 -14.27 -5.51 5.99
C LEU H 32 -15.74 -5.17 5.75
N GLN H 33 -16.08 -4.91 4.48
CA GLN H 33 -17.41 -4.50 4.06
C GLN H 33 -18.09 -5.79 3.68
N LEU H 34 -18.86 -6.39 4.58
CA LEU H 34 -19.57 -7.60 4.16
C LEU H 34 -20.55 -7.33 3.02
N THR H 35 -21.10 -6.12 3.03
CA THR H 35 -22.20 -5.70 2.15
C THR H 35 -21.79 -4.54 1.23
N ASN H 36 -22.41 -4.39 0.05
CA ASN H 36 -22.09 -3.21 -0.85
C ASN H 36 -22.40 -1.85 -0.25
N VAL H 37 -21.43 -0.97 -0.35
CA VAL H 37 -21.57 0.42 0.07
C VAL H 37 -20.92 1.22 -1.06
N ASP H 38 -21.69 2.04 -1.78
CA ASP H 38 -21.17 2.88 -2.89
C ASP H 38 -20.00 3.83 -2.52
N SER H 39 -19.74 4.84 -3.33
CA SER H 39 -18.59 5.67 -3.05
C SER H 39 -18.86 6.79 -2.03
N ASN H 40 -20.14 7.10 -1.82
CA ASN H 40 -20.56 8.18 -0.92
C ASN H 40 -20.82 7.72 0.53
N GLY H 41 -20.81 6.39 0.72
CA GLY H 41 -21.09 5.74 2.02
C GLY H 41 -22.44 5.04 2.10
N VAL H 42 -23.27 5.28 1.08
CA VAL H 42 -24.64 4.80 1.03
C VAL H 42 -24.59 3.29 0.83
N PRO H 43 -25.30 2.52 1.68
CA PRO H 43 -25.35 1.09 1.41
C PRO H 43 -26.39 0.74 0.38
N GLU H 44 -26.21 -0.41 -0.25
CA GLU H 44 -27.00 -0.82 -1.42
C GLU H 44 -27.85 -1.99 -1.04
N PRO H 45 -29.00 -2.18 -1.75
CA PRO H 45 -29.93 -3.29 -1.54
C PRO H 45 -29.56 -4.52 -2.33
N SER H 46 -30.36 -5.59 -2.22
CA SER H 46 -30.10 -6.96 -2.74
C SER H 46 -28.62 -7.45 -2.65
N SER H 47 -28.02 -7.24 -1.48
CA SER H 47 -26.59 -7.57 -1.23
C SER H 47 -26.36 -8.71 -0.19
N LEU H 48 -25.27 -9.47 -0.34
CA LEU H 48 -24.95 -10.62 0.52
C LEU H 48 -23.44 -10.89 0.54
N GLY H 49 -22.82 -10.86 1.71
CA GLY H 49 -21.37 -11.03 1.83
C GLY H 49 -21.02 -11.94 2.97
N ARG H 50 -19.94 -12.70 2.82
CA ARG H 50 -19.45 -13.57 3.89
C ARG H 50 -17.94 -13.53 3.94
N ALA H 51 -17.40 -13.60 5.15
CA ALA H 51 -15.96 -13.69 5.30
C ALA H 51 -15.63 -14.86 6.23
N THR H 52 -14.58 -15.58 5.92
CA THR H 52 -14.39 -16.83 6.60
C THR H 52 -12.91 -17.00 6.73
N TYR H 53 -12.42 -17.46 7.88
CA TYR H 53 -10.97 -17.78 8.04
C TYR H 53 -10.59 -18.94 7.14
N SER H 54 -9.42 -18.90 6.57
CA SER H 54 -9.18 -19.88 5.51
C SER H 54 -8.85 -21.27 6.01
N ALA H 55 -8.44 -21.43 7.27
CA ALA H 55 -8.07 -22.75 7.79
C ALA H 55 -9.20 -23.32 8.58
N PRO H 56 -9.53 -24.58 8.30
CA PRO H 56 -10.55 -25.24 9.09
C PRO H 56 -10.11 -25.33 10.54
N ILE H 57 -11.10 -25.26 11.45
CA ILE H 57 -11.01 -25.50 12.87
C ILE H 57 -11.67 -26.85 13.20
N ASN H 58 -10.98 -27.71 13.95
CA ASN H 58 -11.57 -28.86 14.61
C ASN H 58 -12.38 -28.40 15.85
N ILE H 59 -13.71 -28.43 15.82
CA ILE H 59 -14.43 -28.10 17.08
C ILE H 59 -14.90 -29.29 17.92
N TRP H 60 -14.81 -30.50 17.38
CA TRP H 60 -15.05 -31.72 18.16
C TRP H 60 -14.44 -32.94 17.47
N ASP H 61 -14.42 -34.09 18.17
CA ASP H 61 -13.62 -35.29 17.83
C ASP H 61 -14.40 -36.56 18.15
N SER H 62 -14.46 -37.50 17.21
CA SER H 62 -15.30 -38.70 17.42
C SER H 62 -14.66 -39.80 18.19
N ALA H 63 -13.36 -40.07 17.96
CA ALA H 63 -12.59 -41.01 18.81
C ALA H 63 -12.69 -40.65 20.31
N THR H 64 -12.36 -39.40 20.67
CA THR H 64 -12.41 -38.99 22.09
C THR H 64 -13.81 -38.59 22.53
N GLY H 65 -14.55 -37.92 21.63
CA GLY H 65 -15.87 -37.38 21.96
C GLY H 65 -15.80 -35.98 22.54
N LEU H 66 -14.60 -35.46 22.73
CA LEU H 66 -14.43 -34.12 23.31
C LEU H 66 -14.84 -33.04 22.29
N VAL H 67 -15.24 -31.89 22.83
CA VAL H 67 -15.75 -30.77 22.02
C VAL H 67 -14.89 -29.56 22.38
N ALA H 68 -14.60 -28.73 21.40
CA ALA H 68 -13.76 -27.58 21.63
C ALA H 68 -14.46 -26.55 22.52
N SER H 69 -13.66 -25.77 23.22
CA SER H 69 -14.14 -24.48 23.62
C SER H 69 -13.53 -23.47 22.65
N PHE H 70 -14.20 -22.34 22.52
CA PHE H 70 -13.65 -21.23 21.79
C PHE H 70 -14.15 -19.89 22.33
N ALA H 71 -13.62 -18.82 21.75
CA ALA H 71 -13.92 -17.45 22.17
C ALA H 71 -13.62 -16.56 21.01
N THR H 72 -14.55 -15.69 20.72
CA THR H 72 -14.34 -14.76 19.63
C THR H 72 -14.74 -13.30 19.96
N SER H 73 -13.81 -12.39 19.75
CA SER H 73 -14.05 -10.97 19.91
C SER H 73 -14.18 -10.26 18.55
N PHE H 74 -15.02 -9.23 18.46
CA PHE H 74 -15.06 -8.40 17.24
C PHE H 74 -15.80 -7.06 17.38
N ARG H 75 -15.43 -6.12 16.51
CA ARG H 75 -15.92 -4.75 16.52
C ARG H 75 -16.56 -4.55 15.15
N PHE H 76 -17.85 -4.20 15.12
CA PHE H 76 -18.55 -3.91 13.87
C PHE H 76 -19.48 -2.69 13.91
N THR H 77 -19.66 -2.08 12.75
CA THR H 77 -20.48 -0.90 12.57
C THR H 77 -21.57 -1.14 11.57
N ILE H 78 -22.80 -0.89 11.99
CA ILE H 78 -23.92 -0.82 11.10
C ILE H 78 -24.37 0.62 10.97
N TYR H 79 -24.32 1.13 9.72
CA TYR H 79 -24.80 2.47 9.41
C TYR H 79 -26.04 2.38 8.58
N ALA H 80 -27.04 3.17 8.95
CA ALA H 80 -28.29 3.22 8.22
C ALA H 80 -28.67 4.67 7.94
N PRO H 81 -28.84 5.02 6.66
CA PRO H 81 -29.11 6.42 6.28
C PRO H 81 -30.52 6.85 6.74
N ASN H 82 -31.42 5.88 6.81
CA ASN H 82 -32.75 6.08 7.37
C ASN H 82 -33.06 4.97 8.36
N ILE H 83 -32.92 5.28 9.63
CA ILE H 83 -33.04 4.26 10.67
C ILE H 83 -34.45 3.59 10.75
N ALA H 84 -35.41 4.03 9.92
CA ALA H 84 -36.78 3.50 9.97
C ALA H 84 -37.03 2.40 8.97
N THR H 85 -36.09 2.21 8.06
CA THR H 85 -36.20 1.17 7.02
C THR H 85 -34.81 0.50 6.90
N ILE H 86 -34.66 -0.69 7.50
CA ILE H 86 -33.34 -1.32 7.72
C ILE H 86 -33.40 -2.84 7.79
N ALA H 87 -32.45 -3.51 7.16
CA ALA H 87 -32.45 -4.95 7.05
C ALA H 87 -31.06 -5.38 6.57
N ASP H 88 -30.70 -6.66 6.73
CA ASP H 88 -31.44 -7.62 7.53
C ASP H 88 -30.62 -8.03 8.75
N GLY H 89 -29.28 -7.93 8.61
CA GLY H 89 -28.39 -8.23 9.70
C GLY H 89 -27.04 -8.79 9.36
N LEU H 90 -26.24 -9.06 10.39
CA LEU H 90 -24.96 -9.75 10.26
C LEU H 90 -24.99 -10.91 11.25
N ALA H 91 -24.05 -11.85 11.07
CA ALA H 91 -24.02 -13.02 11.94
C ALA H 91 -22.61 -13.50 12.03
N PHE H 92 -22.24 -13.98 13.21
CA PHE H 92 -21.03 -14.73 13.31
C PHE H 92 -21.43 -16.20 13.11
N PHE H 93 -20.60 -17.02 12.47
CA PHE H 93 -21.06 -18.41 12.32
C PHE H 93 -19.97 -19.47 12.23
N LEU H 94 -20.42 -20.70 12.47
CA LEU H 94 -19.70 -21.94 12.20
C LEU H 94 -20.53 -22.79 11.20
N ALA H 95 -19.87 -23.31 10.15
CA ALA H 95 -20.49 -24.18 9.14
C ALA H 95 -19.47 -25.13 8.50
N PRO H 96 -19.94 -26.16 7.74
CA PRO H 96 -19.03 -27.16 7.14
C PRO H 96 -17.95 -26.54 6.26
N VAL H 97 -16.78 -27.14 6.24
CA VAL H 97 -15.68 -26.59 5.48
C VAL H 97 -16.09 -26.08 4.10
N ALA H 98 -16.91 -26.87 3.39
CA ALA H 98 -17.27 -26.58 1.99
C ALA H 98 -18.39 -25.55 1.85
N SER H 99 -19.08 -25.24 2.96
CA SER H 99 -20.29 -24.39 2.94
C SER H 99 -20.15 -23.15 2.05
N ALA H 100 -21.26 -22.84 1.38
CA ALA H 100 -21.32 -21.70 0.50
C ALA H 100 -22.48 -20.83 0.97
N PRO H 101 -22.52 -19.56 0.54
CA PRO H 101 -23.68 -18.73 0.84
C PRO H 101 -25.05 -19.29 0.31
N ASP H 102 -26.04 -19.31 1.22
CA ASP H 102 -27.42 -19.72 0.98
C ASP H 102 -28.20 -18.46 0.66
N SER H 103 -29.50 -18.37 0.92
CA SER H 103 -30.18 -17.13 0.50
C SER H 103 -29.80 -15.87 1.28
N GLY H 104 -30.11 -14.71 0.68
CA GLY H 104 -30.04 -13.37 1.29
C GLY H 104 -31.29 -12.95 2.06
N GLY H 105 -31.57 -11.65 2.14
CA GLY H 105 -32.64 -11.11 3.01
C GLY H 105 -32.46 -11.60 4.46
N GLY H 106 -33.57 -11.87 5.13
CA GLY H 106 -33.56 -12.47 6.49
C GLY H 106 -32.99 -13.87 6.62
N PHE H 107 -32.43 -14.42 5.56
CA PHE H 107 -31.78 -15.73 5.64
C PHE H 107 -30.35 -15.52 6.08
N LEU H 108 -29.86 -14.29 5.93
CA LEU H 108 -28.53 -13.89 6.40
C LEU H 108 -27.43 -14.73 5.80
N GLY H 109 -27.71 -15.39 4.68
CA GLY H 109 -26.68 -16.08 3.91
C GLY H 109 -26.37 -17.45 4.48
N LEU H 110 -27.26 -17.93 5.33
CA LEU H 110 -26.97 -19.08 6.14
C LEU H 110 -27.98 -20.18 6.01
N PHE H 111 -29.18 -19.87 5.55
CA PHE H 111 -30.22 -20.89 5.37
C PHE H 111 -30.92 -20.65 4.04
N ASP H 112 -31.72 -21.62 3.59
CA ASP H 112 -32.54 -21.52 2.36
C ASP H 112 -34.05 -21.32 2.62
N SER H 113 -34.47 -21.30 3.88
CA SER H 113 -35.86 -21.61 4.20
C SER H 113 -36.22 -21.22 5.65
N ALA H 114 -37.53 -21.21 5.96
CA ALA H 114 -38.02 -21.04 7.31
C ALA H 114 -37.69 -22.24 8.19
N VAL H 115 -37.72 -23.45 7.60
CA VAL H 115 -37.74 -24.70 8.36
C VAL H 115 -36.35 -25.14 8.85
N GLY H 116 -36.31 -25.67 10.08
CA GLY H 116 -35.17 -26.38 10.62
C GLY H 116 -34.77 -27.51 9.67
N ASP H 117 -33.49 -27.54 9.33
CA ASP H 117 -32.95 -28.66 8.60
C ASP H 117 -31.59 -29.01 9.21
N THR H 118 -31.56 -30.25 9.68
CA THR H 118 -30.49 -30.83 10.47
C THR H 118 -29.17 -30.80 9.70
N THR H 119 -29.30 -30.72 8.37
CA THR H 119 -28.23 -30.79 7.39
C THR H 119 -27.49 -29.45 7.24
N TYR H 120 -28.10 -28.35 7.65
CA TYR H 120 -27.39 -27.07 7.54
C TYR H 120 -25.99 -27.18 8.19
N GLN H 121 -25.92 -28.01 9.23
CA GLN H 121 -24.79 -28.05 10.15
C GLN H 121 -24.25 -26.67 10.51
N THR H 122 -25.17 -25.79 10.88
CA THR H 122 -24.86 -24.40 11.16
C THR H 122 -25.31 -23.93 12.56
N VAL H 123 -24.40 -23.22 13.22
CA VAL H 123 -24.72 -22.46 14.44
C VAL H 123 -24.31 -21.02 14.14
N ALA H 124 -25.21 -20.07 14.38
CA ALA H 124 -24.85 -18.67 14.21
C ALA H 124 -25.34 -17.89 15.38
N VAL H 125 -24.60 -16.82 15.68
CA VAL H 125 -25.11 -15.76 16.53
C VAL H 125 -25.47 -14.64 15.57
N GLU H 126 -26.77 -14.40 15.41
CA GLU H 126 -27.30 -13.35 14.55
C GLU H 126 -27.51 -12.02 15.26
N PHE H 127 -27.25 -10.94 14.51
CA PHE H 127 -27.48 -9.57 14.95
C PHE H 127 -28.47 -9.06 13.93
N ASP H 128 -29.73 -9.04 14.33
CA ASP H 128 -30.82 -9.13 13.37
C ASP H 128 -31.70 -7.87 13.37
N THR H 129 -31.71 -7.15 12.25
CA THR H 129 -32.15 -5.77 12.25
C THR H 129 -33.54 -5.49 11.71
N TYR H 130 -34.21 -6.54 11.24
CA TYR H 130 -35.51 -6.46 10.62
C TYR H 130 -36.37 -7.71 10.91
N GLU H 131 -37.61 -7.47 11.29
CA GLU H 131 -38.50 -8.49 11.80
C GLU H 131 -39.18 -9.29 10.70
N ASN H 132 -38.83 -10.56 10.60
CA ASN H 132 -39.47 -11.46 9.64
C ASN H 132 -40.43 -12.34 10.40
N THR H 133 -41.71 -11.98 10.25
CA THR H 133 -42.80 -12.61 10.98
C THR H 133 -42.83 -14.10 10.59
N VAL H 134 -42.57 -14.32 9.31
CA VAL H 134 -42.29 -15.62 8.72
C VAL H 134 -41.20 -16.44 9.52
N PHE H 135 -40.36 -15.79 10.34
CA PHE H 135 -39.30 -16.50 11.08
C PHE H 135 -39.53 -16.61 12.57
N THR H 136 -40.64 -16.04 13.05
CA THR H 136 -40.95 -15.93 14.48
C THR H 136 -40.10 -14.81 15.13
N ASP H 137 -39.51 -13.94 14.29
CA ASP H 137 -38.77 -12.79 14.81
C ASP H 137 -39.53 -12.00 15.90
N PRO H 138 -38.83 -11.63 16.97
CA PRO H 138 -39.40 -10.76 17.99
C PRO H 138 -39.73 -9.39 17.39
N PRO H 139 -40.70 -8.68 17.98
CA PRO H 139 -41.11 -7.39 17.40
C PRO H 139 -40.08 -6.27 17.57
N TYR H 140 -38.83 -6.63 17.85
CA TYR H 140 -37.76 -5.66 17.98
C TYR H 140 -36.46 -6.28 17.41
N THR H 141 -35.45 -5.43 17.19
CA THR H 141 -34.15 -5.91 16.73
C THR H 141 -33.48 -6.69 17.85
N HIS H 142 -32.93 -7.84 17.52
CA HIS H 142 -32.49 -8.79 18.52
C HIS H 142 -31.20 -9.42 18.20
N ILE H 143 -30.63 -10.04 19.21
CA ILE H 143 -29.52 -11.00 19.10
C ILE H 143 -30.19 -12.38 19.18
N GLY H 144 -29.72 -13.33 18.38
CA GLY H 144 -30.39 -14.65 18.29
C GLY H 144 -29.40 -15.78 18.14
N PHE H 145 -29.71 -16.94 18.73
CA PHE H 145 -28.87 -18.14 18.51
C PHE H 145 -29.53 -19.02 17.48
N ASP H 146 -28.83 -19.27 16.40
CA ASP H 146 -29.39 -19.97 15.23
C ASP H 146 -28.74 -21.34 15.11
N VAL H 147 -29.56 -22.38 15.26
CA VAL H 147 -29.08 -23.73 15.31
C VAL H 147 -29.74 -24.57 14.21
N ASN H 148 -29.11 -24.68 13.05
CA ASN H 148 -29.71 -25.36 11.88
C ASN H 148 -31.06 -24.80 11.46
N SER H 149 -31.25 -23.51 11.74
CA SER H 149 -32.47 -22.78 11.42
C SER H 149 -32.34 -21.31 11.66
N ILE H 150 -33.07 -20.54 10.86
CA ILE H 150 -33.14 -19.08 10.99
C ILE H 150 -34.12 -18.67 12.08
N SER H 151 -34.89 -19.65 12.55
CA SER H 151 -35.80 -19.48 13.67
C SER H 151 -35.03 -19.64 14.97
N SER H 152 -34.44 -18.54 15.42
CA SER H 152 -33.61 -18.53 16.62
C SER H 152 -34.16 -19.42 17.74
N ILE H 153 -33.29 -20.15 18.43
CA ILE H 153 -33.73 -20.95 19.59
C ILE H 153 -33.92 -20.07 20.82
N LYS H 154 -33.39 -18.85 20.76
CA LYS H 154 -33.50 -17.87 21.84
C LYS H 154 -33.01 -16.54 21.32
N THR H 155 -33.54 -15.45 21.86
CA THR H 155 -33.19 -14.10 21.45
C THR H 155 -33.22 -13.13 22.66
N VAL H 156 -32.63 -11.95 22.51
CA VAL H 156 -32.85 -10.83 23.44
C VAL H 156 -32.88 -9.52 22.63
N LYS H 157 -33.58 -8.53 23.16
CA LYS H 157 -33.51 -7.17 22.63
C LYS H 157 -32.08 -6.73 22.55
N TRP H 158 -31.78 -6.06 21.44
CA TRP H 158 -30.55 -5.38 21.18
C TRP H 158 -31.00 -4.08 20.60
N SER H 159 -30.67 -2.95 21.21
CA SER H 159 -31.04 -1.66 20.62
C SER H 159 -29.86 -1.15 19.78
N LEU H 160 -30.08 -1.11 18.47
CA LEU H 160 -29.06 -0.63 17.56
C LEU H 160 -28.75 0.85 17.86
N ALA H 161 -27.45 1.17 17.87
CA ALA H 161 -26.98 2.55 17.90
C ALA H 161 -26.34 2.90 16.52
N ASN H 162 -27.11 3.65 15.73
CA ASN H 162 -26.79 3.99 14.33
C ASN H 162 -25.35 4.39 14.09
N GLY H 163 -24.71 3.62 13.20
CA GLY H 163 -23.35 3.90 12.79
C GLY H 163 -22.33 4.03 13.91
N GLU H 164 -22.66 3.58 15.13
CA GLU H 164 -21.67 3.49 16.25
C GLU H 164 -20.97 2.16 16.21
N ALA H 165 -19.74 2.08 16.74
CA ALA H 165 -18.98 0.79 16.84
C ALA H 165 -19.52 -0.17 17.91
N ALA H 166 -19.69 -1.45 17.54
CA ALA H 166 -20.15 -2.45 18.51
C ALA H 166 -19.06 -3.44 18.79
N LYS H 167 -18.82 -3.68 20.07
CA LYS H 167 -17.89 -4.72 20.51
C LYS H 167 -18.65 -5.96 20.97
N VAL H 168 -18.22 -7.10 20.46
CA VAL H 168 -18.89 -8.37 20.68
C VAL H 168 -17.89 -9.40 21.22
N LEU H 169 -18.32 -10.14 22.22
CA LEU H 169 -17.62 -11.29 22.74
C LEU H 169 -18.60 -12.41 22.67
N ILE H 170 -18.23 -13.48 21.98
CA ILE H 170 -19.02 -14.70 21.94
C ILE H 170 -18.17 -15.84 22.43
N THR H 171 -18.75 -16.68 23.24
CA THR H 171 -17.96 -17.54 24.06
C THR H 171 -18.67 -18.87 24.13
N TYR H 172 -17.93 -19.96 24.04
CA TYR H 172 -18.55 -21.30 24.18
C TYR H 172 -17.75 -22.24 25.09
N ASN H 173 -18.34 -22.59 26.23
CA ASN H 173 -17.70 -23.45 27.24
C ASN H 173 -18.07 -24.91 27.03
N SER H 174 -17.18 -25.68 26.40
CA SER H 174 -17.44 -27.11 26.13
C SER H 174 -17.84 -27.95 27.34
N ALA H 175 -17.29 -27.67 28.53
CA ALA H 175 -17.73 -28.36 29.76
C ALA H 175 -19.26 -28.19 30.01
N VAL H 176 -19.78 -26.96 29.93
CA VAL H 176 -21.19 -26.71 30.24
C VAL H 176 -22.05 -26.58 28.99
N LYS H 177 -21.43 -26.72 27.83
CA LYS H 177 -22.12 -26.54 26.56
C LYS H 177 -22.89 -25.21 26.51
N LEU H 178 -22.44 -24.24 27.31
CA LEU H 178 -23.06 -22.91 27.34
C LEU H 178 -22.57 -21.96 26.24
N LEU H 179 -23.49 -21.33 25.53
CA LEU H 179 -23.10 -20.34 24.49
C LEU H 179 -23.51 -18.98 25.00
N VAL H 180 -22.58 -18.03 24.96
CA VAL H 180 -22.83 -16.69 25.49
C VAL H 180 -22.37 -15.63 24.46
N ALA H 181 -23.26 -14.68 24.18
CA ALA H 181 -22.97 -13.52 23.32
C ALA H 181 -23.28 -12.23 24.05
N SER H 182 -22.32 -11.32 24.03
CA SER H 182 -22.55 -9.98 24.62
C SER H 182 -22.18 -8.88 23.60
N LEU H 183 -22.82 -7.74 23.75
CA LEU H 183 -22.56 -6.61 22.88
C LEU H 183 -22.61 -5.34 23.73
N VAL H 184 -21.56 -4.56 23.55
CA VAL H 184 -21.38 -3.29 24.20
C VAL H 184 -21.08 -2.24 23.09
N TYR H 185 -21.60 -1.02 23.27
CA TYR H 185 -21.23 0.18 22.47
C TYR H 185 -20.45 1.14 23.40
N PRO H 186 -19.13 1.25 23.23
CA PRO H 186 -18.39 2.03 24.24
C PRO H 186 -18.79 3.48 24.26
N SER H 187 -19.13 4.01 23.10
CA SER H 187 -19.82 5.29 23.02
C SER H 187 -21.24 4.99 23.48
N SER H 188 -21.83 5.80 24.33
CA SER H 188 -23.22 5.50 24.74
C SER H 188 -23.47 4.40 25.82
N LYS H 189 -22.60 3.40 25.98
CA LYS H 189 -22.62 2.56 27.22
C LYS H 189 -23.82 1.58 27.42
N THR H 190 -24.54 1.28 26.35
CA THR H 190 -25.53 0.24 26.35
C THR H 190 -24.91 -1.15 26.22
N SER H 191 -25.64 -2.16 26.65
CA SER H 191 -25.06 -3.40 27.02
C SER H 191 -26.11 -4.43 26.74
N PHE H 192 -25.74 -5.58 26.14
CA PHE H 192 -26.74 -6.63 25.81
C PHE H 192 -26.12 -8.02 25.98
N ILE H 193 -26.91 -9.03 26.41
CA ILE H 193 -26.30 -10.33 26.67
C ILE H 193 -27.27 -11.46 26.46
N LEU H 194 -26.79 -12.61 25.99
CA LEU H 194 -27.67 -13.77 25.75
C LEU H 194 -26.95 -15.07 26.04
N ALA H 195 -27.63 -16.04 26.68
CA ALA H 195 -26.97 -17.32 26.97
C ALA H 195 -27.88 -18.53 26.83
N ASP H 196 -27.34 -19.68 26.42
CA ASP H 196 -28.16 -20.87 26.14
C ASP H 196 -27.29 -22.10 25.96
N ILE H 197 -27.84 -23.29 26.27
CA ILE H 197 -27.19 -24.58 26.01
C ILE H 197 -27.37 -25.00 24.54
N VAL H 198 -26.25 -25.26 23.89
CA VAL H 198 -26.21 -25.75 22.52
C VAL H 198 -25.32 -27.00 22.42
N ASP H 199 -25.88 -28.07 21.86
CA ASP H 199 -25.16 -29.33 21.76
C ASP H 199 -24.38 -29.33 20.47
N LEU H 200 -23.24 -28.63 20.46
CA LEU H 200 -22.46 -28.57 19.22
C LEU H 200 -22.13 -29.95 18.58
N SER H 201 -21.92 -30.97 19.42
CA SER H 201 -21.54 -32.33 18.98
C SER H 201 -22.53 -32.94 17.99
N SER H 202 -23.78 -32.51 18.07
CA SER H 202 -24.88 -33.06 17.26
C SER H 202 -25.33 -32.19 16.07
N VAL H 203 -24.61 -31.12 15.80
CA VAL H 203 -25.22 -30.02 15.11
C VAL H 203 -24.24 -29.30 14.15
N LEU H 204 -23.10 -29.96 13.90
CA LEU H 204 -21.87 -29.36 13.37
C LEU H 204 -20.90 -30.51 13.05
N PRO H 205 -20.16 -30.45 11.94
CA PRO H 205 -19.16 -31.49 11.67
C PRO H 205 -17.95 -31.36 12.54
N GLU H 206 -17.15 -32.40 12.61
CA GLU H 206 -15.89 -32.33 13.31
C GLU H 206 -15.07 -31.08 12.91
N TRP H 207 -15.15 -30.73 11.63
CA TRP H 207 -14.37 -29.61 11.09
C TRP H 207 -15.26 -28.54 10.53
N VAL H 208 -14.99 -27.30 10.93
CA VAL H 208 -15.80 -26.21 10.51
C VAL H 208 -14.93 -25.12 9.99
N ARG H 209 -15.59 -24.17 9.32
CA ARG H 209 -14.99 -22.91 9.03
C ARG H 209 -15.78 -21.84 9.73
N VAL H 210 -15.10 -20.74 10.05
CA VAL H 210 -15.79 -19.72 10.84
C VAL H 210 -15.68 -18.31 10.29
N GLY H 211 -16.75 -17.54 10.49
CA GLY H 211 -16.70 -16.10 10.26
C GLY H 211 -18.03 -15.37 10.30
N PHE H 212 -18.16 -14.39 9.41
CA PHE H 212 -19.34 -13.58 9.28
C PHE H 212 -20.10 -13.82 7.97
N SER H 213 -21.41 -13.67 8.00
CA SER H 213 -22.21 -13.51 6.81
C SER H 213 -23.21 -12.39 7.12
N ALA H 214 -23.51 -11.59 6.09
CA ALA H 214 -24.40 -10.43 6.22
C ALA H 214 -25.17 -10.16 4.92
N ALA H 215 -26.40 -9.63 5.07
CA ALA H 215 -27.34 -9.30 4.00
C ALA H 215 -28.01 -7.92 4.25
N THR H 216 -28.36 -7.23 3.15
CA THR H 216 -29.21 -6.02 3.17
C THR H 216 -30.55 -6.41 2.54
N GLY H 217 -31.62 -5.71 2.96
CA GLY H 217 -33.00 -5.97 2.44
C GLY H 217 -33.17 -6.19 0.94
N ALA H 218 -34.11 -7.04 0.59
CA ALA H 218 -34.51 -7.27 -0.80
C ALA H 218 -35.41 -6.14 -1.36
N SER H 219 -36.19 -5.50 -0.51
CA SER H 219 -37.01 -4.36 -0.92
C SER H 219 -36.21 -3.02 -1.00
N LYS H 220 -36.61 -2.14 -1.91
CA LYS H 220 -35.99 -0.82 -2.05
C LYS H 220 -35.90 -0.03 -0.73
N GLY H 221 -34.75 0.53 -0.46
CA GLY H 221 -34.61 1.36 0.73
C GLY H 221 -34.38 0.62 2.05
N TYR H 222 -34.47 -0.71 2.09
CA TYR H 222 -34.19 -1.40 3.35
C TYR H 222 -32.71 -1.74 3.39
N ILE H 223 -31.91 -0.71 3.67
CA ILE H 223 -30.45 -0.74 3.52
C ILE H 223 -29.67 -0.40 4.81
N GLU H 224 -28.49 -0.99 4.97
CA GLU H 224 -27.58 -0.61 6.04
C GLU H 224 -26.21 -1.20 5.71
N THR H 225 -25.15 -0.63 6.31
CA THR H 225 -23.79 -1.17 6.16
C THR H 225 -23.68 -2.37 7.11
N HIS H 226 -22.68 -3.23 6.89
CA HIS H 226 -22.31 -4.27 7.83
C HIS H 226 -20.83 -4.40 7.77
N ASP H 227 -20.19 -3.40 8.37
CA ASP H 227 -18.75 -3.24 8.35
C ASP H 227 -18.04 -3.84 9.58
N VAL H 228 -17.04 -4.70 9.36
CA VAL H 228 -16.27 -5.29 10.45
C VAL H 228 -14.87 -4.64 10.54
N PHE H 229 -14.47 -4.17 11.74
CA PHE H 229 -13.17 -3.52 11.89
C PHE H 229 -12.05 -4.41 12.44
N SER H 230 -12.38 -5.46 13.18
CA SER H 230 -11.34 -6.30 13.77
C SER H 230 -11.99 -7.54 14.36
N TRP H 231 -11.19 -8.57 14.62
CA TRP H 231 -11.66 -9.97 14.83
C TRP H 231 -10.54 -10.79 15.43
N SER H 232 -10.79 -11.38 16.57
CA SER H 232 -9.94 -12.42 17.04
C SER H 232 -10.73 -13.69 17.35
N PHE H 233 -10.03 -14.83 17.30
CA PHE H 233 -10.66 -16.14 17.54
C PHE H 233 -9.63 -17.00 18.22
N ALA H 234 -10.06 -17.81 19.17
CA ALA H 234 -9.19 -18.84 19.73
C ALA H 234 -10.01 -20.09 20.02
N SER H 235 -9.48 -21.25 19.72
CA SER H 235 -10.19 -22.48 20.15
C SER H 235 -9.26 -23.51 20.81
N LYS H 236 -9.84 -24.30 21.70
CA LYS H 236 -9.13 -25.38 22.40
C LYS H 236 -9.99 -26.64 22.43
N LEU H 237 -9.46 -27.74 21.89
CA LEU H 237 -10.11 -29.04 21.92
C LEU H 237 -9.18 -29.98 22.71
N ALA H 238 -9.61 -30.36 23.93
CA ALA H 238 -8.82 -31.18 24.85
C ALA H 238 -8.63 -32.62 24.35
N GLY H 239 -7.39 -33.13 24.49
CA GLY H 239 -7.01 -34.50 24.11
C GLY H 239 -7.14 -35.48 25.28
CA CA I . 25.87 -0.92 -48.10
MN MN J . 26.52 3.05 -46.44
N ABU K . -1.45 18.94 -41.18
CD ABU K . -0.87 19.32 -42.48
CB ABU K . 0.53 18.71 -42.79
CG ABU K . 1.50 18.82 -41.60
C ABU K . 2.92 18.40 -41.86
O ABU K . 3.00 17.65 -42.84
OXT ABU K . 3.94 18.76 -41.13
CA CA L . 35.92 14.42 -12.03
MN MN M . 33.65 11.25 -13.52
N ABU N . 2.42 13.43 -9.11
CD ABU N . 3.86 13.31 -8.88
CB ABU N . 4.73 13.30 -10.14
CG ABU N . 4.42 12.08 -10.99
C ABU N . 5.64 11.59 -11.75
O ABU N . 6.67 11.74 -11.13
OXT ABU N . 5.61 11.09 -12.89
CA CA O . -23.75 31.04 -3.05
MN MN P . -22.70 32.35 -6.82
N ABU Q . 8.73 30.71 -16.08
CD ABU Q . 8.51 29.36 -15.55
CB ABU Q . 7.23 28.70 -16.07
CG ABU Q . 6.15 28.75 -15.00
C ABU Q . 4.89 27.94 -15.24
O ABU Q . 4.81 26.74 -14.90
OXT ABU Q . 3.89 28.48 -15.70
C1 GOL R . 1.90 27.02 -3.23
O1 GOL R . 1.89 27.21 -4.64
C2 GOL R . 2.79 28.10 -2.65
O2 GOL R . 2.38 29.37 -3.16
C3 GOL R . 4.21 27.78 -3.07
O3 GOL R . 4.57 26.53 -2.45
CA CA S . -32.24 20.69 -41.46
MN MN T . -31.39 18.59 -37.68
N ABU U . -4.27 0.67 -36.23
CD ABU U . -3.26 1.64 -36.61
CB ABU U . -3.86 3.03 -36.72
CG ABU U . -3.12 4.00 -35.82
C ABU U . -2.15 4.87 -36.62
O ABU U . -0.94 4.88 -36.30
OXT ABU U . -2.60 5.55 -37.57
C1 GOL V . -12.40 24.86 -26.97
O1 GOL V . -12.57 25.28 -28.33
C2 GOL V . -12.84 25.97 -26.02
O2 GOL V . -13.03 27.20 -26.74
C3 GOL V . -14.15 25.61 -25.30
O3 GOL V . -14.15 24.27 -24.76
CA CA W . 23.41 -32.16 3.52
MN MN X . 23.77 -28.54 5.42
N ABU Y . 2.62 -13.21 -2.16
CD ABU Y . 2.01 -12.03 -1.57
CB ABU Y . 2.89 -11.47 -0.46
CG ABU Y . 4.31 -11.13 -0.90
C ABU Y . 4.58 -9.65 -1.03
O ABU Y . 5.79 -9.30 -1.07
OXT ABU Y . 3.61 -8.82 -1.10
CA CA Z . 32.78 -19.17 40.91
MN MN AA . 30.43 -21.95 39.21
C1 GOL BA . 13.54 -26.69 25.69
O1 GOL BA . 12.81 -27.11 24.54
C2 GOL BA . 13.58 -25.15 25.78
O2 GOL BA . 14.64 -24.63 24.97
C3 GOL BA . 12.23 -24.55 25.35
O3 GOL BA . 11.28 -25.63 25.20
CA CA CA . -27.11 -2.84 49.52
MN MN DA . -26.18 -1.57 45.81
CA CA EA . -34.86 -10.96 10.51
MN MN FA . -34.12 -13.07 13.99
N ABU GA . -9.14 -26.27 17.88
CD ABU GA . -9.47 -26.42 16.45
CB ABU GA . -8.32 -26.68 15.44
CG ABU GA . -7.32 -27.68 16.02
C ABU GA . -6.30 -28.24 15.02
O ABU GA . -6.41 -28.14 13.78
OXT ABU GA . -5.32 -28.87 15.50
#